data_3TZQ
#
_entry.id   3TZQ
#
_cell.length_a   69.670
_cell.length_b   122.070
_cell.length_c   125.290
_cell.angle_alpha   90.00
_cell.angle_beta   101.03
_cell.angle_gamma   90.00
#
_symmetry.space_group_name_H-M   'P 1 21 1'
#
loop_
_entity.id
_entity.type
_entity.pdbx_description
1 polymer 'Short-chain type dehydrogenase/reductase'
2 non-polymer GLYCEROL
3 non-polymer 1,2-ETHANEDIOL
4 non-polymer DI(HYDROXYETHYL)ETHER
5 water water
#
_entity_poly.entity_id   1
_entity_poly.type   'polypeptide(L)'
_entity_poly.pdbx_seq_one_letter_code
;GPGSMTAELENKVAIITGACGGIGLETSRVLARAGARVVLADLPETDLAGAAASVGRGAVHHVVDLTNEVSVRALIDFTI
DTFGRLDIVDNNAAHSDPADMLVTQMTVDVWDDTFTVNARGTMLMCKYAIPRLISAGGGAIVNISSATAHAAYDMSTAYA
CTKAAIETLTRYVATQYGRHGVRCNAIAPGLVRTPRLEVGLPQPIVDIFATHHLAGRIGEPHEIAELVCFLASDRAAFIT
GQVIAADSGLLAHLPGLPQIRASVAELQSQP
;
_entity_poly.pdbx_strand_id   B,A,D,C,F,E,H,G
#
# COMPACT_ATOMS: atom_id res chain seq x y z
N ALA A 7 28.79 -25.67 -23.39
CA ALA A 7 28.22 -25.02 -22.18
C ALA A 7 27.84 -23.58 -22.51
N GLU A 8 26.57 -23.37 -22.88
CA GLU A 8 26.07 -22.09 -23.42
C GLU A 8 26.41 -20.88 -22.51
N LEU A 9 26.48 -21.10 -21.20
CA LEU A 9 26.85 -20.03 -20.25
C LEU A 9 28.03 -20.43 -19.34
N GLU A 10 28.96 -21.24 -19.84
CA GLU A 10 30.12 -21.65 -19.04
C GLU A 10 30.77 -20.42 -18.45
N ASN A 11 31.18 -20.52 -17.19
CA ASN A 11 31.92 -19.45 -16.50
C ASN A 11 31.16 -18.19 -16.07
N LYS A 12 29.91 -18.03 -16.51
CA LYS A 12 29.13 -16.83 -16.16
C LYS A 12 28.58 -16.89 -14.74
N VAL A 13 28.49 -15.74 -14.06
CA VAL A 13 27.78 -15.63 -12.79
C VAL A 13 26.43 -14.99 -13.06
N ALA A 14 25.37 -15.62 -12.56
CA ALA A 14 23.98 -15.13 -12.75
C ALA A 14 23.28 -14.91 -11.43
N ILE A 15 22.44 -13.87 -11.37
CA ILE A 15 21.50 -13.68 -10.25
C ILE A 15 20.07 -13.87 -10.75
N ILE A 16 19.29 -14.73 -10.09
CA ILE A 16 17.85 -14.85 -10.40
C ILE A 16 17.03 -14.41 -9.21
N THR A 17 16.21 -13.38 -9.40
CA THR A 17 15.26 -12.96 -8.37
C THR A 17 13.96 -13.73 -8.48
N GLY A 18 13.18 -13.75 -7.41
CA GLY A 18 11.98 -14.59 -7.34
C GLY A 18 12.35 -16.04 -7.56
N ALA A 19 13.54 -16.42 -7.09
CA ALA A 19 14.14 -17.72 -7.42
C ALA A 19 13.39 -18.93 -6.82
N CYS A 20 12.49 -18.71 -5.86
CA CYS A 20 11.76 -19.83 -5.28
C CYS A 20 10.47 -20.14 -6.02
N GLY A 21 10.01 -19.17 -6.81
CA GLY A 21 8.83 -19.35 -7.66
C GLY A 21 9.01 -20.38 -8.75
N GLY A 22 7.88 -20.82 -9.30
CA GLY A 22 7.84 -21.77 -10.41
C GLY A 22 8.81 -21.42 -11.52
N ILE A 23 8.63 -20.26 -12.14
CA ILE A 23 9.50 -19.86 -13.23
C ILE A 23 10.89 -19.58 -12.74
N GLY A 24 11.03 -18.94 -11.58
CA GLY A 24 12.37 -18.58 -11.08
C GLY A 24 13.26 -19.78 -10.72
N LEU A 25 12.69 -20.75 -10.00
CA LEU A 25 13.41 -21.98 -9.69
C LEU A 25 13.79 -22.73 -10.98
N GLU A 26 12.85 -22.90 -11.90
CA GLU A 26 13.12 -23.72 -13.07
C GLU A 26 14.06 -22.98 -14.03
N THR A 27 14.05 -21.65 -14.03
CA THR A 27 15.09 -20.88 -14.74
C THR A 27 16.44 -21.09 -14.10
N SER A 28 16.48 -21.22 -12.77
CA SER A 28 17.73 -21.42 -12.04
C SER A 28 18.42 -22.74 -12.41
N ARG A 29 17.65 -23.81 -12.50
CA ARG A 29 18.18 -25.10 -12.93
C ARG A 29 18.82 -24.98 -14.28
N VAL A 30 18.05 -24.44 -15.24
CA VAL A 30 18.44 -24.40 -16.65
C VAL A 30 19.76 -23.65 -16.79
N LEU A 31 19.81 -22.43 -16.26
CA LEU A 31 21.04 -21.62 -16.30
C LEU A 31 22.20 -22.41 -15.67
N ALA A 32 21.98 -22.97 -14.49
CA ALA A 32 22.99 -23.82 -13.89
C ALA A 32 23.41 -24.96 -14.82
N ARG A 33 22.43 -25.63 -15.45
CA ARG A 33 22.73 -26.74 -16.38
C ARG A 33 23.56 -26.25 -17.56
N ALA A 34 23.35 -25.00 -17.96
CA ALA A 34 24.16 -24.32 -18.98
C ALA A 34 25.59 -23.97 -18.53
N GLY A 35 25.92 -24.16 -17.26
CA GLY A 35 27.26 -23.90 -16.79
C GLY A 35 27.45 -22.58 -16.06
N ALA A 36 26.35 -21.89 -15.77
CA ALA A 36 26.41 -20.66 -15.02
C ALA A 36 26.50 -20.96 -13.52
N ARG A 37 27.27 -20.14 -12.80
CA ARG A 37 27.21 -20.09 -11.35
C ARG A 37 26.07 -19.16 -10.90
N VAL A 38 25.04 -19.73 -10.28
CA VAL A 38 23.79 -18.99 -10.10
C VAL A 38 23.57 -18.58 -8.65
N VAL A 39 23.03 -17.38 -8.47
CA VAL A 39 22.66 -16.88 -7.17
C VAL A 39 21.15 -16.71 -7.16
N LEU A 40 20.49 -17.55 -6.35
CA LEU A 40 19.04 -17.49 -6.18
C LEU A 40 18.72 -16.46 -5.12
N ALA A 41 17.82 -15.54 -5.47
CA ALA A 41 17.40 -14.47 -4.59
C ALA A 41 15.89 -14.41 -4.47
N ASP A 42 15.41 -14.28 -3.25
CA ASP A 42 13.97 -14.14 -2.96
C ASP A 42 13.80 -13.63 -1.55
N LEU A 43 12.54 -13.53 -1.10
CA LEU A 43 12.19 -13.03 0.23
C LEU A 43 12.62 -14.00 1.32
N PRO A 44 12.96 -13.46 2.50
CA PRO A 44 13.51 -14.27 3.61
C PRO A 44 12.62 -15.43 4.10
N GLU A 45 11.31 -15.34 3.89
CA GLU A 45 10.39 -16.39 4.34
C GLU A 45 10.24 -17.53 3.33
N THR A 46 10.91 -17.42 2.18
CA THR A 46 10.91 -18.50 1.19
C THR A 46 12.07 -19.44 1.49
N ASP A 47 11.93 -20.70 1.07
CA ASP A 47 12.91 -21.76 1.33
C ASP A 47 14.04 -21.74 0.29
N LEU A 48 14.87 -20.71 0.39
CA LEU A 48 15.98 -20.49 -0.53
C LEU A 48 16.98 -21.64 -0.48
N ALA A 49 17.41 -22.05 0.71
CA ALA A 49 18.41 -23.12 0.81
C ALA A 49 17.95 -24.38 0.06
N GLY A 50 16.67 -24.73 0.17
CA GLY A 50 16.15 -25.93 -0.48
C GLY A 50 16.08 -25.81 -2.00
N ALA A 51 15.79 -24.61 -2.47
CA ALA A 51 15.80 -24.29 -3.89
C ALA A 51 17.24 -24.37 -4.41
N ALA A 52 18.15 -23.68 -3.73
CA ALA A 52 19.59 -23.80 -4.03
C ALA A 52 20.05 -25.26 -3.96
N ALA A 53 19.55 -26.03 -3.01
CA ALA A 53 19.96 -27.44 -2.91
C ALA A 53 19.50 -28.18 -4.15
N SER A 54 18.27 -27.92 -4.57
CA SER A 54 17.64 -28.68 -5.63
C SER A 54 18.28 -28.35 -6.98
N VAL A 55 18.84 -27.14 -7.08
CA VAL A 55 19.50 -26.73 -8.31
C VAL A 55 20.90 -27.32 -8.31
N GLY A 56 21.54 -27.35 -7.15
CA GLY A 56 22.91 -27.86 -7.03
C GLY A 56 23.88 -27.09 -7.90
N ARG A 57 24.86 -27.80 -8.46
CA ARG A 57 25.83 -27.22 -9.37
C ARG A 57 26.39 -25.89 -8.88
N GLY A 58 26.64 -25.81 -7.58
CA GLY A 58 27.29 -24.65 -6.98
C GLY A 58 26.41 -23.44 -6.80
N ALA A 59 25.12 -23.57 -7.10
CA ALA A 59 24.17 -22.50 -6.86
C ALA A 59 24.30 -22.03 -5.43
N VAL A 60 24.30 -20.72 -5.21
CA VAL A 60 24.19 -20.18 -3.87
C VAL A 60 22.91 -19.36 -3.73
N HIS A 61 22.64 -18.89 -2.51
CA HIS A 61 21.44 -18.05 -2.25
C HIS A 61 21.69 -16.91 -1.30
N HIS A 62 20.79 -15.95 -1.32
CA HIS A 62 20.87 -14.74 -0.51
C HIS A 62 19.53 -14.03 -0.53
N VAL A 63 19.04 -13.55 0.62
CA VAL A 63 17.73 -12.88 0.66
C VAL A 63 17.81 -11.58 -0.13
N VAL A 64 16.66 -11.11 -0.64
CA VAL A 64 16.51 -9.73 -1.12
C VAL A 64 15.05 -9.32 -0.95
N ASP A 65 14.85 -8.06 -0.58
CA ASP A 65 13.52 -7.41 -0.64
C ASP A 65 13.62 -6.28 -1.66
N LEU A 66 12.94 -6.47 -2.78
CA LEU A 66 13.06 -5.55 -3.89
C LEU A 66 12.49 -4.16 -3.57
N THR A 67 11.66 -4.04 -2.54
CA THR A 67 11.19 -2.73 -2.06
C THR A 67 12.28 -1.91 -1.36
N ASN A 68 13.42 -2.51 -1.02
CA ASN A 68 14.44 -1.89 -0.17
C ASN A 68 15.81 -1.78 -0.87
N GLU A 69 16.25 -0.54 -1.08
CA GLU A 69 17.50 -0.27 -1.79
C GLU A 69 18.71 -0.89 -1.14
N VAL A 70 18.94 -0.65 0.15
CA VAL A 70 20.03 -1.33 0.88
C VAL A 70 20.10 -2.86 0.59
N SER A 71 18.94 -3.49 0.45
CA SER A 71 18.83 -4.94 0.34
C SER A 71 19.26 -5.37 -1.06
N VAL A 72 18.87 -4.58 -2.05
CA VAL A 72 19.33 -4.80 -3.42
C VAL A 72 20.84 -4.67 -3.51
N ARG A 73 21.39 -3.61 -2.93
CA ARG A 73 22.85 -3.45 -2.84
C ARG A 73 23.52 -4.63 -2.23
N ALA A 74 22.92 -5.13 -1.15
CA ALA A 74 23.51 -6.23 -0.41
C ALA A 74 23.56 -7.50 -1.28
N LEU A 75 22.57 -7.67 -2.16
CA LEU A 75 22.56 -8.82 -3.06
C LEU A 75 23.68 -8.73 -4.09
N ILE A 76 23.78 -7.59 -4.76
CA ILE A 76 24.84 -7.40 -5.77
C ILE A 76 26.21 -7.59 -5.12
N ASP A 77 26.46 -6.84 -4.05
CA ASP A 77 27.71 -6.97 -3.27
C ASP A 77 28.00 -8.40 -2.77
N PHE A 78 26.97 -9.19 -2.48
CA PHE A 78 27.19 -10.59 -2.04
C PHE A 78 27.72 -11.43 -3.19
N THR A 79 27.08 -11.28 -4.34
CA THR A 79 27.52 -11.94 -5.55
C THR A 79 28.97 -11.55 -5.88
N ILE A 80 29.27 -10.25 -5.84
CA ILE A 80 30.63 -9.78 -6.16
C ILE A 80 31.68 -10.31 -5.17
N ASP A 81 31.38 -10.24 -3.87
CA ASP A 81 32.32 -10.74 -2.85
C ASP A 81 32.46 -12.25 -2.89
N THR A 82 31.45 -12.97 -3.38
CA THR A 82 31.55 -14.43 -3.48
C THR A 82 32.36 -14.85 -4.69
N PHE A 83 31.95 -14.39 -5.86
CA PHE A 83 32.45 -14.86 -7.13
C PHE A 83 33.36 -13.86 -7.85
N GLY A 84 33.47 -12.64 -7.35
CA GLY A 84 34.34 -11.64 -7.99
C GLY A 84 33.84 -11.03 -9.30
N ARG A 85 32.62 -11.36 -9.71
CA ARG A 85 32.09 -10.82 -10.97
C ARG A 85 30.58 -11.01 -11.06
N LEU A 86 29.98 -10.32 -12.03
CA LEU A 86 28.58 -10.55 -12.38
C LEU A 86 28.41 -10.42 -13.89
N ASP A 87 27.64 -11.33 -14.48
CA ASP A 87 27.46 -11.40 -15.93
C ASP A 87 26.00 -11.34 -16.34
N ILE A 88 25.14 -11.96 -15.54
CA ILE A 88 23.74 -12.11 -15.91
C ILE A 88 22.82 -11.75 -14.75
N VAL A 89 21.77 -11.00 -15.07
CA VAL A 89 20.68 -10.73 -14.13
C VAL A 89 19.34 -11.04 -14.81
N ASP A 90 18.63 -11.99 -14.22
CA ASP A 90 17.30 -12.28 -14.64
C ASP A 90 16.40 -11.60 -13.63
N ASN A 91 15.85 -10.45 -14.00
CA ASN A 91 14.90 -9.79 -13.12
C ASN A 91 13.53 -10.46 -13.20
N ASN A 92 13.39 -11.56 -12.46
CA ASN A 92 12.21 -12.43 -12.52
C ASN A 92 11.15 -12.22 -11.40
N ALA A 93 11.54 -11.58 -10.29
CA ALA A 93 10.63 -11.34 -9.15
C ALA A 93 9.45 -10.48 -9.57
N ALA A 94 8.26 -10.76 -9.02
CA ALA A 94 7.08 -9.95 -9.33
C ALA A 94 6.04 -10.07 -8.23
N HIS A 95 5.43 -8.95 -7.84
CA HIS A 95 4.30 -8.95 -6.92
C HIS A 95 3.04 -8.87 -7.70
N SER A 96 2.08 -9.67 -7.28
CA SER A 96 0.79 -9.81 -7.93
C SER A 96 -0.25 -9.96 -6.85
N ASP A 97 -0.98 -8.86 -6.55
CA ASP A 97 -1.99 -8.80 -5.48
C ASP A 97 -3.33 -9.31 -5.99
N PRO A 98 -4.03 -10.13 -5.20
CA PRO A 98 -5.36 -10.57 -5.65
C PRO A 98 -6.45 -9.49 -5.56
N ALA A 99 -6.24 -8.39 -4.83
CA ALA A 99 -7.17 -7.26 -4.87
C ALA A 99 -6.97 -6.38 -6.14
N ASP A 100 -6.01 -6.79 -6.98
CA ASP A 100 -5.70 -6.09 -8.24
C ASP A 100 -6.73 -6.53 -9.31
N MET A 101 -7.85 -5.80 -9.36
CA MET A 101 -8.99 -6.15 -10.21
C MET A 101 -9.21 -5.00 -11.19
N LEU A 102 -10.39 -4.37 -11.17
CA LEU A 102 -10.78 -3.37 -12.15
C LEU A 102 -10.18 -2.02 -11.81
N VAL A 103 -10.10 -1.14 -12.83
CA VAL A 103 -9.56 0.22 -12.66
C VAL A 103 -10.37 0.99 -11.61
N THR A 104 -11.69 1.03 -11.75
CA THR A 104 -12.55 1.71 -10.79
C THR A 104 -12.60 1.13 -9.34
N GLN A 105 -11.98 -0.05 -9.11
CA GLN A 105 -11.88 -0.65 -7.75
C GLN A 105 -10.45 -0.57 -7.18
N MET A 106 -9.53 0.04 -7.93
CA MET A 106 -8.11 0.01 -7.59
C MET A 106 -7.88 0.83 -6.35
N THR A 107 -7.16 0.27 -5.37
CA THR A 107 -6.71 1.07 -4.22
C THR A 107 -5.27 1.50 -4.43
N VAL A 108 -4.89 2.63 -3.88
CA VAL A 108 -3.50 3.07 -3.97
C VAL A 108 -2.54 2.04 -3.37
N ASP A 109 -2.96 1.34 -2.32
CA ASP A 109 -2.09 0.34 -1.67
C ASP A 109 -1.68 -0.73 -2.65
N VAL A 110 -2.66 -1.39 -3.27
CA VAL A 110 -2.42 -2.43 -4.30
C VAL A 110 -1.54 -1.94 -5.48
N TRP A 111 -1.84 -0.73 -5.94
CA TRP A 111 -1.13 -0.12 -7.06
C TRP A 111 0.29 0.17 -6.68
N ASP A 112 0.47 0.81 -5.53
CA ASP A 112 1.79 1.20 -5.07
C ASP A 112 2.62 -0.01 -4.66
N ASP A 113 2.01 -0.93 -3.94
CA ASP A 113 2.67 -2.17 -3.57
C ASP A 113 3.21 -2.84 -4.81
N THR A 114 2.40 -2.87 -5.87
CA THR A 114 2.74 -3.57 -7.11
C THR A 114 3.83 -2.85 -7.88
N PHE A 115 3.74 -1.52 -7.93
CA PHE A 115 4.78 -0.74 -8.59
C PHE A 115 6.11 -0.73 -7.87
N THR A 116 6.06 -0.64 -6.54
CA THR A 116 7.26 -0.59 -5.71
C THR A 116 8.13 -1.81 -5.92
N VAL A 117 7.51 -3.00 -5.91
CA VAL A 117 8.27 -4.21 -6.12
C VAL A 117 8.66 -4.30 -7.59
N ASN A 118 7.69 -4.23 -8.50
CA ASN A 118 7.95 -4.60 -9.91
C ASN A 118 8.71 -3.52 -10.70
N ALA A 119 8.25 -2.28 -10.69
CA ALA A 119 8.92 -1.22 -11.45
C ALA A 119 10.14 -0.66 -10.73
N ARG A 120 9.93 -0.09 -9.55
CA ARG A 120 11.04 0.48 -8.79
C ARG A 120 12.09 -0.58 -8.49
N GLY A 121 11.62 -1.76 -8.08
CA GLY A 121 12.50 -2.86 -7.71
C GLY A 121 13.39 -3.34 -8.85
N THR A 122 12.81 -3.51 -10.04
CA THR A 122 13.56 -3.92 -11.25
C THR A 122 14.60 -2.83 -11.60
N MET A 123 14.23 -1.56 -11.48
CA MET A 123 15.14 -0.45 -11.71
C MET A 123 16.30 -0.45 -10.73
N LEU A 124 16.03 -0.78 -9.47
CA LEU A 124 17.10 -0.76 -8.47
C LEU A 124 18.09 -1.88 -8.75
N MET A 125 17.58 -3.07 -9.07
CA MET A 125 18.44 -4.19 -9.48
C MET A 125 19.32 -3.79 -10.67
N CYS A 126 18.76 -3.04 -11.61
CA CYS A 126 19.55 -2.61 -12.76
C CYS A 126 20.51 -1.52 -12.36
N LYS A 127 20.02 -0.55 -11.60
CA LYS A 127 20.87 0.54 -11.12
C LYS A 127 22.22 0.02 -10.60
N TYR A 128 22.20 -1.06 -9.81
CA TYR A 128 23.40 -1.59 -9.14
C TYR A 128 24.05 -2.81 -9.83
N ALA A 129 23.34 -3.49 -10.73
CA ALA A 129 24.00 -4.53 -11.55
C ALA A 129 24.82 -3.93 -12.67
N ILE A 130 24.36 -2.81 -13.23
CA ILE A 130 24.95 -2.25 -14.45
C ILE A 130 26.46 -1.97 -14.32
N PRO A 131 26.87 -1.19 -13.28
CA PRO A 131 28.31 -0.95 -13.14
C PRO A 131 29.14 -2.23 -13.00
N ARG A 132 28.56 -3.30 -12.43
CA ARG A 132 29.26 -4.59 -12.33
C ARG A 132 29.35 -5.31 -13.65
N LEU A 133 28.23 -5.43 -14.36
CA LEU A 133 28.26 -6.01 -15.70
C LEU A 133 29.29 -5.27 -16.54
N ILE A 134 29.34 -3.93 -16.40
CA ILE A 134 30.34 -3.14 -17.12
C ILE A 134 31.74 -3.61 -16.76
N SER A 135 32.04 -3.75 -15.47
CA SER A 135 33.35 -4.20 -15.02
C SER A 135 33.70 -5.63 -15.42
N ALA A 136 32.72 -6.42 -15.83
CA ALA A 136 32.96 -7.82 -16.23
C ALA A 136 33.31 -7.92 -17.72
N GLY A 137 33.37 -6.76 -18.39
CA GLY A 137 33.58 -6.71 -19.84
C GLY A 137 32.27 -6.57 -20.60
N GLY A 138 31.16 -6.59 -19.87
CA GLY A 138 29.83 -6.57 -20.49
C GLY A 138 29.04 -7.77 -20.02
N GLY A 139 27.73 -7.73 -20.23
CA GLY A 139 26.85 -8.81 -19.83
C GLY A 139 25.44 -8.58 -20.33
N ALA A 140 24.51 -9.37 -19.79
CA ALA A 140 23.12 -9.35 -20.23
C ALA A 140 22.16 -9.28 -19.05
N ILE A 141 21.07 -8.54 -19.22
CA ILE A 141 20.01 -8.52 -18.26
C ILE A 141 18.76 -8.99 -18.96
N VAL A 142 17.99 -9.83 -18.29
CA VAL A 142 16.68 -10.23 -18.77
C VAL A 142 15.53 -9.83 -17.80
N ASN A 143 14.59 -9.09 -18.35
CA ASN A 143 13.46 -8.63 -17.58
C ASN A 143 12.22 -9.41 -17.96
N ILE A 144 11.48 -9.91 -16.96
CA ILE A 144 10.26 -10.67 -17.25
C ILE A 144 9.10 -9.71 -17.25
N SER A 145 8.47 -9.55 -18.41
CA SER A 145 7.24 -8.80 -18.56
C SER A 145 6.04 -9.75 -18.46
N SER A 146 5.04 -9.54 -19.30
CA SER A 146 3.81 -10.33 -19.30
C SER A 146 3.01 -9.95 -20.54
N ALA A 147 2.34 -10.92 -21.15
CA ALA A 147 1.48 -10.66 -22.29
C ALA A 147 0.40 -9.66 -21.93
N THR A 148 0.06 -9.60 -20.63
CA THR A 148 -1.00 -8.74 -20.14
C THR A 148 -0.70 -7.27 -20.30
N ALA A 149 0.54 -6.92 -20.59
CA ALA A 149 0.91 -5.52 -20.84
C ALA A 149 0.43 -5.06 -22.22
N HIS A 150 0.33 -5.99 -23.15
CA HIS A 150 -0.15 -5.69 -24.50
C HIS A 150 -1.59 -6.06 -24.74
N ALA A 151 -2.30 -6.62 -23.77
CA ALA A 151 -3.68 -7.06 -24.00
C ALA A 151 -4.39 -7.23 -22.65
N ALA A 152 -5.47 -6.46 -22.47
CA ALA A 152 -6.09 -6.25 -21.17
C ALA A 152 -7.17 -7.26 -20.89
N TYR A 153 -7.44 -7.44 -19.62
CA TYR A 153 -8.66 -8.10 -19.21
C TYR A 153 -9.19 -7.46 -17.93
N ASP A 154 -10.11 -8.13 -17.25
CA ASP A 154 -10.83 -7.51 -16.15
C ASP A 154 -10.07 -7.64 -14.84
N MET A 155 -8.85 -8.16 -14.85
CA MET A 155 -8.04 -8.18 -13.65
C MET A 155 -6.58 -7.91 -13.94
N SER A 156 -5.82 -7.74 -12.85
CA SER A 156 -4.37 -7.50 -12.90
C SER A 156 -3.95 -6.16 -13.51
N THR A 157 -4.72 -5.10 -13.26
CA THR A 157 -4.50 -3.83 -13.92
C THR A 157 -3.16 -3.21 -13.50
N ALA A 158 -2.86 -3.24 -12.21
CA ALA A 158 -1.60 -2.64 -11.74
C ALA A 158 -0.39 -3.43 -12.27
N TYR A 159 -0.51 -4.76 -12.14
CA TYR A 159 0.52 -5.68 -12.56
C TYR A 159 0.89 -5.45 -14.02
N ALA A 160 -0.08 -5.45 -14.93
CA ALA A 160 0.20 -5.26 -16.36
C ALA A 160 0.88 -3.91 -16.63
N CYS A 161 0.37 -2.87 -15.97
CA CYS A 161 0.96 -1.55 -16.11
C CYS A 161 2.44 -1.51 -15.64
N THR A 162 2.77 -2.23 -14.58
CA THR A 162 4.18 -2.31 -14.13
C THR A 162 5.06 -3.04 -15.13
N LYS A 163 4.49 -4.01 -15.85
CA LYS A 163 5.26 -4.76 -16.84
C LYS A 163 5.53 -3.90 -18.05
N ALA A 164 4.65 -2.93 -18.31
CA ALA A 164 4.86 -2.03 -19.44
C ALA A 164 6.07 -1.12 -19.12
N ALA A 165 6.06 -0.60 -17.90
CA ALA A 165 7.16 0.23 -17.38
C ALA A 165 8.49 -0.52 -17.47
N ILE A 166 8.46 -1.81 -17.14
CA ILE A 166 9.61 -2.69 -17.28
C ILE A 166 10.05 -2.86 -18.74
N GLU A 167 9.10 -2.93 -19.66
CA GLU A 167 9.44 -3.01 -21.08
C GLU A 167 10.17 -1.75 -21.53
N THR A 168 9.71 -0.59 -21.05
CA THR A 168 10.40 0.68 -21.32
C THR A 168 11.77 0.74 -20.62
N LEU A 169 11.85 0.26 -19.40
CA LEU A 169 13.10 0.26 -18.68
C LEU A 169 14.13 -0.50 -19.48
N THR A 170 13.70 -1.62 -20.05
CA THR A 170 14.58 -2.52 -20.82
C THR A 170 15.23 -1.78 -21.96
N ARG A 171 14.44 -1.07 -22.75
CA ARG A 171 15.01 -0.26 -23.85
C ARG A 171 16.01 0.78 -23.34
N TYR A 172 15.72 1.41 -22.20
CA TYR A 172 16.60 2.47 -21.66
C TYR A 172 17.94 1.86 -21.28
N VAL A 173 17.89 0.72 -20.60
CA VAL A 173 19.08 0.04 -20.14
C VAL A 173 19.85 -0.33 -21.37
N ALA A 174 19.20 -0.99 -22.33
CA ALA A 174 19.89 -1.40 -23.54
C ALA A 174 20.47 -0.20 -24.32
N THR A 175 19.77 0.94 -24.28
CA THR A 175 20.19 2.13 -25.04
C THR A 175 21.32 2.89 -24.34
N GLN A 176 21.16 3.13 -23.04
CA GLN A 176 22.11 3.90 -22.28
C GLN A 176 23.44 3.18 -22.13
N TYR A 177 23.41 1.84 -22.05
CA TYR A 177 24.63 1.09 -21.66
C TYR A 177 25.09 0.08 -22.70
N GLY A 178 24.50 0.15 -23.90
CA GLY A 178 24.97 -0.67 -25.02
C GLY A 178 26.42 -0.41 -25.41
N ARG A 179 26.80 0.86 -25.43
CA ARG A 179 28.14 1.26 -25.79
C ARG A 179 29.14 0.66 -24.81
N HIS A 180 28.73 0.39 -23.58
CA HIS A 180 29.63 -0.20 -22.56
C HIS A 180 29.51 -1.71 -22.44
N GLY A 181 28.89 -2.38 -23.39
CA GLY A 181 28.86 -3.85 -23.44
C GLY A 181 27.67 -4.54 -22.76
N VAL A 182 26.66 -3.77 -22.38
CA VAL A 182 25.51 -4.32 -21.69
C VAL A 182 24.32 -4.44 -22.62
N ARG A 183 23.76 -5.65 -22.67
CA ARG A 183 22.52 -5.92 -23.36
C ARG A 183 21.42 -6.06 -22.33
N CYS A 184 20.18 -5.82 -22.76
CA CYS A 184 19.01 -5.94 -21.91
C CYS A 184 17.81 -6.24 -22.78
N ASN A 185 17.12 -7.33 -22.50
CA ASN A 185 15.97 -7.74 -23.28
C ASN A 185 14.89 -8.17 -22.31
N ALA A 186 13.65 -8.19 -22.77
CA ALA A 186 12.50 -8.58 -21.96
C ALA A 186 11.79 -9.74 -22.64
N ILE A 187 11.13 -10.59 -21.81
CA ILE A 187 10.33 -11.73 -22.28
C ILE A 187 8.89 -11.54 -21.79
N ALA A 188 7.90 -11.65 -22.67
CA ALA A 188 6.53 -11.53 -22.27
C ALA A 188 5.86 -12.89 -22.33
N PRO A 189 5.74 -13.59 -21.19
CA PRO A 189 5.11 -14.89 -21.20
C PRO A 189 3.61 -14.85 -21.40
N GLY A 190 3.09 -15.91 -21.99
CA GLY A 190 1.65 -16.15 -21.93
C GLY A 190 1.30 -16.75 -20.57
N LEU A 191 0.41 -17.72 -20.59
CA LEU A 191 -0.01 -18.39 -19.38
C LEU A 191 0.94 -19.56 -19.15
N VAL A 192 1.60 -19.55 -18.00
CA VAL A 192 2.55 -20.61 -17.63
C VAL A 192 2.07 -21.31 -16.37
N ARG A 193 2.31 -22.61 -16.32
CA ARG A 193 1.89 -23.45 -15.19
C ARG A 193 2.75 -23.22 -13.94
N THR A 194 2.17 -22.66 -12.90
CA THR A 194 2.90 -22.53 -11.63
C THR A 194 1.98 -22.85 -10.47
N PRO A 195 2.52 -22.83 -9.24
CA PRO A 195 1.64 -22.82 -8.06
C PRO A 195 0.82 -21.53 -7.93
N ARG A 196 1.43 -20.36 -8.14
CA ARG A 196 0.71 -19.10 -8.03
C ARG A 196 -0.56 -19.13 -8.90
N LEU A 197 -0.45 -19.67 -10.12
CA LEU A 197 -1.59 -19.96 -11.00
C LEU A 197 -2.67 -20.84 -10.34
N GLU A 198 -2.25 -22.03 -9.88
CA GLU A 198 -3.18 -23.03 -9.31
C GLU A 198 -3.66 -22.64 -7.91
N PRO A 202 -7.97 -20.71 -10.95
CA PRO A 202 -9.39 -20.95 -11.20
C PRO A 202 -9.61 -21.74 -12.49
N GLN A 203 -9.64 -23.06 -12.38
CA GLN A 203 -9.45 -23.94 -13.55
C GLN A 203 -10.27 -23.62 -14.81
N PRO A 204 -11.56 -23.27 -14.65
CA PRO A 204 -12.36 -22.95 -15.86
C PRO A 204 -11.74 -21.84 -16.73
N ILE A 205 -11.14 -20.84 -16.10
CA ILE A 205 -10.43 -19.78 -16.80
C ILE A 205 -9.15 -20.30 -17.46
N VAL A 206 -8.42 -21.16 -16.76
CA VAL A 206 -7.19 -21.73 -17.29
C VAL A 206 -7.40 -22.54 -18.58
N ASP A 207 -8.51 -23.27 -18.69
CA ASP A 207 -8.77 -24.04 -19.93
C ASP A 207 -9.25 -23.15 -21.08
N ILE A 208 -9.91 -22.03 -20.78
CA ILE A 208 -10.37 -21.12 -21.81
C ILE A 208 -9.13 -20.48 -22.43
N PHE A 209 -8.23 -20.02 -21.58
CA PHE A 209 -6.97 -19.44 -22.03
C PHE A 209 -6.14 -20.46 -22.84
N ALA A 210 -6.10 -21.70 -22.38
CA ALA A 210 -5.38 -22.78 -23.06
C ALA A 210 -5.77 -22.93 -24.54
N THR A 211 -7.06 -22.85 -24.83
CA THR A 211 -7.56 -22.95 -26.23
C THR A 211 -7.01 -21.84 -27.16
N HIS A 212 -6.57 -20.71 -26.57
CA HIS A 212 -6.10 -19.55 -27.33
C HIS A 212 -4.60 -19.46 -27.40
N HIS A 213 -3.89 -20.42 -26.82
CA HIS A 213 -2.48 -20.59 -27.10
C HIS A 213 -2.49 -21.54 -28.24
N LEU A 214 -1.59 -21.41 -29.18
CA LEU A 214 -1.71 -22.15 -30.43
C LEU A 214 -1.23 -23.60 -30.31
N ALA A 215 -0.43 -23.89 -29.30
CA ALA A 215 -0.17 -25.28 -28.96
C ALA A 215 -1.42 -25.90 -28.30
N GLY A 216 -2.39 -25.08 -27.91
CA GLY A 216 -3.59 -25.59 -27.28
C GLY A 216 -3.38 -26.03 -25.83
N ARG A 217 -2.31 -25.52 -25.22
CA ARG A 217 -2.00 -25.77 -23.81
C ARG A 217 -1.34 -24.54 -23.27
N ILE A 218 -1.30 -24.44 -21.93
CA ILE A 218 -0.53 -23.40 -21.24
C ILE A 218 0.98 -23.72 -21.30
N GLY A 219 1.81 -22.74 -21.01
CA GLY A 219 3.27 -22.93 -21.07
C GLY A 219 3.83 -23.69 -19.87
N GLU A 220 5.01 -24.26 -20.03
CA GLU A 220 5.74 -24.86 -18.92
C GLU A 220 6.86 -23.91 -18.51
N PRO A 221 7.20 -23.87 -17.21
CA PRO A 221 8.27 -22.99 -16.77
C PRO A 221 9.56 -23.16 -17.54
N HIS A 222 9.92 -24.39 -17.88
CA HIS A 222 11.17 -24.61 -18.59
C HIS A 222 11.18 -23.91 -19.91
N GLU A 223 10.02 -23.75 -20.53
CA GLU A 223 9.91 -23.10 -21.83
C GLU A 223 10.16 -21.59 -21.76
N ILE A 224 9.99 -21.00 -20.58
CA ILE A 224 10.45 -19.63 -20.36
C ILE A 224 11.96 -19.66 -20.03
N ALA A 225 12.39 -20.63 -19.22
CA ALA A 225 13.79 -20.74 -18.84
C ALA A 225 14.69 -20.79 -20.05
N GLU A 226 14.37 -21.64 -21.02
CA GLU A 226 15.21 -21.75 -22.22
C GLU A 226 15.44 -20.40 -22.92
N LEU A 227 14.40 -19.59 -22.98
CA LEU A 227 14.51 -18.26 -23.60
C LEU A 227 15.36 -17.28 -22.80
N VAL A 228 15.26 -17.30 -21.48
CA VAL A 228 16.13 -16.49 -20.60
C VAL A 228 17.54 -16.94 -20.85
N CYS A 229 17.74 -18.26 -20.83
CA CYS A 229 19.07 -18.81 -21.06
C CYS A 229 19.65 -18.30 -22.39
N PHE A 230 18.89 -18.44 -23.48
CA PHE A 230 19.37 -18.00 -24.78
C PHE A 230 19.74 -16.51 -24.75
N LEU A 231 18.84 -15.69 -24.24
CA LEU A 231 19.05 -14.24 -24.21
C LEU A 231 20.20 -13.79 -23.31
N ALA A 232 20.52 -14.58 -22.28
CA ALA A 232 21.63 -14.24 -21.40
C ALA A 232 22.98 -14.63 -22.02
N SER A 233 22.95 -15.36 -23.13
CA SER A 233 24.18 -15.95 -23.71
C SER A 233 24.80 -15.12 -24.85
N ASP A 234 26.07 -15.40 -25.13
CA ASP A 234 26.81 -14.77 -26.24
C ASP A 234 26.21 -15.05 -27.61
N ARG A 235 25.38 -16.10 -27.71
CA ARG A 235 24.58 -16.38 -28.93
C ARG A 235 23.58 -15.26 -29.28
N ALA A 236 23.17 -14.47 -28.30
CA ALA A 236 22.23 -13.37 -28.49
C ALA A 236 22.96 -12.02 -28.53
N ALA A 237 24.26 -12.05 -28.85
CA ALA A 237 25.14 -10.88 -28.81
C ALA A 237 24.63 -9.68 -29.58
N PHE A 238 23.87 -9.95 -30.66
CA PHE A 238 23.27 -8.93 -31.53
C PHE A 238 21.76 -8.74 -31.32
N ILE A 239 21.23 -9.17 -30.18
CA ILE A 239 19.84 -8.91 -29.79
C ILE A 239 19.86 -8.12 -28.50
N THR A 240 19.19 -6.99 -28.49
CA THR A 240 19.18 -6.12 -27.34
C THR A 240 18.08 -5.11 -27.54
N GLY A 241 17.53 -4.65 -26.42
CA GLY A 241 16.40 -3.72 -26.41
C GLY A 241 15.05 -4.29 -26.82
N GLN A 242 14.92 -5.62 -26.82
CA GLN A 242 13.75 -6.27 -27.41
C GLN A 242 12.83 -6.73 -26.32
N VAL A 243 11.56 -6.85 -26.71
CA VAL A 243 10.54 -7.54 -25.93
C VAL A 243 10.13 -8.73 -26.76
N ILE A 244 10.26 -9.94 -26.23
CA ILE A 244 9.98 -11.14 -27.00
C ILE A 244 8.91 -11.96 -26.30
N ALA A 245 7.91 -12.40 -27.07
CA ALA A 245 6.79 -13.19 -26.57
C ALA A 245 7.08 -14.70 -26.53
N ALA A 246 7.08 -15.27 -25.32
CA ALA A 246 6.98 -16.72 -25.13
C ALA A 246 5.54 -17.05 -24.69
N ASP A 247 4.62 -16.96 -25.65
CA ASP A 247 3.19 -17.08 -25.40
C ASP A 247 2.43 -17.97 -26.39
N SER A 248 3.16 -18.82 -27.11
CA SER A 248 2.54 -19.63 -28.16
C SER A 248 1.54 -18.85 -29.05
N GLY A 249 1.91 -17.67 -29.52
CA GLY A 249 1.08 -16.97 -30.49
C GLY A 249 -0.24 -16.42 -29.97
N LEU A 250 -0.36 -16.32 -28.64
CA LEU A 250 -1.59 -15.86 -27.96
C LEU A 250 -2.15 -14.63 -28.61
N LEU A 251 -1.29 -13.70 -29.04
CA LEU A 251 -1.69 -12.44 -29.68
C LEU A 251 -1.34 -12.36 -31.14
N ALA A 252 -1.02 -13.49 -31.78
CA ALA A 252 -0.71 -13.50 -33.22
C ALA A 252 -1.91 -13.91 -34.07
N HIS A 253 -3.01 -14.26 -33.43
CA HIS A 253 -4.25 -14.69 -34.10
C HIS A 253 -5.42 -13.84 -33.67
N LEU A 254 -6.43 -13.73 -34.53
CA LEU A 254 -7.66 -13.03 -34.15
C LEU A 254 -8.32 -13.74 -33.00
N PRO A 255 -8.83 -12.98 -32.04
CA PRO A 255 -9.58 -13.67 -31.00
C PRO A 255 -10.85 -14.20 -31.61
N GLY A 256 -11.45 -15.20 -30.98
CA GLY A 256 -12.63 -15.88 -31.54
C GLY A 256 -12.28 -17.15 -32.34
N LEU A 257 -11.00 -17.43 -32.50
CA LEU A 257 -10.59 -18.47 -33.41
C LEU A 257 -11.19 -19.81 -33.03
N PRO A 258 -10.95 -20.29 -31.81
CA PRO A 258 -11.51 -21.59 -31.47
C PRO A 258 -13.02 -21.68 -31.75
N GLN A 259 -13.76 -20.63 -31.35
CA GLN A 259 -15.21 -20.57 -31.48
C GLN A 259 -15.64 -20.52 -32.95
N ILE A 260 -14.87 -19.83 -33.79
CA ILE A 260 -15.04 -19.83 -35.25
C ILE A 260 -14.83 -21.26 -35.81
N ARG A 261 -13.72 -21.89 -35.43
CA ARG A 261 -13.47 -23.28 -35.81
C ARG A 261 -14.58 -24.26 -35.38
N ALA A 262 -15.15 -24.09 -34.19
CA ALA A 262 -16.28 -24.95 -33.73
C ALA A 262 -17.54 -24.70 -34.55
N SER A 263 -17.84 -23.44 -34.81
CA SER A 263 -18.97 -23.11 -35.67
C SER A 263 -18.82 -23.69 -37.08
N VAL A 264 -17.58 -23.70 -37.59
CA VAL A 264 -17.27 -24.26 -38.90
C VAL A 264 -17.31 -25.78 -38.87
N ALA A 265 -17.12 -26.40 -37.70
CA ALA A 265 -17.31 -27.85 -37.55
C ALA A 265 -18.80 -28.22 -37.47
N GLU A 266 -19.63 -27.29 -36.97
CA GLU A 266 -21.10 -27.40 -37.07
C GLU A 266 -21.56 -27.24 -38.53
N LEU A 267 -21.50 -26.02 -39.06
CA LEU A 267 -21.93 -25.71 -40.45
C LEU A 267 -20.84 -25.96 -41.48
N ALA B 7 22.81 -31.95 -28.56
CA ALA B 7 22.71 -31.50 -29.97
C ALA B 7 21.31 -30.89 -30.19
N GLU B 8 21.23 -29.56 -30.11
CA GLU B 8 19.96 -28.79 -30.09
C GLU B 8 18.97 -29.20 -31.21
N LEU B 9 19.49 -29.60 -32.36
CA LEU B 9 18.65 -30.04 -33.48
C LEU B 9 18.97 -31.48 -33.84
N GLU B 10 19.18 -32.32 -32.83
CA GLU B 10 19.57 -33.68 -33.10
C GLU B 10 18.56 -34.34 -34.02
N ASN B 11 19.07 -34.80 -35.17
CA ASN B 11 18.33 -35.61 -36.14
C ASN B 11 17.34 -34.92 -37.07
N LYS B 12 17.00 -33.67 -36.77
CA LYS B 12 16.05 -32.96 -37.58
C LYS B 12 16.60 -32.81 -39.01
N VAL B 13 15.71 -32.80 -39.98
CA VAL B 13 16.09 -32.47 -41.35
C VAL B 13 15.75 -31.00 -41.62
N ALA B 14 16.76 -30.23 -41.99
CA ALA B 14 16.62 -28.79 -42.21
C ALA B 14 16.87 -28.43 -43.68
N ILE B 15 16.02 -27.54 -44.24
CA ILE B 15 16.29 -26.92 -45.55
C ILE B 15 16.62 -25.46 -45.31
N ILE B 16 17.73 -24.98 -45.91
CA ILE B 16 18.01 -23.57 -45.95
C ILE B 16 18.07 -23.03 -47.38
N THR B 17 17.25 -22.03 -47.66
CA THR B 17 17.29 -21.37 -48.96
C THR B 17 18.32 -20.24 -48.97
N GLY B 18 18.68 -19.73 -50.14
CA GLY B 18 19.76 -18.76 -50.24
C GLY B 18 21.07 -19.26 -49.61
N ALA B 19 21.33 -20.57 -49.72
CA ALA B 19 22.38 -21.25 -48.94
C ALA B 19 23.81 -20.85 -49.27
N CYS B 20 24.04 -20.30 -50.45
CA CYS B 20 25.35 -19.81 -50.85
C CYS B 20 25.63 -18.37 -50.41
N GLY B 21 24.62 -17.72 -49.87
CA GLY B 21 24.77 -16.36 -49.36
C GLY B 21 25.50 -16.35 -48.02
N GLY B 22 26.02 -15.16 -47.66
CA GLY B 22 26.68 -14.93 -46.38
C GLY B 22 25.89 -15.54 -45.23
N ILE B 23 24.70 -15.01 -44.98
CA ILE B 23 23.89 -15.54 -43.87
C ILE B 23 23.44 -16.99 -44.09
N GLY B 24 23.18 -17.36 -45.33
CA GLY B 24 22.68 -18.69 -45.63
C GLY B 24 23.69 -19.77 -45.40
N LEU B 25 24.94 -19.50 -45.72
CA LEU B 25 26.01 -20.47 -45.57
C LEU B 25 26.30 -20.69 -44.10
N GLU B 26 26.47 -19.59 -43.38
CA GLU B 26 26.73 -19.65 -41.96
C GLU B 26 25.61 -20.36 -41.19
N THR B 27 24.36 -20.08 -41.57
CA THR B 27 23.22 -20.71 -40.94
C THR B 27 23.31 -22.22 -41.14
N SER B 28 23.52 -22.63 -42.39
CA SER B 28 23.59 -24.07 -42.71
C SER B 28 24.64 -24.72 -41.82
N ARG B 29 25.73 -23.99 -41.64
CA ARG B 29 26.82 -24.42 -40.80
C ARG B 29 26.38 -24.65 -39.35
N VAL B 30 25.75 -23.63 -38.78
CA VAL B 30 25.29 -23.68 -37.39
C VAL B 30 24.26 -24.78 -37.17
N LEU B 31 23.31 -24.91 -38.10
CA LEU B 31 22.28 -25.96 -38.01
C LEU B 31 22.86 -27.39 -38.11
N ALA B 32 23.79 -27.59 -39.04
CA ALA B 32 24.57 -28.83 -39.14
C ALA B 32 25.29 -29.09 -37.83
N ARG B 33 25.94 -28.03 -37.32
CA ARG B 33 26.76 -28.16 -36.12
C ARG B 33 25.94 -28.60 -34.94
N ALA B 34 24.65 -28.27 -34.94
CA ALA B 34 23.74 -28.60 -33.86
C ALA B 34 23.04 -29.94 -34.09
N GLY B 35 23.46 -30.68 -35.11
CA GLY B 35 22.98 -32.05 -35.32
C GLY B 35 22.02 -32.25 -36.46
N ALA B 36 21.64 -31.17 -37.15
CA ALA B 36 20.72 -31.27 -38.27
C ALA B 36 21.37 -31.82 -39.54
N ARG B 37 20.57 -32.51 -40.34
CA ARG B 37 20.97 -32.91 -41.67
C ARG B 37 20.42 -31.82 -42.60
N VAL B 38 21.35 -31.04 -43.15
CA VAL B 38 21.02 -29.83 -43.86
C VAL B 38 20.92 -30.08 -45.35
N VAL B 39 19.87 -29.55 -45.94
CA VAL B 39 19.75 -29.45 -47.39
C VAL B 39 19.99 -27.97 -47.75
N LEU B 40 21.09 -27.70 -48.46
CA LEU B 40 21.38 -26.36 -48.97
C LEU B 40 20.68 -26.14 -50.29
N ALA B 41 19.96 -25.04 -50.39
CA ALA B 41 19.27 -24.73 -51.63
C ALA B 41 19.57 -23.30 -52.09
N ASP B 42 19.87 -23.18 -53.39
CA ASP B 42 20.01 -21.87 -54.01
C ASP B 42 19.86 -21.98 -55.54
N LEU B 43 20.04 -20.87 -56.23
CA LEU B 43 19.85 -20.86 -57.68
C LEU B 43 20.94 -21.69 -58.40
N PRO B 44 20.64 -22.15 -59.63
CA PRO B 44 21.56 -22.98 -60.39
C PRO B 44 22.91 -22.34 -60.67
N GLU B 45 22.97 -21.02 -60.82
CA GLU B 45 24.28 -20.40 -61.13
C GLU B 45 25.32 -20.42 -59.97
N THR B 46 24.94 -20.88 -58.77
CA THR B 46 25.78 -20.74 -57.60
C THR B 46 26.51 -22.04 -57.27
N ASP B 47 27.62 -21.89 -56.55
CA ASP B 47 28.44 -23.02 -56.13
C ASP B 47 27.78 -23.73 -54.95
N LEU B 48 26.67 -24.40 -55.20
CA LEU B 48 25.97 -25.18 -54.16
C LEU B 48 26.86 -26.31 -53.62
N ALA B 49 27.47 -27.05 -54.55
CA ALA B 49 28.38 -28.17 -54.23
C ALA B 49 29.56 -27.75 -53.34
N GLY B 50 30.22 -26.64 -53.65
CA GLY B 50 31.27 -26.08 -52.80
C GLY B 50 30.72 -25.71 -51.42
N ALA B 51 29.54 -25.09 -51.41
CA ALA B 51 28.87 -24.74 -50.16
C ALA B 51 28.64 -25.97 -49.26
N ALA B 52 28.02 -27.00 -49.83
CA ALA B 52 27.71 -28.25 -49.11
C ALA B 52 28.98 -28.93 -48.65
N ALA B 53 29.96 -29.04 -49.54
CA ALA B 53 31.25 -29.63 -49.16
C ALA B 53 31.76 -28.88 -47.92
N SER B 54 31.75 -27.55 -47.97
CA SER B 54 32.25 -26.81 -46.82
C SER B 54 31.49 -27.07 -45.53
N VAL B 55 30.16 -27.17 -45.58
CA VAL B 55 29.37 -27.42 -44.37
C VAL B 55 29.66 -28.78 -43.79
N GLY B 56 29.69 -29.80 -44.65
CA GLY B 56 29.98 -31.17 -44.22
C GLY B 56 28.83 -31.83 -43.49
N ARG B 57 29.15 -32.77 -42.60
CA ARG B 57 28.18 -33.37 -41.69
C ARG B 57 26.98 -33.97 -42.43
N GLY B 58 27.23 -34.64 -43.53
CA GLY B 58 26.13 -35.21 -44.31
C GLY B 58 25.34 -34.22 -45.17
N ALA B 59 25.68 -32.92 -45.12
CA ALA B 59 24.96 -31.91 -45.90
C ALA B 59 24.88 -32.29 -47.40
N VAL B 60 23.70 -32.07 -47.96
CA VAL B 60 23.44 -32.29 -49.38
C VAL B 60 22.92 -30.97 -49.98
N HIS B 61 22.75 -30.93 -51.30
CA HIS B 61 22.27 -29.71 -51.92
C HIS B 61 21.40 -29.98 -53.12
N HIS B 62 20.50 -29.03 -53.41
CA HIS B 62 19.59 -29.11 -54.54
C HIS B 62 19.23 -27.71 -55.00
N VAL B 63 19.13 -27.50 -56.31
CA VAL B 63 18.80 -26.19 -56.86
C VAL B 63 17.37 -25.85 -56.49
N VAL B 64 17.08 -24.57 -56.29
CA VAL B 64 15.68 -24.11 -56.17
C VAL B 64 15.54 -22.75 -56.81
N ASP B 65 14.40 -22.53 -57.46
CA ASP B 65 14.10 -21.24 -58.08
C ASP B 65 12.74 -20.82 -57.56
N LEU B 66 12.73 -19.96 -56.53
CA LEU B 66 11.52 -19.60 -55.81
C LEU B 66 10.43 -19.01 -56.73
N THR B 67 10.80 -18.56 -57.92
CA THR B 67 9.79 -18.00 -58.81
C THR B 67 8.93 -19.10 -59.45
N ASN B 68 9.32 -20.36 -59.24
CA ASN B 68 8.81 -21.53 -59.98
C ASN B 68 8.20 -22.57 -59.01
N GLU B 69 6.88 -22.65 -59.02
CA GLU B 69 6.16 -23.54 -58.10
C GLU B 69 6.66 -24.97 -58.23
N VAL B 70 6.90 -25.41 -59.46
CA VAL B 70 7.38 -26.77 -59.67
C VAL B 70 8.78 -26.98 -59.10
N SER B 71 9.64 -25.96 -59.22
CA SER B 71 10.99 -26.01 -58.65
C SER B 71 10.96 -26.05 -57.12
N VAL B 72 10.13 -25.19 -56.53
CA VAL B 72 9.96 -25.16 -55.10
C VAL B 72 9.52 -26.52 -54.62
N ARG B 73 8.60 -27.13 -55.34
CA ARG B 73 8.10 -28.45 -55.00
C ARG B 73 9.17 -29.51 -55.15
N ALA B 74 9.91 -29.50 -56.26
CA ALA B 74 11.01 -30.46 -56.49
C ALA B 74 12.00 -30.48 -55.30
N LEU B 75 12.28 -29.30 -54.70
CA LEU B 75 13.23 -29.18 -53.56
C LEU B 75 12.75 -29.94 -52.35
N ILE B 76 11.52 -29.68 -51.94
CA ILE B 76 10.92 -30.41 -50.82
C ILE B 76 10.84 -31.92 -51.12
N ASP B 77 10.35 -32.27 -52.31
CA ASP B 77 10.27 -33.68 -52.69
C ASP B 77 11.65 -34.34 -52.74
N PHE B 78 12.69 -33.58 -53.03
CA PHE B 78 14.04 -34.14 -53.00
C PHE B 78 14.49 -34.42 -51.56
N THR B 79 14.10 -33.52 -50.65
CA THR B 79 14.43 -33.71 -49.26
C THR B 79 13.79 -34.99 -48.78
N ILE B 80 12.53 -35.21 -49.14
CA ILE B 80 11.79 -36.44 -48.79
C ILE B 80 12.34 -37.70 -49.45
N ASP B 81 12.81 -37.61 -50.70
CA ASP B 81 13.49 -38.74 -51.35
C ASP B 81 14.75 -39.15 -50.57
N THR B 82 15.49 -38.14 -50.08
CA THR B 82 16.82 -38.31 -49.54
C THR B 82 16.77 -38.76 -48.08
N PHE B 83 15.96 -38.08 -47.27
CA PHE B 83 15.87 -38.35 -45.83
C PHE B 83 14.57 -38.98 -45.36
N GLY B 84 13.52 -38.96 -46.18
CA GLY B 84 12.25 -39.51 -45.77
C GLY B 84 11.43 -38.58 -44.88
N ARG B 85 11.95 -37.39 -44.54
CA ARG B 85 11.21 -36.49 -43.67
C ARG B 85 11.71 -35.05 -43.77
N LEU B 86 10.88 -34.12 -43.28
CA LEU B 86 11.28 -32.72 -43.15
C LEU B 86 10.79 -32.14 -41.83
N ASP B 87 11.70 -31.51 -41.10
CA ASP B 87 11.44 -30.99 -39.76
C ASP B 87 11.56 -29.47 -39.66
N ILE B 88 12.45 -28.88 -40.46
CA ILE B 88 12.83 -27.49 -40.34
C ILE B 88 13.01 -26.78 -41.70
N VAL B 89 12.56 -25.53 -41.79
CA VAL B 89 12.83 -24.74 -43.00
C VAL B 89 13.19 -23.32 -42.62
N ASP B 90 14.34 -22.88 -43.12
CA ASP B 90 14.79 -21.50 -43.05
C ASP B 90 14.56 -20.87 -44.46
N ASN B 91 13.43 -20.18 -44.56
CA ASN B 91 13.22 -19.32 -45.70
C ASN B 91 14.09 -18.07 -45.58
N ASN B 92 15.31 -18.22 -46.05
CA ASN B 92 16.34 -17.19 -46.02
C ASN B 92 16.58 -16.46 -47.36
N ALA B 93 16.33 -17.14 -48.48
CA ALA B 93 16.53 -16.54 -49.82
C ALA B 93 15.74 -15.25 -49.97
N ALA B 94 16.26 -14.34 -50.78
CA ALA B 94 15.62 -13.04 -51.02
C ALA B 94 16.21 -12.38 -52.27
N HIS B 95 15.36 -11.80 -53.11
CA HIS B 95 15.80 -10.97 -54.24
C HIS B 95 15.84 -9.53 -53.85
N SER B 96 16.89 -8.83 -54.26
CA SER B 96 17.02 -7.38 -54.05
C SER B 96 17.60 -6.71 -55.29
N ASP B 97 16.76 -6.08 -56.10
CA ASP B 97 17.19 -5.43 -57.34
C ASP B 97 17.81 -4.11 -56.94
N PRO B 98 18.98 -3.76 -57.53
CA PRO B 98 19.65 -2.47 -57.28
C PRO B 98 18.95 -1.24 -57.81
N ALA B 99 17.95 -1.43 -58.67
CA ALA B 99 17.04 -0.34 -59.12
C ALA B 99 15.77 -0.24 -58.22
N ASP B 100 15.77 -0.95 -57.08
CA ASP B 100 14.73 -0.76 -56.06
C ASP B 100 15.07 0.48 -55.24
N MET B 101 14.68 1.67 -55.73
CA MET B 101 14.94 2.96 -55.03
C MET B 101 13.63 3.58 -54.49
N LEU B 102 13.29 4.79 -54.98
CA LEU B 102 12.11 5.58 -54.53
C LEU B 102 10.78 5.12 -55.14
N VAL B 103 9.68 5.38 -54.41
CA VAL B 103 8.36 4.97 -54.85
C VAL B 103 8.03 5.58 -56.21
N THR B 104 8.24 6.89 -56.35
CA THR B 104 7.96 7.56 -57.62
C THR B 104 8.79 6.98 -58.77
N GLN B 105 9.95 6.37 -58.46
CA GLN B 105 10.87 5.76 -59.44
C GLN B 105 10.66 4.27 -59.66
N MET B 106 9.78 3.67 -58.85
CA MET B 106 9.50 2.24 -58.91
C MET B 106 8.95 1.84 -60.28
N THR B 107 9.54 0.81 -60.89
CA THR B 107 8.95 0.18 -62.09
C THR B 107 8.19 -1.11 -61.72
N VAL B 108 7.23 -1.51 -62.52
CA VAL B 108 6.48 -2.74 -62.28
C VAL B 108 7.37 -3.97 -62.38
N ASP B 109 8.43 -3.92 -63.18
CA ASP B 109 9.35 -5.08 -63.28
C ASP B 109 10.16 -5.29 -62.00
N VAL B 110 10.77 -4.21 -61.50
CA VAL B 110 11.54 -4.28 -60.28
C VAL B 110 10.60 -4.74 -59.15
N TRP B 111 9.44 -4.11 -59.09
CA TRP B 111 8.44 -4.45 -58.06
C TRP B 111 8.04 -5.91 -58.17
N ASP B 112 7.61 -6.35 -59.36
CA ASP B 112 7.09 -7.74 -59.52
C ASP B 112 8.17 -8.81 -59.35
N ASP B 113 9.37 -8.56 -59.87
CA ASP B 113 10.47 -9.48 -59.68
C ASP B 113 10.70 -9.72 -58.19
N THR B 114 10.59 -8.65 -57.39
CA THR B 114 10.92 -8.73 -55.96
C THR B 114 9.82 -9.46 -55.18
N PHE B 115 8.56 -9.21 -55.51
CA PHE B 115 7.44 -9.91 -54.83
C PHE B 115 7.36 -11.38 -55.21
N THR B 116 7.58 -11.67 -56.48
CA THR B 116 7.62 -13.05 -57.01
C THR B 116 8.61 -13.94 -56.27
N VAL B 117 9.84 -13.49 -56.12
CA VAL B 117 10.81 -14.25 -55.37
C VAL B 117 10.42 -14.24 -53.88
N ASN B 118 10.38 -13.06 -53.27
CA ASN B 118 10.31 -12.94 -51.80
C ASN B 118 8.97 -13.32 -51.15
N ALA B 119 7.88 -12.72 -51.61
CA ALA B 119 6.59 -12.96 -50.99
C ALA B 119 6.01 -14.25 -51.56
N ARG B 120 5.81 -14.31 -52.86
CA ARG B 120 5.23 -15.51 -53.43
C ARG B 120 6.05 -16.78 -53.17
N GLY B 121 7.35 -16.69 -53.41
CA GLY B 121 8.21 -17.83 -53.24
C GLY B 121 8.23 -18.38 -51.83
N THR B 122 8.28 -17.50 -50.85
CA THR B 122 8.32 -17.95 -49.46
C THR B 122 6.99 -18.63 -49.15
N MET B 123 5.92 -18.10 -49.73
CA MET B 123 4.58 -18.66 -49.55
C MET B 123 4.56 -20.05 -50.14
N LEU B 124 5.04 -20.19 -51.36
CA LEU B 124 5.16 -21.52 -51.98
C LEU B 124 6.00 -22.50 -51.14
N MET B 125 7.10 -22.02 -50.56
CA MET B 125 7.94 -22.89 -49.73
C MET B 125 7.12 -23.41 -48.55
N CYS B 126 6.35 -22.52 -47.94
CA CYS B 126 5.48 -22.90 -46.83
C CYS B 126 4.35 -23.83 -47.30
N LYS B 127 3.78 -23.52 -48.46
CA LYS B 127 2.70 -24.32 -49.01
C LYS B 127 3.07 -25.79 -49.11
N TYR B 128 4.29 -26.07 -49.56
CA TYR B 128 4.74 -27.44 -49.74
C TYR B 128 5.52 -28.03 -48.55
N ALA B 129 6.06 -27.20 -47.67
CA ALA B 129 6.77 -27.68 -46.46
C ALA B 129 5.82 -28.16 -45.35
N ILE B 130 4.75 -27.39 -45.15
CA ILE B 130 3.82 -27.59 -44.06
C ILE B 130 3.32 -29.05 -43.91
N PRO B 131 2.62 -29.60 -44.91
CA PRO B 131 2.18 -31.00 -44.80
C PRO B 131 3.30 -32.01 -44.43
N ARG B 132 4.52 -31.74 -44.89
CA ARG B 132 5.68 -32.55 -44.46
C ARG B 132 5.98 -32.38 -42.98
N LEU B 133 5.90 -31.14 -42.51
CA LEU B 133 6.09 -30.89 -41.09
C LEU B 133 4.99 -31.61 -40.27
N ILE B 134 3.75 -31.53 -40.74
CA ILE B 134 2.65 -32.20 -40.09
C ILE B 134 2.87 -33.71 -40.08
N SER B 135 3.18 -34.31 -41.23
CA SER B 135 3.51 -35.74 -41.26
C SER B 135 4.61 -36.11 -40.29
N ALA B 136 5.57 -35.23 -40.07
CA ALA B 136 6.69 -35.55 -39.20
C ALA B 136 6.29 -35.61 -37.72
N GLY B 137 5.09 -35.16 -37.38
CA GLY B 137 4.69 -34.95 -35.98
C GLY B 137 4.86 -33.51 -35.47
N GLY B 138 5.14 -32.56 -36.37
CA GLY B 138 5.26 -31.15 -36.02
C GLY B 138 6.59 -30.64 -36.54
N GLY B 139 6.77 -29.33 -36.57
CA GLY B 139 8.03 -28.77 -37.06
C GLY B 139 8.11 -27.27 -36.98
N ALA B 140 9.19 -26.72 -37.53
CA ALA B 140 9.49 -25.31 -37.39
C ALA B 140 9.91 -24.63 -38.71
N ILE B 141 9.31 -23.49 -39.01
CA ILE B 141 9.72 -22.66 -40.12
C ILE B 141 10.21 -21.37 -39.52
N VAL B 142 11.37 -20.88 -39.97
CA VAL B 142 11.83 -19.57 -39.63
C VAL B 142 11.85 -18.78 -40.94
N ASN B 143 11.20 -17.63 -40.97
CA ASN B 143 11.21 -16.73 -42.13
C ASN B 143 12.14 -15.53 -41.90
N ILE B 144 13.00 -15.22 -42.86
CA ILE B 144 13.82 -14.02 -42.72
C ILE B 144 13.11 -12.82 -43.30
N SER B 145 12.85 -11.84 -42.42
CA SER B 145 12.27 -10.52 -42.76
C SER B 145 13.43 -9.56 -42.78
N SER B 146 13.25 -8.35 -42.26
CA SER B 146 14.32 -7.36 -42.22
C SER B 146 13.82 -6.15 -41.47
N ALA B 147 14.71 -5.43 -40.81
CA ALA B 147 14.33 -4.23 -40.11
C ALA B 147 13.72 -3.21 -41.07
N THR B 148 13.99 -3.34 -42.37
CA THR B 148 13.55 -2.36 -43.34
C THR B 148 12.03 -2.32 -43.53
N ALA B 149 11.36 -3.41 -43.15
CA ALA B 149 9.89 -3.46 -43.15
C ALA B 149 9.31 -2.52 -42.11
N HIS B 150 10.09 -2.17 -41.10
CA HIS B 150 9.57 -1.42 -39.95
C HIS B 150 9.93 0.02 -39.94
N ALA B 151 10.94 0.40 -40.70
CA ALA B 151 11.46 1.75 -40.65
C ALA B 151 12.10 2.03 -41.99
N ALA B 152 11.70 3.13 -42.62
CA ALA B 152 11.95 3.35 -44.06
C ALA B 152 13.13 4.22 -44.35
N TYR B 153 13.55 4.17 -45.60
CA TYR B 153 14.54 5.08 -46.13
C TYR B 153 14.47 5.16 -47.66
N ASP B 154 15.47 5.73 -48.30
CA ASP B 154 15.26 6.23 -49.65
C ASP B 154 15.52 5.14 -50.67
N MET B 155 15.60 3.89 -50.22
CA MET B 155 15.71 2.78 -51.14
C MET B 155 15.12 1.48 -50.58
N SER B 156 15.09 0.44 -51.40
CA SER B 156 14.60 -0.87 -51.03
C SER B 156 13.11 -0.92 -50.66
N THR B 157 12.30 -0.07 -51.29
CA THR B 157 10.84 0.00 -51.07
C THR B 157 10.12 -1.34 -51.34
N ALA B 158 10.41 -1.95 -52.48
CA ALA B 158 9.83 -3.24 -52.86
C ALA B 158 10.26 -4.31 -51.88
N TYR B 159 11.57 -4.44 -51.73
CA TYR B 159 12.16 -5.41 -50.82
C TYR B 159 11.53 -5.28 -49.45
N ALA B 160 11.56 -4.06 -48.91
CA ALA B 160 10.97 -3.81 -47.59
C ALA B 160 9.52 -4.32 -47.47
N CYS B 161 8.70 -4.02 -48.48
CA CYS B 161 7.28 -4.34 -48.47
C CYS B 161 7.05 -5.87 -48.55
N THR B 162 7.93 -6.57 -49.27
CA THR B 162 7.85 -8.03 -49.35
C THR B 162 8.18 -8.64 -47.97
N LYS B 163 9.14 -8.06 -47.27
CA LYS B 163 9.46 -8.52 -45.95
C LYS B 163 8.25 -8.34 -45.04
N ALA B 164 7.52 -7.25 -45.20
CA ALA B 164 6.28 -7.06 -44.42
C ALA B 164 5.22 -8.15 -44.69
N ALA B 165 5.06 -8.51 -45.98
CA ALA B 165 4.16 -9.59 -46.43
C ALA B 165 4.54 -10.91 -45.76
N ILE B 166 5.85 -11.12 -45.62
CA ILE B 166 6.37 -12.34 -45.08
C ILE B 166 6.10 -12.38 -43.57
N GLU B 167 6.20 -11.22 -42.93
CA GLU B 167 5.91 -11.15 -41.51
C GLU B 167 4.46 -11.59 -41.23
N THR B 168 3.50 -11.09 -42.01
CA THR B 168 2.11 -11.49 -41.85
C THR B 168 1.94 -12.94 -42.22
N LEU B 169 2.65 -13.39 -43.26
CA LEU B 169 2.62 -14.81 -43.65
C LEU B 169 3.06 -15.74 -42.50
N THR B 170 3.95 -15.24 -41.64
CA THR B 170 4.45 -15.97 -40.47
C THR B 170 3.33 -16.20 -39.46
N ARG B 171 2.57 -15.15 -39.20
CA ARG B 171 1.42 -15.24 -38.30
C ARG B 171 0.31 -16.17 -38.83
N TYR B 172 0.08 -16.16 -40.13
CA TYR B 172 -0.88 -17.07 -40.72
C TYR B 172 -0.46 -18.56 -40.64
N VAL B 173 0.77 -18.87 -41.02
CA VAL B 173 1.28 -20.24 -40.83
C VAL B 173 1.19 -20.66 -39.35
N ALA B 174 1.78 -19.88 -38.46
CA ALA B 174 1.70 -20.18 -37.03
C ALA B 174 0.24 -20.48 -36.58
N THR B 175 -0.70 -19.63 -37.00
CA THR B 175 -2.08 -19.73 -36.53
C THR B 175 -2.82 -20.94 -37.11
N GLN B 176 -2.83 -21.05 -38.44
CA GLN B 176 -3.53 -22.14 -39.15
C GLN B 176 -2.99 -23.57 -38.83
N TYR B 177 -1.70 -23.68 -38.51
CA TYR B 177 -1.07 -24.98 -38.37
C TYR B 177 -0.50 -25.27 -36.97
N GLY B 178 -0.66 -24.32 -36.05
CA GLY B 178 -0.32 -24.57 -34.66
C GLY B 178 -0.98 -25.85 -34.17
N ARG B 179 -2.26 -25.97 -34.42
CA ARG B 179 -2.99 -27.15 -33.99
C ARG B 179 -2.35 -28.46 -34.52
N HIS B 180 -1.70 -28.40 -35.68
CA HIS B 180 -1.01 -29.60 -36.21
C HIS B 180 0.44 -29.72 -35.83
N GLY B 181 0.93 -28.82 -34.96
CA GLY B 181 2.28 -28.94 -34.42
C GLY B 181 3.37 -28.18 -35.16
N VAL B 182 2.97 -27.21 -35.97
CA VAL B 182 3.90 -26.40 -36.75
C VAL B 182 4.07 -25.03 -36.09
N ARG B 183 5.31 -24.58 -35.91
CA ARG B 183 5.59 -23.24 -35.43
C ARG B 183 6.17 -22.44 -36.60
N CYS B 184 5.90 -21.14 -36.61
CA CYS B 184 6.50 -20.23 -37.57
C CYS B 184 6.84 -18.91 -36.85
N ASN B 185 8.10 -18.48 -36.98
CA ASN B 185 8.54 -17.19 -36.48
C ASN B 185 9.34 -16.51 -37.58
N ALA B 186 9.56 -15.21 -37.43
CA ALA B 186 10.40 -14.44 -38.34
C ALA B 186 11.51 -13.66 -37.60
N ILE B 187 12.63 -13.46 -38.29
CA ILE B 187 13.73 -12.66 -37.79
C ILE B 187 13.86 -11.43 -38.69
N ALA B 188 13.87 -10.24 -38.05
CA ALA B 188 14.20 -8.97 -38.72
C ALA B 188 15.63 -8.55 -38.37
N PRO B 189 16.61 -8.94 -39.18
CA PRO B 189 17.99 -8.51 -38.95
C PRO B 189 18.21 -7.01 -39.23
N GLY B 190 19.14 -6.41 -38.50
CA GLY B 190 19.67 -5.09 -38.83
C GLY B 190 20.76 -5.29 -39.86
N LEU B 191 21.72 -4.39 -39.97
CA LEU B 191 22.74 -4.57 -40.98
C LEU B 191 23.70 -5.69 -40.57
N VAL B 192 23.97 -6.59 -41.51
CA VAL B 192 24.81 -7.75 -41.28
C VAL B 192 25.91 -7.75 -42.34
N ARG B 193 27.14 -7.98 -41.90
CA ARG B 193 28.30 -7.97 -42.79
CA ARG B 193 28.30 -7.98 -42.79
C ARG B 193 28.20 -9.14 -43.77
N THR B 194 27.89 -8.84 -45.02
CA THR B 194 27.81 -9.88 -46.04
C THR B 194 28.67 -9.47 -47.25
N PRO B 195 28.90 -10.38 -48.20
CA PRO B 195 29.45 -10.00 -49.52
C PRO B 195 28.50 -9.15 -50.37
N ARG B 196 27.19 -9.41 -50.28
CA ARG B 196 26.16 -8.53 -50.89
C ARG B 196 26.14 -7.14 -50.23
N LEU B 197 26.99 -6.93 -49.21
CA LEU B 197 27.36 -5.61 -48.68
C LEU B 197 28.76 -5.23 -49.23
N GLU B 198 29.77 -6.01 -48.86
CA GLU B 198 31.17 -5.78 -49.30
C GLU B 198 31.32 -5.69 -50.82
N LEU B 201 25.94 -1.17 -50.48
CA LEU B 201 26.07 0.17 -49.87
C LEU B 201 27.54 0.51 -49.60
N PRO B 202 27.97 1.73 -49.98
CA PRO B 202 29.36 2.16 -49.75
C PRO B 202 29.72 2.38 -48.28
N GLN B 203 31.01 2.39 -48.02
CA GLN B 203 31.55 2.35 -46.67
C GLN B 203 31.01 3.42 -45.70
N PRO B 204 30.89 4.69 -46.18
CA PRO B 204 30.44 5.73 -45.27
C PRO B 204 28.96 5.62 -44.95
N ILE B 205 28.18 4.98 -45.80
CA ILE B 205 26.79 4.63 -45.44
C ILE B 205 26.79 3.52 -44.38
N VAL B 206 27.70 2.56 -44.51
CA VAL B 206 27.80 1.48 -43.54
C VAL B 206 28.25 2.03 -42.21
N ASP B 207 29.28 2.88 -42.24
CA ASP B 207 29.76 3.55 -41.03
C ASP B 207 28.61 4.30 -40.32
N ILE B 208 27.75 4.97 -41.08
CA ILE B 208 26.66 5.73 -40.48
C ILE B 208 25.71 4.76 -39.76
N PHE B 209 25.31 3.71 -40.45
CA PHE B 209 24.43 2.71 -39.89
C PHE B 209 24.97 2.06 -38.61
N ALA B 210 26.25 1.74 -38.66
CA ALA B 210 27.01 1.18 -37.55
C ALA B 210 26.88 1.95 -36.23
N THR B 211 26.90 3.27 -36.31
CA THR B 211 26.82 4.08 -35.11
C THR B 211 25.45 3.99 -34.48
N HIS B 212 24.45 3.56 -35.24
CA HIS B 212 23.08 3.49 -34.72
C HIS B 212 22.68 2.12 -34.23
N HIS B 213 23.51 1.10 -34.48
CA HIS B 213 23.41 -0.20 -33.77
C HIS B 213 24.05 -0.03 -32.43
N LEU B 214 23.47 -0.61 -31.38
CA LEU B 214 23.88 -0.28 -30.01
C LEU B 214 25.15 -1.01 -29.57
N ALA B 215 25.54 -2.05 -30.28
CA ALA B 215 26.88 -2.63 -30.09
C ALA B 215 27.97 -1.75 -30.73
N GLY B 216 27.59 -0.83 -31.61
CA GLY B 216 28.54 0.02 -32.34
C GLY B 216 29.19 -0.66 -33.54
N ARG B 217 28.48 -1.62 -34.13
CA ARG B 217 28.98 -2.38 -35.24
C ARG B 217 27.84 -3.08 -35.93
N ILE B 218 28.04 -3.44 -37.17
CA ILE B 218 27.07 -4.24 -37.89
C ILE B 218 27.18 -5.69 -37.37
N GLY B 219 26.13 -6.48 -37.63
CA GLY B 219 26.06 -7.86 -37.20
C GLY B 219 26.98 -8.76 -38.00
N GLU B 220 27.25 -9.96 -37.48
CA GLU B 220 27.89 -11.05 -38.24
C GLU B 220 26.87 -12.17 -38.61
N PRO B 221 26.99 -12.75 -39.82
CA PRO B 221 26.11 -13.85 -40.17
C PRO B 221 25.81 -14.83 -39.03
N HIS B 222 26.81 -15.26 -38.28
CA HIS B 222 26.55 -16.27 -37.24
C HIS B 222 25.58 -15.79 -36.14
N GLU B 223 25.48 -14.49 -35.94
CA GLU B 223 24.55 -13.93 -34.94
C GLU B 223 23.09 -14.00 -35.41
N ILE B 224 22.88 -14.15 -36.70
CA ILE B 224 21.58 -14.49 -37.16
C ILE B 224 21.41 -16.01 -37.15
N ALA B 225 22.46 -16.75 -37.52
CA ALA B 225 22.39 -18.22 -37.56
C ALA B 225 22.00 -18.75 -36.20
N GLU B 226 22.53 -18.15 -35.14
CA GLU B 226 22.24 -18.62 -33.80
C GLU B 226 20.77 -18.46 -33.38
N LEU B 227 20.11 -17.39 -33.82
CA LEU B 227 18.68 -17.23 -33.56
C LEU B 227 17.87 -18.19 -34.42
N VAL B 228 18.32 -18.45 -35.65
CA VAL B 228 17.61 -19.40 -36.49
C VAL B 228 17.63 -20.76 -35.82
N CYS B 229 18.84 -21.18 -35.44
CA CYS B 229 19.01 -22.43 -34.75
C CYS B 229 18.04 -22.53 -33.55
N PHE B 230 18.00 -21.49 -32.72
CA PHE B 230 17.18 -21.52 -31.53
C PHE B 230 15.69 -21.58 -31.84
N LEU B 231 15.22 -20.71 -32.72
CA LEU B 231 13.82 -20.72 -33.15
C LEU B 231 13.44 -22.00 -33.89
N ALA B 232 14.39 -22.65 -34.58
CA ALA B 232 14.10 -23.93 -35.23
C ALA B 232 14.01 -25.12 -34.27
N SER B 233 14.37 -24.91 -33.00
CA SER B 233 14.58 -25.98 -32.04
C SER B 233 13.43 -26.14 -31.05
N ASP B 234 13.42 -27.29 -30.38
CA ASP B 234 12.43 -27.59 -29.38
C ASP B 234 12.51 -26.67 -28.18
N ARG B 235 13.66 -26.05 -27.92
CA ARG B 235 13.73 -25.10 -26.80
C ARG B 235 12.75 -23.93 -26.98
N ALA B 236 12.29 -23.69 -28.21
CA ALA B 236 11.34 -22.61 -28.53
C ALA B 236 9.91 -23.12 -28.75
N ALA B 237 9.58 -24.29 -28.19
CA ALA B 237 8.26 -24.86 -28.43
C ALA B 237 7.06 -23.95 -27.99
N PHE B 238 7.29 -22.93 -27.15
CA PHE B 238 6.21 -22.02 -26.76
C PHE B 238 6.38 -20.67 -27.43
N ILE B 239 7.20 -20.63 -28.49
CA ILE B 239 7.41 -19.42 -29.25
C ILE B 239 6.93 -19.62 -30.69
N THR B 240 5.89 -18.86 -31.06
CA THR B 240 5.31 -19.00 -32.40
C THR B 240 4.60 -17.76 -32.83
N GLY B 241 4.62 -17.52 -34.13
CA GLY B 241 3.94 -16.38 -34.74
C GLY B 241 4.56 -15.04 -34.43
N GLN B 242 5.84 -15.05 -34.04
CA GLN B 242 6.55 -13.85 -33.65
C GLN B 242 7.52 -13.33 -34.71
N VAL B 243 7.79 -12.03 -34.65
CA VAL B 243 8.82 -11.36 -35.42
C VAL B 243 9.83 -10.82 -34.40
N ILE B 244 11.06 -11.33 -34.47
CA ILE B 244 12.06 -11.03 -33.46
C ILE B 244 13.21 -10.29 -34.12
N ALA B 245 13.49 -9.11 -33.61
CA ALA B 245 14.54 -8.30 -34.18
C ALA B 245 15.90 -8.76 -33.66
N ALA B 246 16.81 -9.05 -34.59
CA ALA B 246 18.23 -9.29 -34.30
C ALA B 246 19.01 -8.13 -34.95
N ASP B 247 18.94 -6.97 -34.30
CA ASP B 247 19.38 -5.71 -34.89
C ASP B 247 20.10 -4.77 -33.91
N SER B 248 20.63 -5.33 -32.83
CA SER B 248 21.37 -4.53 -31.84
C SER B 248 20.58 -3.28 -31.38
N GLY B 249 19.28 -3.42 -31.25
CA GLY B 249 18.41 -2.33 -30.84
C GLY B 249 18.41 -1.14 -31.80
N LEU B 250 18.48 -1.39 -33.11
CA LEU B 250 18.48 -0.31 -34.10
C LEU B 250 17.29 0.61 -33.87
N LEU B 251 16.14 0.00 -33.65
CA LEU B 251 14.89 0.74 -33.55
C LEU B 251 14.41 0.91 -32.08
N ALA B 252 15.28 0.56 -31.13
CA ALA B 252 14.96 0.64 -29.69
C ALA B 252 15.26 2.02 -29.11
N HIS B 253 15.91 2.88 -29.89
CA HIS B 253 16.38 4.16 -29.42
C HIS B 253 15.93 5.30 -30.28
N LEU B 254 15.86 6.49 -29.69
CA LEU B 254 15.53 7.68 -30.42
C LEU B 254 16.58 7.87 -31.49
N PRO B 255 16.15 8.27 -32.69
CA PRO B 255 17.11 8.59 -33.71
C PRO B 255 17.84 9.89 -33.32
N GLY B 256 19.00 10.11 -33.90
CA GLY B 256 19.81 11.28 -33.53
C GLY B 256 20.55 11.16 -32.22
N LEU B 257 20.66 9.94 -31.69
CA LEU B 257 21.33 9.67 -30.44
C LEU B 257 22.84 9.84 -30.56
N PRO B 258 23.45 9.31 -31.64
CA PRO B 258 24.90 9.48 -31.70
C PRO B 258 25.33 10.96 -31.76
N GLN B 259 24.61 11.79 -32.49
CA GLN B 259 25.00 13.22 -32.56
C GLN B 259 24.56 14.03 -31.33
N ILE B 260 23.46 13.62 -30.69
CA ILE B 260 23.11 14.18 -29.34
C ILE B 260 24.20 13.88 -28.31
N ARG B 261 24.74 12.66 -28.35
CA ARG B 261 25.88 12.30 -27.50
C ARG B 261 27.12 13.17 -27.79
N ALA B 262 27.48 13.31 -29.07
CA ALA B 262 28.58 14.20 -29.50
C ALA B 262 28.30 15.66 -29.09
N SER B 263 27.07 16.10 -29.30
CA SER B 263 26.64 17.44 -28.85
C SER B 263 26.78 17.64 -27.35
N VAL B 264 26.30 16.68 -26.56
CA VAL B 264 26.38 16.76 -25.11
C VAL B 264 27.84 16.78 -24.68
N ALA B 265 28.66 15.93 -25.29
CA ALA B 265 30.11 15.93 -25.03
C ALA B 265 30.79 17.30 -25.29
N GLU B 266 30.35 18.03 -26.31
CA GLU B 266 30.85 19.39 -26.55
C GLU B 266 30.29 20.36 -25.49
N LEU B 267 28.98 20.58 -25.51
CA LEU B 267 28.31 21.49 -24.55
C LEU B 267 28.37 20.94 -23.12
N ALA C 7 -14.97 24.32 -43.20
CA ALA C 7 -15.14 22.86 -43.35
C ALA C 7 -13.74 22.24 -43.45
N GLU C 8 -13.65 20.98 -43.04
CA GLU C 8 -12.34 20.34 -42.78
C GLU C 8 -11.41 20.20 -44.02
N LEU C 9 -11.98 20.03 -45.19
CA LEU C 9 -11.22 19.82 -46.41
C LEU C 9 -11.54 20.90 -47.45
N GLU C 10 -11.73 22.15 -47.00
CA GLU C 10 -12.20 23.22 -47.92
C GLU C 10 -11.30 23.35 -49.17
N ASN C 11 -11.89 23.18 -50.36
CA ASN C 11 -11.17 23.38 -51.62
C ASN C 11 -10.12 22.29 -51.94
N LYS C 12 -10.21 21.14 -51.28
CA LYS C 12 -9.26 20.02 -51.49
C LYS C 12 -9.77 19.11 -52.59
N VAL C 13 -8.87 18.56 -53.39
CA VAL C 13 -9.25 17.61 -54.42
C VAL C 13 -8.82 16.19 -54.02
N ALA C 14 -9.79 15.30 -54.02
CA ALA C 14 -9.64 13.99 -53.42
C ALA C 14 -9.98 12.89 -54.41
N ILE C 15 -9.09 11.91 -54.55
CA ILE C 15 -9.39 10.67 -55.26
C ILE C 15 -9.77 9.58 -54.26
N ILE C 16 -10.93 8.96 -54.46
CA ILE C 16 -11.31 7.75 -53.70
C ILE C 16 -11.43 6.55 -54.65
N THR C 17 -10.54 5.56 -54.47
CA THR C 17 -10.59 4.36 -55.29
C THR C 17 -11.43 3.32 -54.56
N GLY C 18 -12.06 2.42 -55.29
CA GLY C 18 -13.04 1.48 -54.71
C GLY C 18 -14.29 2.23 -54.26
N ALA C 19 -14.60 3.33 -54.96
CA ALA C 19 -15.67 4.25 -54.56
C ALA C 19 -17.08 3.70 -54.64
N CYS C 20 -17.29 2.61 -55.38
CA CYS C 20 -18.62 2.02 -55.39
C CYS C 20 -18.83 1.03 -54.23
N GLY C 21 -17.77 0.74 -53.49
CA GLY C 21 -17.86 -0.23 -52.40
C GLY C 21 -18.48 0.40 -51.18
N GLY C 22 -18.72 -0.42 -50.16
CA GLY C 22 -19.36 0.03 -48.94
C GLY C 22 -18.62 1.20 -48.34
N ILE C 23 -17.36 0.96 -47.99
CA ILE C 23 -16.55 1.96 -47.32
C ILE C 23 -16.19 3.13 -48.25
N GLY C 24 -15.79 2.82 -49.48
CA GLY C 24 -15.41 3.85 -50.43
C GLY C 24 -16.51 4.83 -50.76
N LEU C 25 -17.72 4.32 -51.05
CA LEU C 25 -18.87 5.22 -51.30
C LEU C 25 -19.12 6.12 -50.10
N GLU C 26 -19.03 5.54 -48.91
CA GLU C 26 -19.28 6.30 -47.70
C GLU C 26 -18.17 7.30 -47.42
N THR C 27 -16.94 6.94 -47.76
CA THR C 27 -15.84 7.85 -47.58
C THR C 27 -16.06 9.02 -48.52
N SER C 28 -16.42 8.70 -49.76
CA SER C 28 -16.76 9.75 -50.69
C SER C 28 -17.77 10.78 -50.13
N ARG C 29 -18.77 10.33 -49.36
CA ARG C 29 -19.79 11.25 -48.85
C ARG C 29 -19.21 12.18 -47.82
N VAL C 30 -18.48 11.62 -46.85
CA VAL C 30 -17.92 12.39 -45.75
C VAL C 30 -16.88 13.38 -46.28
N LEU C 31 -16.07 12.96 -47.25
CA LEU C 31 -15.02 13.85 -47.78
C LEU C 31 -15.66 15.02 -48.50
N ALA C 32 -16.67 14.74 -49.32
CA ALA C 32 -17.39 15.79 -50.06
C ALA C 32 -18.23 16.65 -49.12
N ARG C 33 -18.74 16.04 -48.05
CA ARG C 33 -19.46 16.77 -47.01
C ARG C 33 -18.52 17.66 -46.18
N ALA C 34 -17.24 17.30 -46.11
CA ALA C 34 -16.24 18.10 -45.41
C ALA C 34 -15.61 19.18 -46.30
N GLY C 35 -16.07 19.28 -47.56
CA GLY C 35 -15.70 20.36 -48.46
C GLY C 35 -14.88 20.00 -49.69
N ALA C 36 -14.60 18.71 -49.87
CA ALA C 36 -13.69 18.29 -50.96
C ALA C 36 -14.39 18.19 -52.32
N ARG C 37 -13.62 18.48 -53.35
CA ARG C 37 -14.00 18.18 -54.69
C ARG C 37 -13.52 16.76 -54.92
N VAL C 38 -14.45 15.81 -54.92
CA VAL C 38 -14.10 14.42 -54.90
C VAL C 38 -14.20 13.74 -56.26
N VAL C 39 -13.27 12.82 -56.52
CA VAL C 39 -13.29 12.02 -57.76
C VAL C 39 -13.44 10.59 -57.35
N LEU C 40 -14.55 9.97 -57.77
CA LEU C 40 -14.85 8.56 -57.46
C LEU C 40 -14.34 7.62 -58.56
N ALA C 41 -13.48 6.66 -58.21
CA ALA C 41 -12.86 5.76 -59.17
C ALA C 41 -13.04 4.31 -58.74
N ASP C 42 -13.30 3.45 -59.72
CA ASP C 42 -13.57 2.03 -59.48
C ASP C 42 -13.66 1.35 -60.86
N LEU C 43 -13.84 0.04 -60.86
CA LEU C 43 -13.87 -0.73 -62.07
C LEU C 43 -15.03 -0.29 -62.96
N PRO C 44 -14.89 -0.47 -64.29
CA PRO C 44 -15.88 -0.06 -65.29
C PRO C 44 -17.23 -0.75 -65.24
N GLU C 45 -17.32 -1.91 -64.62
CA GLU C 45 -18.61 -2.56 -64.53
C GLU C 45 -19.41 -2.06 -63.35
N THR C 46 -18.81 -1.18 -62.52
CA THR C 46 -19.49 -0.61 -61.35
C THR C 46 -20.26 0.62 -61.75
N ASP C 47 -21.18 1.02 -60.89
CA ASP C 47 -22.08 2.12 -61.20
C ASP C 47 -21.53 3.43 -60.69
N LEU C 48 -20.47 3.92 -61.33
CA LEU C 48 -19.81 5.15 -60.87
C LEU C 48 -20.70 6.36 -61.02
N ALA C 49 -21.46 6.40 -62.11
CA ALA C 49 -22.47 7.44 -62.37
C ALA C 49 -23.40 7.57 -61.16
N GLY C 50 -23.94 6.44 -60.73
CA GLY C 50 -24.85 6.42 -59.59
C GLY C 50 -24.22 6.84 -58.28
N ALA C 51 -23.01 6.39 -58.02
CA ALA C 51 -22.31 6.82 -56.81
C ALA C 51 -22.08 8.33 -56.84
N ALA C 52 -21.51 8.86 -57.92
CA ALA C 52 -21.29 10.31 -58.04
C ALA C 52 -22.58 11.12 -57.87
N ALA C 53 -23.67 10.62 -58.45
CA ALA C 53 -24.99 11.23 -58.32
C ALA C 53 -25.38 11.28 -56.86
N SER C 54 -25.37 10.12 -56.22
CA SER C 54 -25.70 10.00 -54.80
C SER C 54 -24.78 10.82 -53.89
N VAL C 55 -23.55 11.07 -54.30
CA VAL C 55 -22.63 11.86 -53.47
C VAL C 55 -22.94 13.35 -53.61
N GLY C 56 -23.24 13.78 -54.84
CA GLY C 56 -23.45 15.18 -55.12
C GLY C 56 -22.26 16.06 -54.75
N ARG C 57 -22.55 17.35 -54.56
CA ARG C 57 -21.55 18.35 -54.18
C ARG C 57 -20.41 18.46 -55.19
N GLY C 58 -20.74 18.34 -56.48
CA GLY C 58 -19.75 18.47 -57.54
C GLY C 58 -18.78 17.30 -57.61
N ALA C 59 -19.17 16.15 -57.08
CA ALA C 59 -18.39 14.93 -57.18
C ALA C 59 -18.43 14.42 -58.62
N VAL C 60 -17.29 13.93 -59.09
CA VAL C 60 -17.15 13.35 -60.43
C VAL C 60 -16.72 11.92 -60.30
N HIS C 61 -16.55 11.25 -61.42
CA HIS C 61 -16.18 9.85 -61.42
C HIS C 61 -15.35 9.53 -62.60
N HIS C 62 -14.38 8.63 -62.42
CA HIS C 62 -13.57 8.15 -63.52
C HIS C 62 -13.13 6.73 -63.28
N VAL C 63 -13.32 5.87 -64.26
CA VAL C 63 -12.94 4.46 -64.15
C VAL C 63 -11.46 4.28 -63.88
N VAL C 64 -11.13 3.24 -63.14
CA VAL C 64 -9.74 2.83 -62.96
C VAL C 64 -9.63 1.30 -62.79
N ASP C 65 -8.57 0.74 -63.33
CA ASP C 65 -8.24 -0.66 -63.16
C ASP C 65 -6.84 -0.73 -62.53
N LEU C 66 -6.80 -0.96 -61.21
CA LEU C 66 -5.53 -0.94 -60.48
C LEU C 66 -4.46 -1.88 -61.03
N THR C 67 -4.86 -2.92 -61.74
CA THR C 67 -3.90 -3.87 -62.32
C THR C 67 -3.19 -3.32 -63.55
N ASN C 68 -3.39 -2.05 -63.89
CA ASN C 68 -2.96 -1.50 -65.17
C ASN C 68 -2.48 -0.06 -65.03
N GLU C 69 -1.17 0.13 -65.24
CA GLU C 69 -0.51 1.42 -65.01
C GLU C 69 -1.06 2.53 -65.92
N VAL C 70 -1.31 2.18 -67.18
CA VAL C 70 -1.97 3.09 -68.13
C VAL C 70 -3.22 3.67 -67.46
N SER C 71 -4.12 2.78 -67.03
CA SER C 71 -5.37 3.17 -66.36
C SER C 71 -5.18 4.03 -65.08
N VAL C 72 -4.22 3.66 -64.25
CA VAL C 72 -3.80 4.52 -63.14
C VAL C 72 -3.32 5.89 -63.65
N ARG C 73 -2.40 5.90 -64.62
CA ARG C 73 -1.92 7.16 -65.23
C ARG C 73 -3.11 8.01 -65.71
N ALA C 74 -4.08 7.35 -66.34
CA ALA C 74 -5.23 8.06 -66.91
C ALA C 74 -6.13 8.68 -65.83
N LEU C 75 -6.19 8.07 -64.66
CA LEU C 75 -7.04 8.56 -63.57
C LEU C 75 -6.50 9.85 -62.99
N ILE C 76 -5.22 9.83 -62.65
CA ILE C 76 -4.54 11.01 -62.10
C ILE C 76 -4.62 12.20 -63.05
N ASP C 77 -4.36 11.96 -64.33
CA ASP C 77 -4.42 13.04 -65.36
C ASP C 77 -5.82 13.63 -65.58
N PHE C 78 -6.84 12.79 -65.53
CA PHE C 78 -8.22 13.26 -65.61
C PHE C 78 -8.50 14.27 -64.50
N THR C 79 -8.08 13.89 -63.30
CA THR C 79 -8.23 14.75 -62.13
C THR C 79 -7.54 16.07 -62.32
N ILE C 80 -6.36 16.08 -62.94
CA ILE C 80 -5.63 17.31 -63.08
C ILE C 80 -6.19 18.13 -64.23
N ASP C 81 -6.62 17.49 -65.29
CA ASP C 81 -7.31 18.20 -66.37
C ASP C 81 -8.55 18.90 -65.85
N THR C 82 -9.27 18.24 -64.95
CA THR C 82 -10.59 18.68 -64.44
C THR C 82 -10.49 19.78 -63.38
N PHE C 83 -9.64 19.58 -62.37
CA PHE C 83 -9.48 20.52 -61.25
C PHE C 83 -8.13 21.26 -61.21
N GLY C 84 -7.15 20.82 -62.01
CA GLY C 84 -5.86 21.52 -62.06
C GLY C 84 -4.94 21.27 -60.88
N ARG C 85 -5.36 20.43 -59.93
CA ARG C 85 -4.59 20.15 -58.71
C ARG C 85 -5.07 18.84 -58.05
N LEU C 86 -4.22 18.24 -57.21
CA LEU C 86 -4.59 17.04 -56.44
C LEU C 86 -4.04 17.13 -55.03
N ASP C 87 -4.88 17.03 -54.01
CA ASP C 87 -4.49 17.21 -52.60
C ASP C 87 -4.53 15.96 -51.72
N ILE C 88 -5.42 15.03 -52.06
CA ILE C 88 -5.71 13.88 -51.22
C ILE C 88 -5.92 12.67 -52.14
N VAL C 89 -5.36 11.51 -51.76
CA VAL C 89 -5.73 10.21 -52.34
C VAL C 89 -6.09 9.26 -51.22
N ASP C 90 -7.24 8.59 -51.36
CA ASP C 90 -7.64 7.48 -50.50
C ASP C 90 -7.48 6.13 -51.26
N ASN C 91 -6.40 5.41 -51.01
CA ASN C 91 -6.18 4.11 -51.66
C ASN C 91 -6.96 3.07 -50.92
N ASN C 92 -8.22 2.95 -51.34
CA ASN C 92 -9.21 2.18 -50.60
C ASN C 92 -9.60 0.88 -51.33
N ALA C 93 -9.45 0.87 -52.64
CA ALA C 93 -9.76 -0.31 -53.45
C ALA C 93 -8.94 -1.52 -53.00
N ALA C 94 -9.55 -2.69 -53.04
CA ALA C 94 -8.90 -3.89 -52.58
C ALA C 94 -9.55 -5.12 -53.22
N HIS C 95 -8.77 -6.04 -53.75
CA HIS C 95 -9.31 -7.29 -54.27
C HIS C 95 -9.31 -8.31 -53.17
N SER C 96 -10.36 -9.13 -53.13
CA SER C 96 -10.49 -10.18 -52.12
C SER C 96 -11.24 -11.41 -52.64
N ASP C 97 -10.49 -12.45 -52.97
CA ASP C 97 -11.00 -13.62 -53.65
C ASP C 97 -11.59 -14.60 -52.61
N PRO C 98 -12.77 -15.21 -52.92
CA PRO C 98 -13.35 -16.25 -52.06
C PRO C 98 -12.56 -17.54 -51.95
N ALA C 99 -11.68 -17.83 -52.90
CA ALA C 99 -10.77 -19.01 -52.78
C ALA C 99 -9.48 -18.71 -51.97
N ASP C 100 -9.43 -17.55 -51.32
CA ASP C 100 -8.30 -17.10 -50.53
C ASP C 100 -8.44 -17.68 -49.12
N MET C 101 -8.00 -18.92 -48.97
CA MET C 101 -8.22 -19.64 -47.74
C MET C 101 -6.87 -19.91 -47.02
N LEU C 102 -6.48 -21.17 -46.86
CA LEU C 102 -5.29 -21.54 -46.11
C LEU C 102 -4.01 -21.46 -46.94
N VAL C 103 -2.88 -21.29 -46.23
CA VAL C 103 -1.57 -21.25 -46.87
C VAL C 103 -1.41 -22.43 -47.79
N THR C 104 -1.61 -23.63 -47.24
CA THR C 104 -1.46 -24.87 -48.01
C THR C 104 -2.42 -24.99 -49.19
N GLN C 105 -3.55 -24.28 -49.14
CA GLN C 105 -4.50 -24.28 -50.26
C GLN C 105 -4.28 -23.14 -51.29
N MET C 106 -3.32 -22.27 -51.04
CA MET C 106 -3.09 -21.15 -51.95
C MET C 106 -2.67 -21.59 -53.34
N THR C 107 -3.23 -20.92 -54.34
CA THR C 107 -2.73 -21.03 -55.71
C THR C 107 -2.07 -19.72 -56.09
N VAL C 108 -1.14 -19.79 -57.03
CA VAL C 108 -0.45 -18.59 -57.45
C VAL C 108 -1.40 -17.60 -58.12
N ASP C 109 -2.46 -18.07 -58.78
CA ASP C 109 -3.41 -17.14 -59.39
C ASP C 109 -4.17 -16.30 -58.36
N VAL C 110 -4.65 -16.92 -57.28
CA VAL C 110 -5.30 -16.16 -56.23
C VAL C 110 -4.32 -15.17 -55.56
N TRP C 111 -3.09 -15.62 -55.34
CA TRP C 111 -2.06 -14.79 -54.72
C TRP C 111 -1.74 -13.59 -55.57
N ASP C 112 -1.44 -13.78 -56.85
CA ASP C 112 -1.05 -12.68 -57.73
C ASP C 112 -2.18 -11.75 -58.09
N ASP C 113 -3.37 -12.28 -58.36
CA ASP C 113 -4.51 -11.42 -58.60
C ASP C 113 -4.54 -10.39 -57.46
N THR C 114 -4.55 -10.90 -56.23
CA THR C 114 -4.66 -10.10 -55.00
C THR C 114 -3.51 -9.10 -54.82
N PHE C 115 -2.29 -9.53 -55.09
CA PHE C 115 -1.11 -8.68 -54.91
C PHE C 115 -1.03 -7.63 -56.02
N THR C 116 -1.39 -8.00 -57.24
CA THR C 116 -1.50 -7.08 -58.35
C THR C 116 -2.49 -5.93 -58.05
N VAL C 117 -3.68 -6.24 -57.53
CA VAL C 117 -4.63 -5.17 -57.20
C VAL C 117 -4.17 -4.39 -55.98
N ASN C 118 -3.98 -5.07 -54.86
CA ASN C 118 -3.74 -4.41 -53.57
C ASN C 118 -2.34 -3.78 -53.40
N ALA C 119 -1.30 -4.58 -53.56
CA ALA C 119 0.07 -4.15 -53.30
C ALA C 119 0.59 -3.33 -54.49
N ARG C 120 0.66 -3.96 -55.65
CA ARG C 120 1.16 -3.26 -56.79
C ARG C 120 0.29 -2.05 -57.16
N GLY C 121 -1.02 -2.23 -57.11
CA GLY C 121 -1.93 -1.14 -57.48
C GLY C 121 -1.79 0.07 -56.60
N THR C 122 -1.69 -0.15 -55.30
CA THR C 122 -1.58 0.97 -54.38
C THR C 122 -0.26 1.68 -54.65
N MET C 123 0.81 0.91 -54.84
CA MET C 123 2.10 1.46 -55.21
C MET C 123 2.00 2.32 -56.47
N LEU C 124 1.36 1.80 -57.54
CA LEU C 124 1.17 2.58 -58.78
C LEU C 124 0.39 3.87 -58.52
N MET C 125 -0.60 3.82 -57.64
CA MET C 125 -1.36 5.02 -57.31
C MET C 125 -0.49 6.07 -56.60
N CYS C 126 0.38 5.61 -55.71
CA CYS C 126 1.30 6.52 -55.05
C CYS C 126 2.35 7.04 -56.06
N LYS C 127 2.79 6.18 -56.97
CA LYS C 127 3.78 6.55 -57.98
C LYS C 127 3.39 7.84 -58.73
N TYR C 128 2.15 7.90 -59.18
CA TYR C 128 1.70 9.01 -60.01
C TYR C 128 1.07 10.15 -59.20
N ALA C 129 0.46 9.86 -58.05
CA ALA C 129 -0.13 10.91 -57.21
C ALA C 129 0.90 11.79 -56.52
N ILE C 130 2.00 11.20 -56.06
CA ILE C 130 3.04 11.95 -55.35
C ILE C 130 3.57 13.19 -56.09
N PRO C 131 3.94 13.05 -57.37
CA PRO C 131 4.40 14.25 -58.09
C PRO C 131 3.43 15.40 -58.02
N ARG C 132 2.13 15.08 -58.11
CA ARG C 132 1.08 16.10 -58.16
C ARG C 132 0.81 16.74 -56.81
N LEU C 133 0.88 15.95 -55.75
CA LEU C 133 0.70 16.44 -54.39
C LEU C 133 1.84 17.38 -54.02
N ILE C 134 3.06 17.07 -54.46
CA ILE C 134 4.19 17.94 -54.23
C ILE C 134 3.93 19.29 -54.90
N SER C 135 3.44 19.25 -56.13
CA SER C 135 3.05 20.49 -56.85
C SER C 135 1.86 21.24 -56.23
N ALA C 136 1.04 20.56 -55.45
CA ALA C 136 0.07 21.26 -54.62
C ALA C 136 0.73 22.08 -53.51
N GLY C 137 1.97 21.75 -53.13
CA GLY C 137 2.62 22.34 -51.95
C GLY C 137 2.42 21.45 -50.72
N GLY C 138 2.33 20.15 -50.97
CA GLY C 138 2.09 19.15 -49.91
C GLY C 138 0.71 18.53 -50.06
N GLY C 139 0.50 17.39 -49.41
CA GLY C 139 -0.78 16.70 -49.47
C GLY C 139 -0.78 15.40 -48.67
N ALA C 140 -1.91 14.70 -48.66
CA ALA C 140 -2.03 13.50 -47.85
C ALA C 140 -2.41 12.29 -48.69
N ILE C 141 -1.91 11.12 -48.29
CA ILE C 141 -2.35 9.81 -48.80
C ILE C 141 -2.77 8.99 -47.60
N VAL C 142 -3.94 8.38 -47.72
CA VAL C 142 -4.45 7.45 -46.74
C VAL C 142 -4.61 6.13 -47.47
N ASN C 143 -3.95 5.10 -46.97
CA ASN C 143 -4.04 3.78 -47.55
C ASN C 143 -4.86 2.91 -46.59
N ILE C 144 -5.82 2.13 -47.09
CA ILE C 144 -6.57 1.25 -46.19
C ILE C 144 -5.82 -0.09 -46.07
N SER C 145 -5.59 -0.49 -44.83
CA SER C 145 -5.08 -1.81 -44.50
C SER C 145 -6.21 -2.68 -43.90
N SER C 146 -5.91 -3.40 -42.82
CA SER C 146 -6.82 -4.38 -42.26
C SER C 146 -6.26 -4.96 -40.95
N ALA C 147 -7.12 -5.25 -39.98
CA ALA C 147 -6.70 -5.89 -38.72
C ALA C 147 -5.95 -7.17 -39.01
N THR C 148 -6.34 -7.85 -40.09
CA THR C 148 -5.86 -9.19 -40.43
C THR C 148 -4.37 -9.24 -40.73
N ALA C 149 -3.79 -8.12 -41.15
CA ALA C 149 -2.33 -8.07 -41.33
C ALA C 149 -1.61 -8.34 -40.03
N HIS C 150 -2.24 -7.98 -38.91
CA HIS C 150 -1.62 -8.06 -37.58
C HIS C 150 -2.00 -9.25 -36.78
N ALA C 151 -3.11 -9.91 -37.12
CA ALA C 151 -3.52 -11.12 -36.42
C ALA C 151 -4.32 -12.02 -37.37
N ALA C 152 -3.93 -13.28 -37.40
CA ALA C 152 -4.27 -14.20 -38.47
C ALA C 152 -5.55 -15.01 -38.18
N TYR C 153 -6.11 -15.61 -39.23
CA TYR C 153 -7.12 -16.68 -39.07
C TYR C 153 -7.06 -17.60 -40.27
N ASP C 154 -8.08 -18.43 -40.42
CA ASP C 154 -8.01 -19.52 -41.39
C ASP C 154 -8.44 -19.09 -42.78
N MET C 155 -8.47 -17.79 -43.03
CA MET C 155 -8.82 -17.31 -44.37
C MET C 155 -8.21 -15.94 -44.60
N SER C 156 -8.12 -15.57 -45.88
CA SER C 156 -7.72 -14.23 -46.31
C SER C 156 -6.21 -14.00 -46.16
N THR C 157 -5.43 -15.06 -46.37
CA THR C 157 -3.99 -15.01 -46.16
C THR C 157 -3.33 -14.03 -47.13
N ALA C 158 -3.63 -14.22 -48.42
CA ALA C 158 -3.10 -13.35 -49.48
C ALA C 158 -3.49 -11.89 -49.19
N TYR C 159 -4.79 -11.69 -48.98
CA TYR C 159 -5.33 -10.39 -48.61
C TYR C 159 -4.56 -9.81 -47.42
N ALA C 160 -4.45 -10.59 -46.36
CA ALA C 160 -3.70 -10.20 -45.19
C ALA C 160 -2.26 -9.78 -45.52
N CYS C 161 -1.56 -10.59 -46.31
CA CYS C 161 -0.17 -10.28 -46.64
C CYS C 161 -0.04 -9.00 -47.50
N THR C 162 -0.97 -8.74 -48.41
CA THR C 162 -0.94 -7.51 -49.23
C THR C 162 -1.12 -6.25 -48.36
N LYS C 163 -1.91 -6.35 -47.31
CA LYS C 163 -2.16 -5.21 -46.42
C LYS C 163 -0.94 -4.91 -45.56
N ALA C 164 -0.27 -5.96 -45.13
CA ALA C 164 1.07 -5.80 -44.54
C ALA C 164 1.98 -4.96 -45.46
N ALA C 165 1.97 -5.31 -46.75
CA ALA C 165 2.82 -4.66 -47.72
C ALA C 165 2.49 -3.15 -47.84
N ILE C 166 1.19 -2.82 -47.83
CA ILE C 166 0.73 -1.43 -47.94
C ILE C 166 1.09 -0.60 -46.70
N GLU C 167 1.15 -1.26 -45.53
CA GLU C 167 1.57 -0.59 -44.29
C GLU C 167 3.03 -0.14 -44.34
N THR C 168 3.91 -1.00 -44.86
CA THR C 168 5.31 -0.63 -45.05
C THR C 168 5.47 0.43 -46.13
N LEU C 169 4.74 0.21 -47.23
CA LEU C 169 4.67 1.21 -48.29
C LEU C 169 4.34 2.57 -47.71
N THR C 170 3.39 2.61 -46.76
CA THR C 170 2.94 3.87 -46.21
C THR C 170 4.08 4.57 -45.50
N ARG C 171 4.84 3.81 -44.73
CA ARG C 171 6.03 4.35 -44.08
C ARG C 171 7.04 4.89 -45.12
N TYR C 172 7.25 4.13 -46.20
CA TYR C 172 8.22 4.53 -47.23
C TYR C 172 7.79 5.80 -47.95
N VAL C 173 6.51 5.90 -48.23
CA VAL C 173 5.98 7.12 -48.81
C VAL C 173 6.17 8.34 -47.88
N ALA C 174 5.84 8.17 -46.59
CA ALA C 174 6.04 9.24 -45.58
C ALA C 174 7.50 9.68 -45.43
N THR C 175 8.41 8.73 -45.39
CA THR C 175 9.82 9.01 -45.12
C THR C 175 10.40 9.71 -46.33
N GLN C 176 10.00 9.25 -47.51
CA GLN C 176 10.62 9.71 -48.74
C GLN C 176 10.16 11.09 -49.15
N TYR C 177 8.91 11.43 -48.83
CA TYR C 177 8.30 12.63 -49.39
C TYR C 177 7.77 13.61 -48.33
N GLY C 178 8.09 13.34 -47.07
CA GLY C 178 7.89 14.29 -45.98
C GLY C 178 8.62 15.62 -46.19
N ARG C 179 9.85 15.58 -46.69
CA ARG C 179 10.59 16.83 -46.94
C ARG C 179 9.92 17.62 -48.09
N HIS C 180 8.99 17.02 -48.83
CA HIS C 180 8.28 17.71 -49.90
C HIS C 180 6.80 17.92 -49.59
N GLY C 181 6.43 17.83 -48.31
CA GLY C 181 5.08 18.14 -47.87
C GLY C 181 4.03 17.04 -48.07
N VAL C 182 4.46 15.81 -48.35
CA VAL C 182 3.53 14.68 -48.47
C VAL C 182 3.46 13.91 -47.17
N ARG C 183 2.26 13.75 -46.62
CA ARG C 183 2.01 12.81 -45.51
C ARG C 183 1.36 11.57 -46.06
N CYS C 184 1.59 10.43 -45.39
CA CYS C 184 0.93 9.18 -45.75
C CYS C 184 0.66 8.41 -44.49
N ASN C 185 -0.58 7.96 -44.33
CA ASN C 185 -0.92 7.11 -43.20
C ASN C 185 -1.82 5.96 -43.71
N ALA C 186 -1.97 4.93 -42.88
CA ALA C 186 -2.79 3.78 -43.18
C ALA C 186 -3.79 3.63 -42.08
N ILE C 187 -4.97 3.12 -42.43
CA ILE C 187 -6.01 2.77 -41.45
C ILE C 187 -6.11 1.26 -41.48
N ALA C 188 -6.32 0.66 -40.31
CA ALA C 188 -6.47 -0.79 -40.15
C ALA C 188 -7.84 -1.08 -39.54
N PRO C 189 -8.86 -1.29 -40.38
CA PRO C 189 -10.21 -1.49 -39.87
C PRO C 189 -10.39 -2.82 -39.16
N GLY C 190 -11.26 -2.82 -38.15
CA GLY C 190 -11.75 -4.05 -37.58
C GLY C 190 -12.71 -4.66 -38.58
N LEU C 191 -13.65 -5.46 -38.10
CA LEU C 191 -14.74 -5.93 -38.96
C LEU C 191 -15.72 -4.77 -39.16
N VAL C 192 -16.13 -4.54 -40.42
CA VAL C 192 -16.96 -3.41 -40.81
C VAL C 192 -18.11 -3.88 -41.71
N ARG C 193 -19.34 -3.50 -41.35
CA ARG C 193 -20.54 -3.94 -42.04
C ARG C 193 -20.65 -3.43 -43.48
N THR C 194 -20.37 -4.29 -44.45
CA THR C 194 -20.52 -3.96 -45.88
C THR C 194 -21.27 -5.04 -46.64
N PRO C 195 -21.71 -4.75 -47.87
CA PRO C 195 -22.20 -5.82 -48.75
C PRO C 195 -21.13 -6.90 -49.05
N ARG C 196 -19.86 -6.54 -49.16
CA ARG C 196 -18.81 -7.56 -49.29
C ARG C 196 -18.95 -8.49 -48.08
N LEU C 197 -19.03 -7.91 -46.89
CA LEU C 197 -19.00 -8.69 -45.65
C LEU C 197 -20.15 -9.68 -45.49
N GLU C 198 -21.39 -9.23 -45.73
CA GLU C 198 -22.59 -10.10 -45.63
C GLU C 198 -22.54 -11.38 -46.49
N VAL C 199 -21.93 -11.28 -47.67
CA VAL C 199 -21.77 -12.45 -48.54
C VAL C 199 -20.46 -13.23 -48.30
N GLY C 200 -19.44 -12.59 -47.74
CA GLY C 200 -18.22 -13.30 -47.32
C GLY C 200 -18.38 -14.22 -46.10
N LEU C 201 -18.97 -13.70 -45.01
CA LEU C 201 -19.06 -14.44 -43.74
C LEU C 201 -20.51 -14.68 -43.38
N PRO C 202 -20.83 -15.90 -42.93
CA PRO C 202 -22.14 -16.12 -42.32
C PRO C 202 -22.33 -15.45 -40.97
N GLN C 203 -23.59 -15.23 -40.63
CA GLN C 203 -23.99 -14.41 -39.48
C GLN C 203 -23.40 -14.90 -38.14
N PRO C 204 -23.38 -16.23 -37.90
CA PRO C 204 -22.92 -16.70 -36.59
C PRO C 204 -21.49 -16.32 -36.31
N ILE C 205 -20.68 -16.34 -37.35
CA ILE C 205 -19.27 -15.96 -37.24
C ILE C 205 -19.08 -14.46 -37.13
N VAL C 206 -19.93 -13.69 -37.81
CA VAL C 206 -19.94 -12.23 -37.70
C VAL C 206 -20.23 -11.89 -36.26
N ASP C 207 -21.23 -12.59 -35.70
CA ASP C 207 -21.62 -12.34 -34.30
C ASP C 207 -20.51 -12.65 -33.33
N ILE C 208 -19.76 -13.72 -33.60
CA ILE C 208 -18.61 -14.09 -32.78
C ILE C 208 -17.56 -12.97 -32.74
N PHE C 209 -17.19 -12.53 -33.94
CA PHE C 209 -16.37 -11.35 -34.09
C PHE C 209 -16.89 -10.11 -33.37
N ALA C 210 -18.20 -9.87 -33.47
CA ALA C 210 -18.81 -8.73 -32.82
C ALA C 210 -18.50 -8.74 -31.32
N THR C 211 -18.53 -9.91 -30.71
CA THR C 211 -18.23 -9.96 -29.29
C THR C 211 -16.79 -9.50 -29.01
N HIS C 212 -15.83 -9.85 -29.88
CA HIS C 212 -14.45 -9.44 -29.61
C HIS C 212 -14.13 -7.99 -29.98
N HIS C 213 -15.11 -7.18 -30.36
CA HIS C 213 -14.94 -5.74 -30.48
C HIS C 213 -15.43 -5.16 -29.19
N LEU C 214 -14.74 -4.18 -28.62
CA LEU C 214 -15.01 -3.77 -27.22
C LEU C 214 -16.34 -3.02 -27.05
N ALA C 215 -16.81 -2.41 -28.14
CA ALA C 215 -18.12 -1.76 -28.19
C ALA C 215 -19.26 -2.79 -28.36
N GLY C 216 -18.92 -4.08 -28.45
CA GLY C 216 -19.89 -5.17 -28.59
C GLY C 216 -20.65 -5.20 -29.92
N ARG C 217 -20.09 -4.55 -30.95
CA ARG C 217 -20.73 -4.48 -32.26
C ARG C 217 -19.65 -4.33 -33.32
N ILE C 218 -19.97 -4.69 -34.55
CA ILE C 218 -19.04 -4.46 -35.65
C ILE C 218 -19.11 -2.97 -36.08
N GLY C 219 -18.19 -2.56 -36.95
CA GLY C 219 -18.09 -1.17 -37.40
C GLY C 219 -19.09 -0.79 -38.50
N GLU C 220 -19.33 0.50 -38.62
CA GLU C 220 -20.10 1.03 -39.72
C GLU C 220 -19.11 1.80 -40.65
N PRO C 221 -19.37 1.79 -41.98
CA PRO C 221 -18.49 2.41 -42.97
C PRO C 221 -18.14 3.83 -42.65
N HIS C 222 -19.12 4.61 -42.21
CA HIS C 222 -18.86 6.01 -41.91
C HIS C 222 -17.87 6.22 -40.79
N GLU C 223 -17.75 5.23 -39.90
CA GLU C 223 -16.75 5.29 -38.83
C GLU C 223 -15.33 5.09 -39.31
N ILE C 224 -15.15 4.50 -40.49
CA ILE C 224 -13.82 4.48 -41.12
C ILE C 224 -13.61 5.76 -41.92
N ALA C 225 -14.67 6.24 -42.60
CA ALA C 225 -14.64 7.48 -43.39
C ALA C 225 -14.20 8.69 -42.58
N GLU C 226 -14.68 8.83 -41.34
CA GLU C 226 -14.33 9.99 -40.54
C GLU C 226 -12.82 10.02 -40.26
N LEU C 227 -12.24 8.86 -40.01
CA LEU C 227 -10.79 8.75 -39.76
C LEU C 227 -10.00 9.11 -41.02
N VAL C 228 -10.44 8.62 -42.17
CA VAL C 228 -9.85 9.01 -43.45
C VAL C 228 -9.86 10.53 -43.51
N CYS C 229 -11.01 11.13 -43.21
CA CYS C 229 -11.21 12.53 -43.38
C CYS C 229 -10.25 13.32 -42.48
N PHE C 230 -10.17 12.93 -41.21
CA PHE C 230 -9.24 13.58 -40.29
C PHE C 230 -7.77 13.42 -40.76
N LEU C 231 -7.38 12.21 -41.18
CA LEU C 231 -5.99 11.96 -41.59
C LEU C 231 -5.61 12.67 -42.91
N ALA C 232 -6.60 13.03 -43.72
CA ALA C 232 -6.38 13.75 -44.96
C ALA C 232 -6.40 15.26 -44.71
N SER C 233 -6.81 15.68 -43.52
CA SER C 233 -7.02 17.08 -43.26
C SER C 233 -5.80 17.66 -42.59
N ASP C 234 -5.63 18.97 -42.74
CA ASP C 234 -4.54 19.71 -42.10
C ASP C 234 -4.52 19.62 -40.58
N ARG C 235 -5.56 19.12 -39.96
CA ARG C 235 -5.50 18.86 -38.52
C ARG C 235 -4.48 17.79 -38.24
N ALA C 236 -4.32 16.79 -39.11
CA ALA C 236 -3.28 15.77 -38.95
C ALA C 236 -1.91 16.23 -39.46
N ALA C 237 -1.58 17.52 -39.30
CA ALA C 237 -0.35 18.04 -39.88
C ALA C 237 0.89 17.32 -39.36
N PHE C 238 0.84 16.88 -38.11
CA PHE C 238 2.00 16.30 -37.46
C PHE C 238 1.88 14.79 -37.27
N ILE C 239 0.91 14.17 -37.97
CA ILE C 239 0.70 12.72 -37.97
C ILE C 239 1.06 12.23 -39.36
N THR C 240 2.16 11.51 -39.47
CA THR C 240 2.51 10.89 -40.72
C THR C 240 3.22 9.56 -40.47
N GLY C 241 3.01 8.62 -41.40
CA GLY C 241 3.74 7.36 -41.42
C GLY C 241 3.28 6.35 -40.38
N GLN C 242 2.04 6.51 -39.91
CA GLN C 242 1.50 5.68 -38.85
C GLN C 242 0.51 4.67 -39.41
N VAL C 243 0.23 3.64 -38.61
CA VAL C 243 -0.84 2.71 -38.95
C VAL C 243 -1.82 2.77 -37.82
N ILE C 244 -3.01 3.31 -38.09
CA ILE C 244 -4.00 3.54 -37.05
C ILE C 244 -5.18 2.56 -37.13
N ALA C 245 -5.43 1.88 -36.02
CA ALA C 245 -6.51 0.90 -35.98
C ALA C 245 -7.85 1.57 -35.67
N ALA C 246 -8.81 1.37 -36.58
CA ALA C 246 -10.23 1.61 -36.28
C ALA C 246 -10.89 0.24 -36.23
N ASP C 247 -10.87 -0.36 -35.04
CA ASP C 247 -11.30 -1.74 -34.84
C ASP C 247 -11.91 -2.02 -33.47
N SER C 248 -12.35 -0.99 -32.77
CA SER C 248 -12.96 -1.12 -31.42
C SER C 248 -12.08 -1.93 -30.46
N GLY C 249 -10.78 -1.72 -30.55
CA GLY C 249 -9.82 -2.43 -29.70
C GLY C 249 -9.88 -3.93 -29.87
N LEU C 250 -10.24 -4.38 -31.06
CA LEU C 250 -10.27 -5.84 -31.42
C LEU C 250 -9.04 -6.58 -30.95
N LEU C 251 -7.90 -5.89 -31.03
CA LEU C 251 -6.61 -6.47 -30.67
C LEU C 251 -5.99 -5.89 -29.41
N ALA C 252 -6.81 -5.23 -28.58
CA ALA C 252 -6.34 -4.55 -27.37
C ALA C 252 -6.67 -5.37 -26.11
N HIS C 253 -7.23 -6.54 -26.31
CA HIS C 253 -7.71 -7.34 -25.22
C HIS C 253 -7.34 -8.78 -25.41
N LEU C 254 -7.17 -9.47 -24.29
CA LEU C 254 -6.82 -10.87 -24.28
C LEU C 254 -7.92 -11.66 -24.95
N PRO C 255 -7.55 -12.57 -25.86
CA PRO C 255 -8.56 -13.50 -26.36
C PRO C 255 -9.22 -14.29 -25.25
N GLY C 256 -10.49 -14.65 -25.45
CA GLY C 256 -11.22 -15.46 -24.50
C GLY C 256 -11.99 -14.64 -23.47
N LEU C 257 -11.95 -13.30 -23.63
CA LEU C 257 -12.56 -12.36 -22.68
C LEU C 257 -14.07 -12.63 -22.48
N PRO C 258 -14.86 -12.62 -23.57
CA PRO C 258 -16.29 -12.92 -23.41
C PRO C 258 -16.58 -14.27 -22.74
N GLN C 259 -15.84 -15.33 -23.05
CA GLN C 259 -16.03 -16.63 -22.37
C GLN C 259 -15.64 -16.47 -20.90
N ILE C 260 -14.53 -15.76 -20.63
CA ILE C 260 -14.15 -15.45 -19.22
C ILE C 260 -15.30 -14.71 -18.53
N ARG C 261 -15.79 -13.64 -19.14
CA ARG C 261 -16.90 -12.91 -18.55
C ARG C 261 -18.18 -13.77 -18.40
N ALA C 262 -18.51 -14.60 -19.39
CA ALA C 262 -19.70 -15.47 -19.31
C ALA C 262 -19.56 -16.41 -18.14
N SER C 263 -18.38 -16.97 -17.97
CA SER C 263 -18.07 -17.85 -16.85
C SER C 263 -18.14 -17.13 -15.50
N VAL C 264 -17.74 -15.86 -15.47
CA VAL C 264 -17.88 -15.03 -14.27
C VAL C 264 -19.37 -14.77 -13.91
N ALA C 265 -20.26 -14.68 -14.90
CA ALA C 265 -21.70 -14.51 -14.63
C ALA C 265 -22.44 -15.86 -14.43
N ALA D 7 -20.69 21.99 -34.08
CA ALA D 7 -19.25 21.69 -33.89
C ALA D 7 -19.01 20.32 -33.21
N GLU D 8 -17.77 19.86 -33.34
CA GLU D 8 -17.40 18.46 -33.07
C GLU D 8 -17.67 17.95 -31.63
N LEU D 9 -17.56 18.81 -30.62
CA LEU D 9 -17.80 18.44 -29.21
C LEU D 9 -18.97 19.23 -28.57
N GLU D 10 -19.91 19.66 -29.40
CA GLU D 10 -21.06 20.47 -28.95
C GLU D 10 -21.74 19.92 -27.68
N ASN D 11 -21.91 20.79 -26.69
CA ASN D 11 -22.58 20.48 -25.42
C ASN D 11 -21.85 19.47 -24.50
N LYS D 12 -20.66 18.99 -24.92
CA LYS D 12 -19.89 18.00 -24.14
C LYS D 12 -19.03 18.65 -23.03
N VAL D 13 -18.98 18.01 -21.86
CA VAL D 13 -18.21 18.54 -20.74
C VAL D 13 -16.82 17.90 -20.72
N ALA D 14 -15.75 18.71 -20.67
CA ALA D 14 -14.37 18.19 -20.76
C ALA D 14 -13.49 18.63 -19.60
N ILE D 15 -12.88 17.67 -18.91
CA ILE D 15 -11.80 17.98 -17.98
C ILE D 15 -10.46 17.84 -18.71
N ILE D 16 -9.58 18.85 -18.56
CA ILE D 16 -8.19 18.79 -19.03
C ILE D 16 -7.23 19.00 -17.85
N THR D 17 -6.37 18.02 -17.58
CA THR D 17 -5.32 18.20 -16.55
C THR D 17 -4.10 18.86 -17.16
N GLY D 18 -3.32 19.54 -16.33
CA GLY D 18 -2.11 20.21 -16.79
C GLY D 18 -2.43 21.38 -17.67
N ALA D 19 -3.60 21.97 -17.44
CA ALA D 19 -4.17 22.96 -18.38
C ALA D 19 -3.42 24.29 -18.53
N CYS D 20 -2.41 24.58 -17.69
CA CYS D 20 -1.64 25.83 -17.83
C CYS D 20 -0.40 25.67 -18.72
N GLY D 21 0.09 24.43 -18.79
CA GLY D 21 1.20 24.04 -19.68
C GLY D 21 0.94 24.23 -21.17
N GLY D 22 2.00 24.22 -21.97
CA GLY D 22 1.88 24.55 -23.37
C GLY D 22 0.82 23.75 -24.10
N ILE D 23 0.89 22.43 -23.98
CA ILE D 23 -0.05 21.58 -24.69
C ILE D 23 -1.43 21.67 -24.04
N GLY D 24 -1.49 21.71 -22.71
CA GLY D 24 -2.76 21.76 -22.00
C GLY D 24 -3.64 22.98 -22.32
N LEU D 25 -3.02 24.16 -22.28
CA LEU D 25 -3.75 25.40 -22.49
C LEU D 25 -4.25 25.44 -23.90
N GLU D 26 -3.46 24.94 -24.84
CA GLU D 26 -3.86 25.02 -26.24
C GLU D 26 -4.94 23.96 -26.55
N THR D 27 -4.83 22.78 -25.94
CA THR D 27 -5.89 21.75 -26.06
C THR D 27 -7.22 22.26 -25.48
N SER D 28 -7.13 23.04 -24.40
CA SER D 28 -8.32 23.65 -23.83
C SER D 28 -9.04 24.57 -24.82
N ARG D 29 -8.27 25.43 -25.49
CA ARG D 29 -8.86 26.35 -26.50
C ARG D 29 -9.54 25.59 -27.63
N VAL D 30 -8.82 24.62 -28.18
CA VAL D 30 -9.36 23.79 -29.27
C VAL D 30 -10.62 23.04 -28.85
N LEU D 31 -10.59 22.32 -27.73
CA LEU D 31 -11.81 21.66 -27.28
C LEU D 31 -12.94 22.69 -27.14
N ALA D 32 -12.60 23.87 -26.61
CA ALA D 32 -13.61 24.91 -26.42
C ALA D 32 -14.08 25.47 -27.78
N ARG D 33 -13.15 25.78 -28.69
CA ARG D 33 -13.53 26.13 -30.07
C ARG D 33 -14.48 25.02 -30.65
N ALA D 34 -14.21 23.75 -30.36
CA ALA D 34 -15.08 22.66 -30.87
C ALA D 34 -16.42 22.52 -30.10
N GLY D 35 -16.73 23.43 -29.18
CA GLY D 35 -18.06 23.50 -28.55
C GLY D 35 -18.17 22.85 -27.18
N ALA D 36 -17.04 22.45 -26.62
CA ALA D 36 -17.05 21.78 -25.33
C ALA D 36 -17.10 22.79 -24.17
N ARG D 37 -17.79 22.41 -23.10
CA ARG D 37 -17.74 23.13 -21.83
C ARG D 37 -16.50 22.58 -21.12
N VAL D 38 -15.46 23.38 -21.02
CA VAL D 38 -14.17 22.89 -20.58
C VAL D 38 -13.86 23.25 -19.13
N VAL D 39 -13.30 22.30 -18.40
CA VAL D 39 -12.75 22.50 -17.05
C VAL D 39 -11.23 22.35 -17.07
N LEU D 40 -10.53 23.48 -16.89
CA LEU D 40 -9.08 23.50 -16.82
C LEU D 40 -8.65 23.09 -15.42
N ALA D 41 -7.81 22.06 -15.32
CA ALA D 41 -7.32 21.63 -14.02
C ALA D 41 -5.79 21.56 -13.97
N ASP D 42 -5.19 22.22 -12.99
CA ASP D 42 -3.74 22.16 -12.75
C ASP D 42 -3.43 22.49 -11.27
N LEU D 43 -2.15 22.40 -10.90
CA LEU D 43 -1.71 22.62 -9.52
C LEU D 43 -2.00 24.05 -9.08
N PRO D 44 -2.25 24.24 -7.78
CA PRO D 44 -2.66 25.55 -7.22
C PRO D 44 -1.69 26.70 -7.49
N GLU D 45 -0.42 26.40 -7.74
CA GLU D 45 0.57 27.44 -8.00
C GLU D 45 0.61 27.91 -9.47
N THR D 46 -0.16 27.27 -10.33
CA THR D 46 -0.28 27.74 -11.68
C THR D 46 -1.39 28.80 -11.71
N ASP D 47 -1.51 29.49 -12.85
CA ASP D 47 -2.47 30.58 -13.03
C ASP D 47 -3.69 30.11 -13.82
N LEU D 48 -4.46 29.23 -13.19
CA LEU D 48 -5.72 28.78 -13.74
C LEU D 48 -6.67 29.94 -14.12
N ALA D 49 -6.82 30.95 -13.27
CA ALA D 49 -7.69 32.06 -13.61
C ALA D 49 -7.31 32.72 -14.95
N GLY D 50 -6.01 32.88 -15.17
CA GLY D 50 -5.51 33.48 -16.39
C GLY D 50 -5.71 32.57 -17.59
N ALA D 51 -5.49 31.28 -17.38
CA ALA D 51 -5.70 30.30 -18.43
C ALA D 51 -7.18 30.24 -18.86
N ALA D 52 -8.13 30.27 -17.93
CA ALA D 52 -9.54 30.13 -18.33
C ALA D 52 -10.00 31.43 -18.99
N ALA D 53 -9.45 32.56 -18.53
CA ALA D 53 -9.76 33.86 -19.15
C ALA D 53 -9.28 33.88 -20.59
N SER D 54 -8.12 33.29 -20.83
CA SER D 54 -7.60 33.19 -22.16
C SER D 54 -8.49 32.31 -23.04
N VAL D 55 -8.97 31.18 -22.55
CA VAL D 55 -9.77 30.27 -23.38
C VAL D 55 -11.15 30.85 -23.69
N GLY D 56 -11.76 31.50 -22.71
CA GLY D 56 -13.12 32.04 -22.85
C GLY D 56 -14.13 30.94 -23.12
N ARG D 57 -15.19 31.30 -23.83
CA ARG D 57 -16.25 30.34 -24.19
C ARG D 57 -16.85 29.61 -23.01
N GLY D 58 -16.92 30.27 -21.86
CA GLY D 58 -17.46 29.64 -20.67
C GLY D 58 -16.56 28.67 -19.94
N ALA D 59 -15.27 28.63 -20.28
CA ALA D 59 -14.33 27.71 -19.59
C ALA D 59 -14.28 28.08 -18.13
N VAL D 60 -14.26 27.07 -17.27
CA VAL D 60 -14.07 27.27 -15.84
C VAL D 60 -12.72 26.64 -15.44
N HIS D 61 -12.33 26.81 -14.19
CA HIS D 61 -11.09 26.20 -13.72
C HIS D 61 -11.20 25.66 -12.33
N HIS D 62 -10.36 24.70 -12.00
CA HIS D 62 -10.33 24.13 -10.66
C HIS D 62 -9.06 23.41 -10.37
N VAL D 63 -8.51 23.63 -9.18
CA VAL D 63 -7.25 23.02 -8.80
C VAL D 63 -7.33 21.51 -8.64
N VAL D 64 -6.25 20.84 -9.02
CA VAL D 64 -6.06 19.43 -8.77
C VAL D 64 -4.57 19.17 -8.50
N ASP D 65 -4.35 18.22 -7.60
CA ASP D 65 -3.05 17.62 -7.33
C ASP D 65 -3.14 16.10 -7.57
N LEU D 66 -2.65 15.65 -8.71
CA LEU D 66 -2.75 14.25 -9.08
C LEU D 66 -2.21 13.29 -8.02
N THR D 67 -1.32 13.78 -7.15
CA THR D 67 -0.75 12.93 -6.10
C THR D 67 -1.71 12.72 -4.92
N ASN D 68 -2.82 13.45 -4.90
CA ASN D 68 -3.75 13.44 -3.77
C ASN D 68 -5.12 12.85 -4.15
N GLU D 69 -5.39 11.61 -3.74
CA GLU D 69 -6.67 10.98 -4.07
C GLU D 69 -7.87 11.85 -3.68
N VAL D 70 -7.84 12.49 -2.52
CA VAL D 70 -8.94 13.39 -2.09
C VAL D 70 -9.10 14.57 -3.05
N SER D 71 -7.99 15.12 -3.55
CA SER D 71 -8.03 16.22 -4.53
C SER D 71 -8.56 15.81 -5.93
N VAL D 72 -8.15 14.64 -6.44
CA VAL D 72 -8.66 14.13 -7.73
C VAL D 72 -10.17 13.99 -7.66
N ARG D 73 -10.64 13.30 -6.63
CA ARG D 73 -12.06 13.18 -6.38
C ARG D 73 -12.79 14.53 -6.31
N ALA D 74 -12.18 15.50 -5.65
CA ALA D 74 -12.80 16.83 -5.52
C ALA D 74 -12.91 17.50 -6.89
N LEU D 75 -12.00 17.24 -7.81
CA LEU D 75 -12.10 17.86 -9.15
C LEU D 75 -13.30 17.27 -9.92
N ILE D 76 -13.45 15.95 -9.86
CA ILE D 76 -14.58 15.28 -10.51
C ILE D 76 -15.92 15.71 -9.88
N ASP D 77 -15.99 15.70 -8.55
CA ASP D 77 -17.17 16.14 -7.83
C ASP D 77 -17.53 17.61 -8.21
N PHE D 78 -16.52 18.48 -8.41
CA PHE D 78 -16.76 19.87 -8.81
C PHE D 78 -17.41 19.99 -10.18
N THR D 79 -16.92 19.19 -11.13
CA THR D 79 -17.43 19.24 -12.49
C THR D 79 -18.89 18.83 -12.47
N ILE D 80 -19.21 17.73 -11.78
CA ILE D 80 -20.59 17.29 -11.70
C ILE D 80 -21.45 18.34 -11.03
N ASP D 81 -20.97 18.93 -9.93
CA ASP D 81 -21.67 20.02 -9.25
C ASP D 81 -21.99 21.15 -10.21
N THR D 82 -21.00 21.61 -10.98
CA THR D 82 -21.22 22.72 -11.91
C THR D 82 -22.10 22.30 -13.07
N PHE D 83 -21.73 21.23 -13.76
CA PHE D 83 -22.33 20.85 -15.06
C PHE D 83 -23.29 19.67 -15.05
N GLY D 84 -23.30 18.87 -13.99
CA GLY D 84 -24.23 17.74 -13.91
C GLY D 84 -23.83 16.52 -14.74
N ARG D 85 -22.74 16.61 -15.49
CA ARG D 85 -22.28 15.47 -16.28
C ARG D 85 -20.78 15.60 -16.59
N LEU D 86 -20.22 14.52 -17.13
CA LEU D 86 -18.83 14.46 -17.57
C LEU D 86 -18.79 13.57 -18.79
N ASP D 87 -18.17 14.05 -19.87
CA ASP D 87 -18.10 13.34 -21.15
C ASP D 87 -16.66 12.99 -21.60
N ILE D 88 -15.69 13.86 -21.28
CA ILE D 88 -14.36 13.80 -21.84
C ILE D 88 -13.36 14.10 -20.75
N VAL D 89 -12.31 13.31 -20.65
CA VAL D 89 -11.18 13.64 -19.80
C VAL D 89 -9.90 13.53 -20.63
N ASP D 90 -9.09 14.58 -20.55
CA ASP D 90 -7.77 14.59 -21.18
C ASP D 90 -6.72 14.56 -20.06
N ASN D 91 -6.25 13.37 -19.75
CA ASN D 91 -5.16 13.22 -18.79
C ASN D 91 -3.86 13.68 -19.44
N ASN D 92 -3.59 14.99 -19.32
CA ASN D 92 -2.43 15.66 -19.95
C ASN D 92 -1.29 15.96 -18.95
N ALA D 93 -1.64 16.15 -17.69
CA ALA D 93 -0.68 16.44 -16.63
C ALA D 93 0.33 15.33 -16.52
N ALA D 94 1.59 15.78 -16.40
CA ALA D 94 2.73 14.93 -16.26
C ALA D 94 3.82 15.69 -15.46
N HIS D 95 4.46 14.99 -14.54
CA HIS D 95 5.61 15.48 -13.82
C HIS D 95 6.83 15.08 -14.60
N SER D 96 7.86 15.90 -14.54
CA SER D 96 9.04 15.67 -15.37
C SER D 96 10.16 16.41 -14.72
N ASP D 97 11.12 15.67 -14.19
CA ASP D 97 12.09 16.16 -13.21
C ASP D 97 13.49 16.17 -13.83
N PRO D 98 14.20 17.32 -13.84
CA PRO D 98 15.52 17.36 -14.49
C PRO D 98 16.56 16.38 -13.92
N ALA D 99 16.38 15.93 -12.68
CA ALA D 99 17.27 14.88 -12.09
C ALA D 99 17.04 13.49 -12.73
N ASP D 100 15.95 13.36 -13.51
CA ASP D 100 15.60 12.11 -14.17
C ASP D 100 16.50 11.92 -15.41
N MET D 101 17.70 11.40 -15.17
CA MET D 101 18.68 11.17 -16.19
C MET D 101 18.81 9.64 -16.40
N LEU D 102 19.98 9.07 -16.14
CA LEU D 102 20.24 7.66 -16.46
C LEU D 102 19.77 6.70 -15.38
N VAL D 103 19.47 5.45 -15.78
CA VAL D 103 19.27 4.37 -14.83
C VAL D 103 20.32 4.35 -13.72
N THR D 104 21.61 4.28 -14.06
CA THR D 104 22.63 4.09 -13.04
C THR D 104 22.62 5.22 -12.04
N GLN D 105 22.09 6.38 -12.45
CA GLN D 105 21.94 7.58 -11.61
C GLN D 105 20.54 7.85 -11.03
N MET D 106 19.57 6.95 -11.24
CA MET D 106 18.19 7.15 -10.75
C MET D 106 18.13 7.10 -9.23
N THR D 107 17.44 8.06 -8.61
CA THR D 107 17.13 8.01 -7.18
C THR D 107 15.68 7.51 -6.98
N VAL D 108 15.39 6.95 -5.80
CA VAL D 108 14.03 6.49 -5.49
C VAL D 108 13.04 7.67 -5.51
N ASP D 109 13.48 8.85 -5.08
CA ASP D 109 12.62 10.06 -5.05
C ASP D 109 12.24 10.58 -6.42
N VAL D 110 13.21 10.68 -7.34
CA VAL D 110 12.88 11.11 -8.70
C VAL D 110 11.88 10.12 -9.32
N TRP D 111 12.22 8.84 -9.26
CA TRP D 111 11.34 7.75 -9.70
C TRP D 111 9.97 7.80 -9.08
N ASP D 112 9.91 7.83 -7.75
CA ASP D 112 8.64 7.71 -7.07
C ASP D 112 7.79 8.95 -7.35
N ASP D 113 8.42 10.12 -7.35
CA ASP D 113 7.71 11.39 -7.61
C ASP D 113 7.07 11.38 -8.97
N THR D 114 7.82 10.84 -9.94
CA THR D 114 7.36 10.74 -11.32
C THR D 114 6.23 9.71 -11.45
N PHE D 115 6.36 8.55 -10.81
CA PHE D 115 5.29 7.54 -10.86
C PHE D 115 4.07 7.91 -10.06
N THR D 116 4.24 8.66 -8.98
CA THR D 116 3.09 9.02 -8.17
C THR D 116 2.23 9.99 -8.95
N VAL D 117 2.85 10.97 -9.60
CA VAL D 117 2.07 11.88 -10.40
C VAL D 117 1.60 11.16 -11.66
N ASN D 118 2.52 10.63 -12.47
CA ASN D 118 2.16 10.19 -13.83
C ASN D 118 1.29 8.93 -13.89
N ALA D 119 1.81 7.84 -13.35
CA ALA D 119 1.12 6.56 -13.39
C ALA D 119 -0.04 6.51 -12.41
N ARG D 120 0.24 6.74 -11.13
CA ARG D 120 -0.80 6.64 -10.13
C ARG D 120 -1.84 7.75 -10.29
N GLY D 121 -1.38 8.96 -10.55
CA GLY D 121 -2.31 10.07 -10.74
C GLY D 121 -3.32 9.81 -11.86
N THR D 122 -2.81 9.39 -13.00
CA THR D 122 -3.68 9.11 -14.13
C THR D 122 -4.64 7.94 -13.85
N MET D 123 -4.21 6.93 -13.09
CA MET D 123 -5.14 5.85 -12.73
C MET D 123 -6.28 6.39 -11.85
N LEU D 124 -5.96 7.33 -10.95
CA LEU D 124 -6.97 7.93 -10.04
C LEU D 124 -7.97 8.82 -10.78
N MET D 125 -7.48 9.63 -11.72
CA MET D 125 -8.38 10.38 -12.60
C MET D 125 -9.42 9.45 -13.29
N CYS D 126 -8.97 8.41 -13.97
CA CYS D 126 -9.87 7.45 -14.58
C CYS D 126 -10.79 6.78 -13.56
N LYS D 127 -10.22 6.40 -12.41
CA LYS D 127 -10.99 5.71 -11.34
C LYS D 127 -12.22 6.52 -10.95
N TYR D 128 -12.02 7.83 -10.75
CA TYR D 128 -13.13 8.69 -10.38
C TYR D 128 -13.97 9.17 -11.57
N ALA D 129 -13.36 9.28 -12.76
CA ALA D 129 -14.07 9.80 -13.96
C ALA D 129 -14.99 8.77 -14.58
N ILE D 130 -14.51 7.55 -14.70
CA ILE D 130 -15.20 6.47 -15.43
C ILE D 130 -16.65 6.25 -14.99
N PRO D 131 -16.89 6.18 -13.68
CA PRO D 131 -18.32 6.05 -13.30
C PRO D 131 -19.20 7.17 -13.86
N ARG D 132 -18.65 8.38 -13.95
CA ARG D 132 -19.42 9.53 -14.47
C ARG D 132 -19.62 9.46 -15.98
N LEU D 133 -18.59 8.98 -16.68
CA LEU D 133 -18.68 8.71 -18.10
C LEU D 133 -19.75 7.68 -18.38
N ILE D 134 -19.89 6.70 -17.49
CA ILE D 134 -20.94 5.70 -17.65
C ILE D 134 -22.32 6.30 -17.38
N SER D 135 -22.46 7.14 -16.34
CA SER D 135 -23.76 7.80 -16.08
C SER D 135 -24.21 8.68 -17.23
N ALA D 136 -23.27 9.31 -17.93
CA ALA D 136 -23.62 10.21 -19.02
C ALA D 136 -24.00 9.46 -20.30
N GLY D 137 -24.02 8.13 -20.24
CA GLY D 137 -24.33 7.30 -21.40
C GLY D 137 -23.11 6.94 -22.22
N GLY D 138 -21.91 7.08 -21.66
CA GLY D 138 -20.69 6.73 -22.37
C GLY D 138 -19.86 7.96 -22.55
N GLY D 139 -18.59 7.79 -22.92
CA GLY D 139 -17.69 8.93 -22.95
C GLY D 139 -16.30 8.53 -23.37
N ALA D 140 -15.39 9.49 -23.31
CA ALA D 140 -14.10 9.33 -23.94
C ALA D 140 -12.98 9.81 -23.03
N ILE D 141 -11.95 9.00 -22.88
CA ILE D 141 -10.76 9.41 -22.17
C ILE D 141 -9.63 9.49 -23.20
N VAL D 142 -8.78 10.50 -23.09
CA VAL D 142 -7.59 10.56 -23.92
C VAL D 142 -6.37 10.70 -23.02
N ASN D 143 -5.43 9.76 -23.10
CA ASN D 143 -4.26 9.79 -22.20
C ASN D 143 -3.03 10.25 -23.00
N ILE D 144 -2.29 11.20 -22.45
CA ILE D 144 -1.11 11.68 -23.16
C ILE D 144 0.11 10.88 -22.77
N SER D 145 0.79 10.33 -23.78
CA SER D 145 1.95 9.49 -23.56
C SER D 145 3.21 10.20 -24.06
N SER D 146 4.11 9.49 -24.74
CA SER D 146 5.33 10.09 -25.27
C SER D 146 6.01 9.13 -26.20
N ALA D 147 6.59 9.68 -27.27
CA ALA D 147 7.51 8.95 -28.14
C ALA D 147 8.56 8.21 -27.33
N THR D 148 8.99 8.81 -26.24
CA THR D 148 10.04 8.25 -25.39
C THR D 148 9.70 6.93 -24.67
N ALA D 149 8.45 6.49 -24.66
CA ALA D 149 8.19 5.14 -24.12
C ALA D 149 8.60 4.06 -25.11
N HIS D 150 8.77 4.43 -26.38
CA HIS D 150 9.10 3.46 -27.44
C HIS D 150 10.54 3.45 -27.86
N ALA D 151 11.18 4.60 -27.69
CA ALA D 151 12.47 4.87 -28.25
C ALA D 151 13.19 5.59 -27.16
N ALA D 152 14.27 4.97 -26.69
CA ALA D 152 15.01 5.40 -25.51
C ALA D 152 16.10 6.41 -25.82
N TYR D 153 16.49 7.20 -24.83
CA TYR D 153 17.70 8.00 -24.93
C TYR D 153 18.33 8.22 -23.56
N ASP D 154 19.24 9.17 -23.47
CA ASP D 154 20.09 9.31 -22.28
C ASP D 154 19.51 10.08 -21.12
N MET D 155 18.24 10.49 -21.25
CA MET D 155 17.52 11.12 -20.15
C MET D 155 16.03 10.78 -20.12
N SER D 156 15.37 11.18 -19.02
CA SER D 156 13.92 10.94 -18.79
C SER D 156 13.48 9.46 -18.75
N THR D 157 14.36 8.58 -18.26
CA THR D 157 14.04 7.16 -18.00
C THR D 157 12.70 7.02 -17.27
N ALA D 158 12.61 7.59 -16.06
CA ALA D 158 11.41 7.46 -15.21
C ALA D 158 10.19 7.98 -15.92
N TYR D 159 10.28 9.20 -16.45
CA TYR D 159 9.17 9.79 -17.20
C TYR D 159 8.69 8.80 -18.25
N ALA D 160 9.64 8.26 -19.02
CA ALA D 160 9.31 7.35 -20.11
C ALA D 160 8.64 6.06 -19.62
N CYS D 161 9.13 5.49 -18.53
CA CYS D 161 8.44 4.31 -17.96
C CYS D 161 7.03 4.60 -17.45
N THR D 162 6.78 5.78 -16.91
CA THR D 162 5.42 6.04 -16.46
C THR D 162 4.48 6.06 -17.65
N LYS D 163 4.95 6.54 -18.80
CA LYS D 163 4.11 6.73 -19.98
C LYS D 163 3.71 5.40 -20.57
N ALA D 164 4.67 4.48 -20.62
CA ALA D 164 4.41 3.08 -20.94
C ALA D 164 3.28 2.53 -20.05
N ALA D 165 3.42 2.70 -18.73
CA ALA D 165 2.37 2.33 -17.78
C ALA D 165 1.03 2.89 -18.20
N ILE D 166 1.03 4.14 -18.67
CA ILE D 166 -0.22 4.83 -19.05
C ILE D 166 -0.82 4.26 -20.35
N GLU D 167 0.02 3.70 -21.21
CA GLU D 167 -0.49 3.12 -22.48
C GLU D 167 -1.19 1.83 -22.15
N THR D 168 -0.58 1.01 -21.27
CA THR D 168 -1.24 -0.22 -20.82
C THR D 168 -2.50 0.11 -20.03
N LEU D 169 -2.43 1.12 -19.20
CA LEU D 169 -3.61 1.58 -18.49
C LEU D 169 -4.74 1.91 -19.46
N THR D 170 -4.39 2.55 -20.57
CA THR D 170 -5.36 2.93 -21.59
C THR D 170 -6.08 1.68 -22.11
N ARG D 171 -5.29 0.66 -22.44
CA ARG D 171 -5.83 -0.60 -22.90
C ARG D 171 -6.75 -1.27 -21.88
N TYR D 172 -6.44 -1.14 -20.59
CA TYR D 172 -7.29 -1.68 -19.50
C TYR D 172 -8.63 -0.95 -19.29
N VAL D 173 -8.60 0.38 -19.26
CA VAL D 173 -9.84 1.18 -19.26
C VAL D 173 -10.70 0.80 -20.46
N ALA D 174 -10.11 0.85 -21.66
CA ALA D 174 -10.85 0.58 -22.90
C ALA D 174 -11.55 -0.79 -22.89
N THR D 175 -10.84 -1.81 -22.41
CA THR D 175 -11.33 -3.20 -22.37
C THR D 175 -12.38 -3.41 -21.28
N GLN D 176 -12.13 -2.83 -20.10
CA GLN D 176 -13.00 -3.03 -18.95
C GLN D 176 -14.33 -2.30 -19.12
N TYR D 177 -14.30 -1.16 -19.82
CA TYR D 177 -15.47 -0.25 -19.86
C TYR D 177 -16.06 0.03 -21.25
N GLY D 178 -15.48 -0.62 -22.28
CA GLY D 178 -16.03 -0.61 -23.62
C GLY D 178 -17.52 -0.96 -23.64
N ARG D 179 -17.83 -2.10 -23.03
CA ARG D 179 -19.22 -2.54 -22.79
C ARG D 179 -20.16 -1.46 -22.21
N HIS D 180 -19.65 -0.61 -21.29
CA HIS D 180 -20.48 0.44 -20.68
C HIS D 180 -20.40 1.75 -21.46
N GLY D 181 -19.80 1.75 -22.65
CA GLY D 181 -19.82 2.93 -23.52
C GLY D 181 -18.62 3.87 -23.38
N VAL D 182 -17.54 3.39 -22.77
CA VAL D 182 -16.39 4.23 -22.48
C VAL D 182 -15.19 3.91 -23.37
N ARG D 183 -14.76 4.91 -24.14
CA ARG D 183 -13.56 4.82 -24.96
C ARG D 183 -12.38 5.41 -24.22
N CYS D 184 -11.21 4.85 -24.52
CA CYS D 184 -9.96 5.34 -23.97
C CYS D 184 -8.83 5.10 -24.98
N ASN D 185 -8.14 6.18 -25.35
CA ASN D 185 -7.04 6.09 -26.29
C ASN D 185 -5.93 6.89 -25.70
N ALA D 186 -4.71 6.66 -26.20
CA ALA D 186 -3.58 7.49 -25.84
C ALA D 186 -2.93 8.11 -27.07
N ILE D 187 -2.35 9.30 -26.90
CA ILE D 187 -1.53 9.97 -27.93
C ILE D 187 -0.06 10.05 -27.47
N ALA D 188 0.86 9.65 -28.34
CA ALA D 188 2.31 9.70 -28.07
C ALA D 188 2.98 10.78 -28.91
N PRO D 189 3.15 12.00 -28.34
CA PRO D 189 3.72 13.10 -29.13
C PRO D 189 5.23 12.99 -29.40
N GLY D 190 5.68 13.70 -30.43
CA GLY D 190 7.10 13.85 -30.69
C GLY D 190 7.53 15.08 -29.94
N LEU D 191 8.62 15.71 -30.38
CA LEU D 191 9.00 16.99 -29.80
C LEU D 191 7.98 18.06 -30.18
N VAL D 192 7.41 18.73 -29.17
CA VAL D 192 6.48 19.81 -29.40
C VAL D 192 7.04 21.08 -28.76
N ARG D 193 7.04 22.18 -29.51
CA ARG D 193 7.48 23.50 -29.01
C ARG D 193 6.57 23.90 -27.85
N THR D 194 7.08 23.79 -26.62
CA THR D 194 6.38 24.30 -25.46
C THR D 194 7.35 25.21 -24.72
N PRO D 195 6.85 26.05 -23.79
CA PRO D 195 7.73 26.78 -22.87
C PRO D 195 8.72 25.90 -22.09
N ARG D 196 8.35 24.64 -21.78
CA ARG D 196 9.21 23.70 -21.01
C ARG D 196 10.44 23.15 -21.78
N LEU D 197 10.30 22.91 -23.09
CA LEU D 197 11.46 22.59 -23.97
C LEU D 197 12.43 23.78 -24.17
N GLU D 198 11.92 25.00 -23.99
CA GLU D 198 12.75 26.22 -23.99
C GLU D 198 13.60 26.32 -22.71
N VAL D 199 13.17 25.63 -21.65
CA VAL D 199 13.92 25.55 -20.38
C VAL D 199 14.36 24.12 -20.04
N GLY D 200 14.31 23.21 -21.02
CA GLY D 200 14.52 21.76 -20.78
C GLY D 200 15.68 21.16 -21.56
N LEU D 201 15.57 21.23 -22.89
CA LEU D 201 16.66 20.90 -23.81
C LEU D 201 17.25 22.19 -24.42
N PRO D 202 18.58 22.24 -24.61
CA PRO D 202 19.19 23.35 -25.35
C PRO D 202 18.87 23.31 -26.85
N GLN D 203 18.96 24.45 -27.50
CA GLN D 203 18.62 24.58 -28.91
C GLN D 203 19.31 23.59 -29.89
N PRO D 204 20.66 23.43 -29.81
CA PRO D 204 21.33 22.59 -30.80
C PRO D 204 20.92 21.12 -30.71
N ILE D 205 20.39 20.75 -29.55
CA ILE D 205 19.74 19.46 -29.35
C ILE D 205 18.31 19.46 -29.88
N VAL D 206 17.57 20.56 -29.69
CA VAL D 206 16.28 20.74 -30.33
C VAL D 206 16.38 20.70 -31.86
N ASP D 207 17.45 21.24 -32.41
CA ASP D 207 17.63 21.29 -33.87
C ASP D 207 17.92 19.91 -34.41
N ILE D 208 18.67 19.12 -33.64
CA ILE D 208 18.98 17.75 -34.05
C ILE D 208 17.73 16.92 -34.11
N PHE D 209 16.94 16.97 -33.04
CA PHE D 209 15.66 16.26 -32.99
C PHE D 209 14.78 16.68 -34.16
N ALA D 210 14.76 17.99 -34.43
CA ALA D 210 13.89 18.58 -35.46
C ALA D 210 14.13 17.96 -36.84
N THR D 211 15.38 17.66 -37.15
CA THR D 211 15.72 17.09 -38.44
C THR D 211 15.27 15.62 -38.61
N HIS D 212 14.91 14.97 -37.50
CA HIS D 212 14.47 13.59 -37.51
C HIS D 212 12.97 13.44 -37.52
N HIS D 213 12.27 14.57 -37.41
CA HIS D 213 10.80 14.63 -37.59
C HIS D 213 10.54 14.92 -39.03
N LEU D 214 9.70 14.13 -39.68
CA LEU D 214 9.61 14.15 -41.16
C LEU D 214 9.20 15.50 -41.80
N ALA D 215 8.40 16.31 -41.10
CA ALA D 215 8.09 17.65 -41.58
C ALA D 215 9.26 18.61 -41.39
N GLY D 216 10.43 18.11 -41.00
CA GLY D 216 11.61 18.97 -40.80
C GLY D 216 11.52 20.02 -39.69
N ARG D 217 10.64 19.81 -38.71
CA ARG D 217 10.47 20.74 -37.58
C ARG D 217 9.77 20.12 -36.37
N ILE D 218 9.89 20.78 -35.21
CA ILE D 218 9.16 20.28 -34.05
C ILE D 218 7.66 20.59 -34.23
N GLY D 219 6.81 19.97 -33.43
CA GLY D 219 5.36 20.12 -33.59
C GLY D 219 4.92 21.42 -32.95
N GLU D 220 3.67 21.81 -33.16
CA GLU D 220 3.07 22.85 -32.35
C GLU D 220 2.01 22.24 -31.41
N PRO D 221 1.76 22.90 -30.29
CA PRO D 221 0.79 22.32 -29.39
C PRO D 221 -0.59 22.06 -30.01
N HIS D 222 -1.00 22.83 -31.02
CA HIS D 222 -2.33 22.63 -31.60
C HIS D 222 -2.44 21.39 -32.42
N GLU D 223 -1.30 20.90 -32.91
CA GLU D 223 -1.29 19.70 -33.72
C GLU D 223 -1.55 18.46 -32.86
N ILE D 224 -1.20 18.57 -31.58
CA ILE D 224 -1.63 17.61 -30.55
C ILE D 224 -3.09 17.85 -30.15
N ALA D 225 -3.48 19.10 -29.96
CA ALA D 225 -4.82 19.45 -29.57
C ALA D 225 -5.84 18.88 -30.54
N GLU D 226 -5.66 19.09 -31.83
CA GLU D 226 -6.58 18.54 -32.83
C GLU D 226 -6.76 17.00 -32.74
N LEU D 227 -5.70 16.26 -32.45
CA LEU D 227 -5.80 14.80 -32.31
C LEU D 227 -6.54 14.39 -31.04
N VAL D 228 -6.39 15.19 -29.98
CA VAL D 228 -7.14 14.97 -28.75
C VAL D 228 -8.61 15.23 -29.03
N CYS D 229 -8.90 16.33 -29.73
CA CYS D 229 -10.26 16.75 -30.06
C CYS D 229 -11.02 15.67 -30.79
N PHE D 230 -10.42 15.19 -31.88
CA PHE D 230 -10.99 14.08 -32.69
C PHE D 230 -11.27 12.81 -31.87
N LEU D 231 -10.31 12.37 -31.05
CA LEU D 231 -10.44 11.10 -30.31
C LEU D 231 -11.44 11.17 -29.15
N ALA D 232 -11.65 12.39 -28.66
CA ALA D 232 -12.69 12.69 -27.67
C ALA D 232 -14.10 12.74 -28.27
N SER D 233 -14.23 12.93 -29.58
CA SER D 233 -15.55 13.14 -30.25
C SER D 233 -16.20 11.84 -30.74
N ASP D 234 -17.46 11.93 -31.14
CA ASP D 234 -18.20 10.76 -31.61
C ASP D 234 -17.74 10.33 -33.03
N ARG D 235 -16.88 11.12 -33.67
CA ARG D 235 -16.28 10.70 -34.91
C ARG D 235 -15.33 9.52 -34.69
N ALA D 236 -14.77 9.41 -33.48
CA ALA D 236 -13.90 8.29 -33.07
C ALA D 236 -14.63 7.10 -32.39
N ALA D 237 -15.94 6.94 -32.60
CA ALA D 237 -16.73 5.89 -31.92
C ALA D 237 -16.18 4.47 -32.04
N PHE D 238 -15.46 4.16 -33.09
CA PHE D 238 -14.95 2.82 -33.29
C PHE D 238 -13.44 2.78 -33.16
N ILE D 239 -12.84 3.79 -32.54
CA ILE D 239 -11.42 3.78 -32.22
C ILE D 239 -11.28 3.72 -30.71
N THR D 240 -10.76 2.62 -30.19
CA THR D 240 -10.57 2.56 -28.74
C THR D 240 -9.40 1.64 -28.44
N GLY D 241 -8.78 1.85 -27.29
CA GLY D 241 -7.63 1.05 -26.87
C GLY D 241 -6.31 1.29 -27.61
N GLN D 242 -6.22 2.35 -28.40
CA GLN D 242 -5.04 2.57 -29.22
C GLN D 242 -4.10 3.60 -28.63
N VAL D 243 -2.89 3.62 -29.18
CA VAL D 243 -1.85 4.60 -28.90
C VAL D 243 -1.44 5.12 -30.25
N ILE D 244 -1.72 6.39 -30.50
CA ILE D 244 -1.52 7.01 -31.81
C ILE D 244 -0.41 8.05 -31.67
N ALA D 245 0.60 7.99 -32.53
CA ALA D 245 1.73 8.90 -32.46
C ALA D 245 1.43 10.15 -33.29
N ALA D 246 1.57 11.32 -32.67
CA ALA D 246 1.58 12.62 -33.38
C ALA D 246 3.01 13.15 -33.29
N ASP D 247 3.87 12.57 -34.11
CA ASP D 247 5.32 12.79 -34.01
C ASP D 247 6.01 12.94 -35.39
N SER D 248 5.25 13.31 -36.40
CA SER D 248 5.81 13.46 -37.73
C SER D 248 6.67 12.26 -38.07
N GLY D 249 6.25 11.08 -37.66
CA GLY D 249 6.93 9.87 -38.09
C GLY D 249 8.37 9.78 -37.57
N LEU D 250 8.61 10.30 -36.37
CA LEU D 250 9.94 10.23 -35.74
C LEU D 250 10.47 8.80 -35.64
N LEU D 251 9.54 7.84 -35.50
CA LEU D 251 9.89 6.42 -35.34
C LEU D 251 9.46 5.53 -36.50
N ALA D 252 9.11 6.13 -37.65
CA ALA D 252 8.79 5.37 -38.87
C ALA D 252 9.95 5.28 -39.86
N HIS D 253 11.05 6.00 -39.59
CA HIS D 253 12.22 5.99 -40.49
C HIS D 253 13.44 5.42 -39.85
N LEU D 254 14.38 4.97 -40.67
CA LEU D 254 15.63 4.46 -40.16
C LEU D 254 16.39 5.57 -39.45
N PRO D 255 16.93 5.28 -38.26
CA PRO D 255 17.79 6.25 -37.59
C PRO D 255 19.02 6.58 -38.42
N GLY D 256 19.36 7.85 -38.52
CA GLY D 256 20.51 8.22 -39.35
C GLY D 256 20.18 8.68 -40.76
N LEU D 257 18.89 8.70 -41.09
CA LEU D 257 18.43 9.11 -42.41
C LEU D 257 19.02 10.44 -42.86
N PRO D 258 18.94 11.49 -42.02
CA PRO D 258 19.41 12.82 -42.47
C PRO D 258 20.88 12.84 -42.88
N GLN D 259 21.73 12.16 -42.11
CA GLN D 259 23.15 12.10 -42.42
C GLN D 259 23.44 11.09 -43.55
N ILE D 260 22.60 10.08 -43.72
CA ILE D 260 22.71 9.21 -44.89
C ILE D 260 22.40 10.04 -46.13
N ARG D 261 21.35 10.85 -46.08
CA ARG D 261 21.05 11.80 -47.17
C ARG D 261 22.17 12.82 -47.43
N ALA D 262 22.71 13.43 -46.36
CA ALA D 262 23.86 14.33 -46.47
C ALA D 262 25.02 13.66 -47.19
N SER D 263 25.27 12.41 -46.83
CA SER D 263 26.34 11.60 -47.38
C SER D 263 26.10 11.22 -48.85
N VAL D 264 24.91 10.70 -49.13
CA VAL D 264 24.56 10.29 -50.50
C VAL D 264 24.60 11.48 -51.47
N ALA D 265 24.38 12.70 -50.98
CA ALA D 265 24.47 13.89 -51.81
C ALA D 265 25.93 14.22 -52.11
N GLU D 266 26.83 13.97 -51.15
CA GLU D 266 28.28 14.18 -51.39
C GLU D 266 28.90 13.03 -52.19
N LEU D 267 28.38 11.79 -52.01
CA LEU D 267 29.00 10.56 -52.58
C LEU D 267 29.06 10.54 -54.11
N ALA E 7 -32.78 7.92 11.96
CA ALA E 7 -31.31 7.67 11.95
C ALA E 7 -30.66 8.17 13.26
N GLU E 8 -29.42 7.72 13.47
CA GLU E 8 -28.76 7.73 14.79
C GLU E 8 -28.54 9.12 15.39
N LEU E 9 -28.56 10.17 14.55
CA LEU E 9 -28.37 11.55 14.97
C LEU E 9 -29.48 12.47 14.43
N GLU E 10 -30.72 11.97 14.38
CA GLU E 10 -31.82 12.70 13.75
C GLU E 10 -31.94 14.12 14.32
N ASN E 11 -32.12 15.09 13.41
CA ASN E 11 -32.37 16.53 13.72
C ASN E 11 -31.37 17.23 14.68
N LYS E 12 -30.12 16.75 14.73
CA LYS E 12 -29.11 17.32 15.63
C LYS E 12 -28.08 18.14 14.87
N VAL E 13 -27.66 19.25 15.48
CA VAL E 13 -26.74 20.20 14.88
C VAL E 13 -25.34 19.90 15.38
N ALA E 14 -24.40 19.64 14.47
CA ALA E 14 -23.02 19.28 14.84
C ALA E 14 -21.97 20.14 14.13
N ILE E 15 -20.98 20.58 14.89
CA ILE E 15 -19.83 21.31 14.37
C ILE E 15 -18.66 20.36 14.26
N ILE E 16 -18.00 20.36 13.10
CA ILE E 16 -16.74 19.62 12.89
C ILE E 16 -15.63 20.58 12.48
N THR E 17 -14.57 20.64 13.28
CA THR E 17 -13.41 21.47 12.97
C THR E 17 -12.36 20.65 12.22
N GLY E 18 -11.53 21.32 11.43
CA GLY E 18 -10.60 20.62 10.55
C GLY E 18 -11.33 19.79 9.51
N ALA E 19 -12.44 20.34 9.02
CA ALA E 19 -13.44 19.61 8.25
C ALA E 19 -12.99 19.28 6.81
N CYS E 20 -11.95 19.97 6.33
CA CYS E 20 -11.43 19.75 4.98
C CYS E 20 -10.35 18.65 4.91
N GLY E 21 -9.77 18.30 6.05
CA GLY E 21 -8.86 17.17 6.11
C GLY E 21 -9.51 15.79 5.86
N GLY E 22 -8.66 14.77 5.81
CA GLY E 22 -9.06 13.43 5.47
C GLY E 22 -10.10 12.89 6.43
N ILE E 23 -9.80 12.97 7.73
CA ILE E 23 -10.73 12.47 8.74
C ILE E 23 -11.94 13.39 8.98
N GLY E 24 -11.77 14.71 8.85
CA GLY E 24 -12.91 15.65 9.03
C GLY E 24 -13.96 15.61 7.91
N LEU E 25 -13.50 15.50 6.68
CA LEU E 25 -14.42 15.38 5.58
C LEU E 25 -15.24 14.08 5.74
N GLU E 26 -14.58 12.96 6.00
CA GLU E 26 -15.27 11.67 6.09
C GLU E 26 -16.14 11.61 7.35
N THR E 27 -15.78 12.32 8.42
CA THR E 27 -16.69 12.43 9.59
C THR E 27 -17.92 13.30 9.29
N SER E 28 -17.75 14.34 8.46
CA SER E 28 -18.88 15.16 8.04
C SER E 28 -19.84 14.35 7.26
N ARG E 29 -19.37 13.66 6.22
CA ARG E 29 -20.24 12.72 5.47
C ARG E 29 -21.03 11.83 6.41
N VAL E 30 -20.32 11.11 7.24
CA VAL E 30 -20.94 10.08 8.04
C VAL E 30 -21.95 10.71 8.97
N LEU E 31 -21.59 11.80 9.65
CA LEU E 31 -22.53 12.44 10.59
C LEU E 31 -23.83 12.85 9.88
N ALA E 32 -23.73 13.46 8.70
CA ALA E 32 -24.91 13.92 7.96
C ALA E 32 -25.74 12.75 7.42
N ARG E 33 -25.08 11.65 7.05
CA ARG E 33 -25.77 10.42 6.64
C ARG E 33 -26.58 9.84 7.81
N ALA E 34 -26.10 10.08 9.04
CA ALA E 34 -26.81 9.70 10.27
C ALA E 34 -27.93 10.69 10.66
N GLY E 35 -28.05 11.79 9.90
CA GLY E 35 -29.18 12.73 10.01
C GLY E 35 -28.86 14.07 10.63
N ALA E 36 -27.60 14.34 10.82
CA ALA E 36 -27.17 15.54 11.52
C ALA E 36 -27.15 16.74 10.60
N ARG E 37 -27.45 17.91 11.17
CA ARG E 37 -27.22 19.17 10.50
C ARG E 37 -25.78 19.60 10.80
N VAL E 38 -24.96 19.64 9.75
CA VAL E 38 -23.52 19.74 9.92
C VAL E 38 -22.93 21.08 9.55
N VAL E 39 -22.16 21.65 10.47
CA VAL E 39 -21.38 22.84 10.19
C VAL E 39 -19.93 22.41 9.98
N LEU E 40 -19.47 22.35 8.73
CA LEU E 40 -18.07 22.12 8.42
C LEU E 40 -17.24 23.40 8.72
N ALA E 41 -16.13 23.25 9.44
CA ALA E 41 -15.34 24.40 9.87
C ALA E 41 -13.84 24.13 9.70
N ASP E 42 -13.13 25.10 9.11
CA ASP E 42 -11.68 25.01 8.89
C ASP E 42 -11.04 26.39 8.60
N LEU E 43 -9.73 26.39 8.29
CA LEU E 43 -8.98 27.60 8.02
C LEU E 43 -9.40 28.20 6.67
N PRO E 44 -9.25 29.54 6.51
CA PRO E 44 -9.74 30.25 5.33
C PRO E 44 -9.13 29.82 4.00
N GLU E 45 -7.94 29.25 4.01
CA GLU E 45 -7.36 28.74 2.74
C GLU E 45 -8.04 27.48 2.23
N THR E 46 -8.81 26.81 3.08
CA THR E 46 -9.38 25.51 2.77
C THR E 46 -10.63 25.64 1.94
N ASP E 47 -10.87 24.67 1.07
CA ASP E 47 -12.04 24.64 0.22
C ASP E 47 -13.28 24.10 0.96
N LEU E 48 -13.82 24.95 1.83
CA LEU E 48 -15.01 24.65 2.61
C LEU E 48 -16.26 24.49 1.72
N ALA E 49 -16.42 25.39 0.75
CA ALA E 49 -17.58 25.32 -0.15
C ALA E 49 -17.66 23.96 -0.84
N GLY E 50 -16.52 23.47 -1.28
CA GLY E 50 -16.45 22.22 -2.01
C GLY E 50 -16.74 21.04 -1.12
N ALA E 51 -16.18 21.08 0.09
CA ALA E 51 -16.42 20.08 1.09
C ALA E 51 -17.90 20.02 1.50
N ALA E 52 -18.51 21.18 1.78
CA ALA E 52 -19.95 21.22 2.13
C ALA E 52 -20.81 20.69 0.98
N ALA E 53 -20.50 21.10 -0.25
CA ALA E 53 -21.15 20.59 -1.46
C ALA E 53 -21.07 19.05 -1.51
N SER E 54 -19.87 18.52 -1.34
CA SER E 54 -19.70 17.07 -1.39
C SER E 54 -20.53 16.33 -0.32
N VAL E 55 -20.54 16.85 0.91
CA VAL E 55 -21.28 16.25 2.03
C VAL E 55 -22.80 16.29 1.80
N GLY E 56 -23.29 17.39 1.25
CA GLY E 56 -24.75 17.57 1.04
C GLY E 56 -25.57 17.61 2.32
N ARG E 57 -26.85 17.27 2.20
CA ARG E 57 -27.75 17.09 3.36
C ARG E 57 -27.85 18.30 4.30
N GLY E 58 -27.78 19.50 3.71
CA GLY E 58 -27.86 20.74 4.45
C GLY E 58 -26.53 21.20 5.00
N ALA E 59 -25.49 20.38 4.82
CA ALA E 59 -24.16 20.75 5.27
C ALA E 59 -23.89 22.23 4.94
N VAL E 60 -23.64 23.04 5.96
CA VAL E 60 -23.17 24.43 5.78
C VAL E 60 -21.70 24.55 6.25
N HIS E 61 -21.10 25.71 6.05
CA HIS E 61 -19.69 25.92 6.35
C HIS E 61 -19.42 27.28 6.88
N HIS E 62 -18.38 27.40 7.70
CA HIS E 62 -17.96 28.68 8.29
C HIS E 62 -16.52 28.59 8.74
N VAL E 63 -15.70 29.60 8.44
CA VAL E 63 -14.26 29.49 8.72
C VAL E 63 -14.01 29.51 10.22
N VAL E 64 -12.92 28.89 10.66
CA VAL E 64 -12.46 29.09 12.03
C VAL E 64 -10.94 29.01 12.08
N ASP E 65 -10.34 29.80 12.96
CA ASP E 65 -8.92 29.69 13.29
C ASP E 65 -8.81 29.48 14.81
N LEU E 66 -8.45 28.27 15.19
CA LEU E 66 -8.43 27.89 16.59
C LEU E 66 -7.43 28.73 17.41
N THR E 67 -6.52 29.45 16.75
CA THR E 67 -5.60 30.33 17.47
C THR E 67 -6.27 31.60 17.99
N ASN E 68 -7.50 31.88 17.58
CA ASN E 68 -8.12 33.19 17.76
C ASN E 68 -9.49 33.11 18.47
N GLU E 69 -9.55 33.56 19.72
CA GLU E 69 -10.76 33.40 20.53
C GLU E 69 -11.95 33.96 19.79
N VAL E 70 -11.84 35.19 19.29
CA VAL E 70 -12.96 35.82 18.55
C VAL E 70 -13.45 34.92 17.39
N SER E 71 -12.54 34.28 16.67
CA SER E 71 -12.92 33.41 15.53
C SER E 71 -13.80 32.24 15.99
N VAL E 72 -13.32 31.52 17.01
CA VAL E 72 -14.03 30.38 17.62
C VAL E 72 -15.42 30.82 18.07
N ARG E 73 -15.41 31.93 18.77
CA ARG E 73 -16.62 32.55 19.24
C ARG E 73 -17.63 32.77 18.13
N ALA E 74 -17.15 33.32 17.00
CA ALA E 74 -18.02 33.55 15.85
C ALA E 74 -18.56 32.22 15.24
N LEU E 75 -17.76 31.17 15.23
CA LEU E 75 -18.20 29.90 14.67
C LEU E 75 -19.37 29.36 15.48
N ILE E 76 -19.24 29.42 16.80
CA ILE E 76 -20.33 29.00 17.69
C ILE E 76 -21.54 29.87 17.45
N ASP E 77 -21.35 31.18 17.49
CA ASP E 77 -22.47 32.12 17.29
C ASP E 77 -23.18 31.90 15.95
N PHE E 78 -22.41 31.69 14.89
CA PHE E 78 -22.97 31.43 13.57
C PHE E 78 -23.88 30.21 13.53
N THR E 79 -23.47 29.15 14.21
CA THR E 79 -24.22 27.92 14.21
C THR E 79 -25.57 28.14 14.91
N ILE E 80 -25.54 28.84 16.06
CA ILE E 80 -26.76 29.23 16.77
C ILE E 80 -27.64 30.19 15.99
N ASP E 81 -27.03 31.03 15.14
CA ASP E 81 -27.83 31.93 14.29
C ASP E 81 -28.42 31.26 13.04
N THR E 82 -27.82 30.14 12.63
CA THR E 82 -28.28 29.40 11.48
C THR E 82 -29.34 28.39 11.92
N PHE E 83 -29.03 27.61 12.95
CA PHE E 83 -29.89 26.50 13.33
C PHE E 83 -30.61 26.64 14.66
N GLY E 84 -30.21 27.56 15.53
CA GLY E 84 -30.91 27.74 16.81
C GLY E 84 -30.45 26.82 17.93
N ARG E 85 -29.57 25.89 17.63
CA ARG E 85 -29.02 25.04 18.67
C ARG E 85 -27.66 24.51 18.29
N LEU E 86 -27.01 23.85 19.25
CA LEU E 86 -25.83 23.02 19.02
C LEU E 86 -25.94 21.81 19.91
N ASP E 87 -25.71 20.65 19.34
CA ASP E 87 -25.81 19.39 20.05
C ASP E 87 -24.47 18.65 20.10
N ILE E 88 -23.65 18.84 19.07
CA ILE E 88 -22.47 18.02 18.88
C ILE E 88 -21.32 18.91 18.40
N VAL E 89 -20.19 18.82 19.10
CA VAL E 89 -18.92 19.38 18.64
C VAL E 89 -17.87 18.26 18.57
N ASP E 90 -17.28 18.12 17.38
CA ASP E 90 -16.18 17.17 17.15
C ASP E 90 -14.93 18.01 16.98
N ASN E 91 -14.12 18.14 18.04
CA ASN E 91 -12.90 18.91 17.95
C ASN E 91 -11.82 18.09 17.28
N ASN E 92 -11.87 18.12 15.95
CA ASN E 92 -11.00 17.32 15.10
C ASN E 92 -9.80 18.12 14.57
N ALA E 93 -9.87 19.45 14.54
CA ALA E 93 -8.73 20.25 14.05
C ALA E 93 -7.50 19.92 14.85
N ALA E 94 -6.34 19.92 14.20
CA ALA E 94 -5.08 19.65 14.90
C ALA E 94 -3.94 20.24 14.10
N HIS E 95 -2.93 20.76 14.76
CA HIS E 95 -1.79 21.25 14.05
C HIS E 95 -0.63 20.35 14.27
N SER E 96 0.09 20.13 13.18
CA SER E 96 1.28 19.28 13.12
C SER E 96 2.36 19.99 12.30
N ASP E 97 3.55 20.11 12.87
CA ASP E 97 4.66 20.81 12.22
C ASP E 97 5.80 19.82 11.95
N PRO E 98 6.30 19.75 10.69
CA PRO E 98 7.35 18.77 10.34
C PRO E 98 8.67 18.89 11.11
N ALA E 99 8.99 20.04 11.68
CA ALA E 99 10.20 20.18 12.50
C ALA E 99 9.96 19.64 13.94
N ASP E 100 8.79 19.05 14.18
CA ASP E 100 8.45 18.47 15.49
C ASP E 100 9.10 17.09 15.57
N MET E 101 10.34 17.06 16.03
CA MET E 101 11.14 15.83 16.05
C MET E 101 11.57 15.51 17.49
N LEU E 102 12.87 15.44 17.76
CA LEU E 102 13.34 15.04 19.08
C LEU E 102 13.19 16.18 20.09
N VAL E 103 13.13 15.81 21.38
CA VAL E 103 13.08 16.78 22.49
C VAL E 103 14.26 17.75 22.44
N THR E 104 15.46 17.23 22.18
CA THR E 104 16.67 18.05 22.19
C THR E 104 16.78 18.98 20.94
N GLN E 105 15.96 18.72 19.92
CA GLN E 105 15.85 19.61 18.75
C GLN E 105 14.64 20.53 18.79
N MET E 106 13.74 20.34 19.75
CA MET E 106 12.52 21.12 19.82
C MET E 106 12.81 22.61 19.95
N THR E 107 12.07 23.43 19.21
CA THR E 107 12.13 24.87 19.43
C THR E 107 10.86 25.32 20.14
N VAL E 108 10.96 26.43 20.87
CA VAL E 108 9.80 27.05 21.49
C VAL E 108 8.73 27.39 20.45
N ASP E 109 9.15 27.68 19.23
CA ASP E 109 8.20 28.08 18.18
C ASP E 109 7.36 26.92 17.72
N VAL E 110 7.99 25.81 17.36
CA VAL E 110 7.25 24.59 16.99
C VAL E 110 6.37 24.12 18.14
N TRP E 111 6.87 24.21 19.37
CA TRP E 111 6.15 23.75 20.55
C TRP E 111 4.92 24.58 20.78
N ASP E 112 5.08 25.89 20.78
CA ASP E 112 3.94 26.78 21.04
C ASP E 112 2.93 26.90 19.91
N ASP E 113 3.37 26.84 18.65
CA ASP E 113 2.42 26.78 17.53
C ASP E 113 1.49 25.58 17.73
N THR E 114 2.07 24.45 18.15
CA THR E 114 1.33 23.22 18.32
C THR E 114 0.40 23.30 19.53
N PHE E 115 0.85 23.91 20.62
CA PHE E 115 -0.02 24.01 21.79
C PHE E 115 -1.19 24.98 21.58
N THR E 116 -0.88 26.13 20.96
CA THR E 116 -1.88 27.14 20.64
C THR E 116 -3.05 26.63 19.82
N VAL E 117 -2.78 25.84 18.78
CA VAL E 117 -3.87 25.28 18.00
C VAL E 117 -4.54 24.14 18.78
N ASN E 118 -3.74 23.17 19.17
CA ASN E 118 -4.27 21.91 19.70
C ASN E 118 -4.87 22.02 21.12
N ALA E 119 -4.04 22.36 22.09
CA ALA E 119 -4.48 22.46 23.49
C ALA E 119 -5.34 23.67 23.68
N ARG E 120 -4.79 24.85 23.45
CA ARG E 120 -5.54 26.05 23.79
C ARG E 120 -6.83 26.19 22.97
N GLY E 121 -6.73 25.87 21.67
CA GLY E 121 -7.86 26.02 20.73
C GLY E 121 -8.99 25.07 21.05
N THR E 122 -8.66 23.81 21.25
CA THR E 122 -9.68 22.84 21.66
C THR E 122 -10.29 23.29 22.99
N MET E 123 -9.50 23.90 23.86
CA MET E 123 -10.02 24.44 25.11
C MET E 123 -11.02 25.55 24.81
N LEU E 124 -10.69 26.48 23.90
CA LEU E 124 -11.59 27.58 23.55
C LEU E 124 -12.91 27.11 22.89
N MET E 125 -12.81 26.10 22.02
CA MET E 125 -14.00 25.52 21.38
C MET E 125 -14.93 24.99 22.46
N CYS E 126 -14.36 24.26 23.42
CA CYS E 126 -15.13 23.78 24.56
C CYS E 126 -15.66 24.96 25.36
N LYS E 127 -14.81 25.91 25.71
CA LYS E 127 -15.26 27.07 26.47
C LYS E 127 -16.56 27.70 25.92
N TYR E 128 -16.64 27.87 24.60
CA TYR E 128 -17.78 28.57 23.99
C TYR E 128 -18.92 27.63 23.56
N ALA E 129 -18.58 26.39 23.22
CA ALA E 129 -19.61 25.35 22.91
C ALA E 129 -20.47 24.87 24.13
N ILE E 130 -19.82 24.66 25.27
CA ILE E 130 -20.48 24.09 26.47
C ILE E 130 -21.79 24.79 26.86
N PRO E 131 -21.79 26.12 26.98
CA PRO E 131 -23.07 26.81 27.36
C PRO E 131 -24.21 26.58 26.38
N ARG E 132 -23.92 26.45 25.10
CA ARG E 132 -24.97 26.18 24.12
C ARG E 132 -25.44 24.75 24.21
N LEU E 133 -24.53 23.80 24.39
CA LEU E 133 -24.95 22.41 24.60
C LEU E 133 -25.92 22.33 25.79
N ILE E 134 -25.51 22.93 26.91
CA ILE E 134 -26.38 23.11 28.09
C ILE E 134 -27.79 23.63 27.70
N SER E 135 -27.85 24.75 26.99
CA SER E 135 -29.15 25.29 26.59
C SER E 135 -29.95 24.34 25.72
N ALA E 136 -29.29 23.51 24.91
CA ALA E 136 -29.99 22.56 24.04
C ALA E 136 -30.62 21.42 24.82
N GLY E 137 -30.47 21.44 26.15
CA GLY E 137 -30.92 20.35 27.01
C GLY E 137 -29.87 19.28 27.20
N GLY E 138 -28.63 19.59 26.85
CA GLY E 138 -27.51 18.64 26.91
C GLY E 138 -26.93 18.39 25.54
N GLY E 139 -25.77 17.74 25.48
CA GLY E 139 -25.13 17.46 24.20
C GLY E 139 -23.89 16.62 24.40
N ALA E 140 -23.07 16.50 23.35
CA ALA E 140 -21.90 15.65 23.41
C ALA E 140 -20.76 16.32 22.70
N ILE E 141 -19.56 16.23 23.28
CA ILE E 141 -18.34 16.65 22.60
C ILE E 141 -17.49 15.42 22.38
N VAL E 142 -16.88 15.33 21.21
CA VAL E 142 -15.84 14.34 20.95
C VAL E 142 -14.52 15.05 20.60
N ASN E 143 -13.46 14.72 21.33
CA ASN E 143 -12.14 15.25 21.07
C ASN E 143 -11.23 14.22 20.41
N ILE E 144 -10.55 14.57 19.33
CA ILE E 144 -9.56 13.64 18.76
C ILE E 144 -8.21 13.80 19.48
N SER E 145 -7.72 12.67 20.03
CA SER E 145 -6.37 12.55 20.61
C SER E 145 -5.41 11.91 19.60
N SER E 146 -4.56 11.00 20.05
CA SER E 146 -3.66 10.21 19.19
C SER E 146 -3.11 9.04 20.02
N ALA E 147 -2.88 7.91 19.37
CA ALA E 147 -2.14 6.85 19.99
C ALA E 147 -0.80 7.36 20.56
N THR E 148 -0.22 8.38 19.93
CA THR E 148 1.11 8.91 20.30
C THR E 148 1.20 9.56 21.67
N ALA E 149 0.07 9.88 22.30
CA ALA E 149 0.10 10.40 23.67
C ALA E 149 0.47 9.30 24.67
N HIS E 150 0.24 8.05 24.27
CA HIS E 150 0.43 6.89 25.17
C HIS E 150 1.70 6.09 24.98
N ALA E 151 2.32 6.26 23.82
CA ALA E 151 3.39 5.41 23.41
C ALA E 151 4.18 6.29 22.46
N ALA E 152 5.44 6.51 22.80
CA ALA E 152 6.31 7.49 22.17
C ALA E 152 7.12 6.93 21.00
N TYR E 153 7.67 7.83 20.21
CA TYR E 153 8.73 7.46 19.27
C TYR E 153 9.58 8.67 18.99
N ASP E 154 10.34 8.68 17.91
CA ASP E 154 11.37 9.72 17.76
C ASP E 154 10.93 10.98 17.05
N MET E 155 9.62 11.11 16.83
CA MET E 155 9.04 12.35 16.32
C MET E 155 7.66 12.65 16.90
N SER E 156 7.19 13.86 16.60
CA SER E 156 5.87 14.36 17.01
C SER E 156 5.70 14.49 18.54
N THR E 157 6.76 14.98 19.19
CA THR E 157 6.78 15.15 20.63
C THR E 157 5.81 16.24 21.05
N ALA E 158 5.89 17.40 20.41
CA ALA E 158 5.00 18.52 20.76
C ALA E 158 3.56 18.05 20.56
N TYR E 159 3.33 17.49 19.38
CA TYR E 159 2.01 17.02 18.99
C TYR E 159 1.46 16.00 20.01
N ALA E 160 2.29 15.04 20.41
CA ALA E 160 1.87 14.00 21.34
C ALA E 160 1.49 14.60 22.69
N CYS E 161 2.29 15.53 23.16
CA CYS E 161 2.02 16.18 24.44
C CYS E 161 0.75 17.05 24.45
N THR E 162 0.39 17.64 23.32
CA THR E 162 -0.87 18.41 23.24
C THR E 162 -2.05 17.48 23.27
N LYS E 163 -1.93 16.31 22.67
CA LYS E 163 -3.01 15.36 22.68
C LYS E 163 -3.22 14.83 24.10
N ALA E 164 -2.15 14.61 24.84
CA ALA E 164 -2.28 14.28 26.24
C ALA E 164 -3.13 15.37 26.98
N ALA E 165 -2.81 16.64 26.75
CA ALA E 165 -3.50 17.77 27.38
C ALA E 165 -5.01 17.74 27.08
N ILE E 166 -5.32 17.31 25.84
CA ILE E 166 -6.69 17.14 25.37
C ILE E 166 -7.39 16.00 26.10
N GLU E 167 -6.67 14.95 26.45
CA GLU E 167 -7.31 13.82 27.12
C GLU E 167 -7.71 14.22 28.51
N THR E 168 -6.87 15.00 29.20
CA THR E 168 -7.23 15.54 30.52
C THR E 168 -8.33 16.56 30.40
N LEU E 169 -8.29 17.36 29.35
CA LEU E 169 -9.33 18.34 29.08
C LEU E 169 -10.71 17.66 29.00
N THR E 170 -10.76 16.53 28.30
CA THR E 170 -11.98 15.76 28.11
C THR E 170 -12.53 15.29 29.46
N ARG E 171 -11.65 14.81 30.32
CA ARG E 171 -12.08 14.43 31.67
C ARG E 171 -12.57 15.62 32.46
N TYR E 172 -12.02 16.80 32.21
CA TYR E 172 -12.44 18.00 32.97
C TYR E 172 -13.81 18.46 32.52
N VAL E 173 -14.04 18.47 31.20
CA VAL E 173 -15.34 18.84 30.64
C VAL E 173 -16.40 17.88 31.13
N ALA E 174 -16.15 16.57 31.01
CA ALA E 174 -17.10 15.58 31.47
C ALA E 174 -17.49 15.75 32.94
N THR E 175 -16.49 15.98 33.79
CA THR E 175 -16.70 16.10 35.24
C THR E 175 -17.44 17.40 35.62
N GLN E 176 -17.05 18.51 35.01
CA GLN E 176 -17.52 19.79 35.40
C GLN E 176 -18.93 19.99 34.92
N TYR E 177 -19.23 19.50 33.73
CA TYR E 177 -20.50 19.79 33.09
C TYR E 177 -21.40 18.57 32.86
N GLY E 178 -21.03 17.44 33.46
CA GLY E 178 -21.87 16.25 33.41
C GLY E 178 -23.21 16.49 34.08
N ARG E 179 -23.20 17.15 35.22
CA ARG E 179 -24.43 17.46 35.95
C ARG E 179 -25.34 18.39 35.14
N HIS E 180 -24.81 19.07 34.11
CA HIS E 180 -25.65 19.95 33.25
C HIS E 180 -26.01 19.31 31.93
N GLY E 181 -25.79 17.99 31.81
CA GLY E 181 -26.17 17.20 30.62
C GLY E 181 -25.13 17.06 29.52
N VAL E 182 -23.89 17.45 29.79
CA VAL E 182 -22.86 17.46 28.76
C VAL E 182 -21.94 16.25 28.89
N ARG E 183 -21.70 15.61 27.75
CA ARG E 183 -20.85 14.44 27.67
C ARG E 183 -19.64 14.81 26.86
N CYS E 184 -18.52 14.18 27.16
CA CYS E 184 -17.29 14.45 26.48
C CYS E 184 -16.40 13.23 26.50
N ASN E 185 -15.90 12.85 25.33
CA ASN E 185 -15.10 11.64 25.20
C ASN E 185 -14.04 11.91 24.17
N ALA E 186 -12.93 11.19 24.27
CA ALA E 186 -11.82 11.35 23.33
C ALA E 186 -11.60 10.05 22.55
N ILE E 187 -11.13 10.18 21.31
CA ILE E 187 -10.76 9.01 20.49
C ILE E 187 -9.26 9.11 20.24
N ALA E 188 -8.54 8.01 20.41
CA ALA E 188 -7.10 7.94 20.14
C ALA E 188 -6.84 7.04 18.91
N PRO E 189 -6.73 7.65 17.71
CA PRO E 189 -6.57 6.77 16.56
C PRO E 189 -5.17 6.17 16.49
N GLY E 190 -5.05 5.03 15.83
CA GLY E 190 -3.75 4.57 15.36
C GLY E 190 -3.40 5.38 14.13
N LEU E 191 -2.64 4.79 13.21
CA LEU E 191 -2.40 5.36 11.91
C LEU E 191 -3.65 5.26 11.04
N VAL E 192 -3.99 6.38 10.40
CA VAL E 192 -5.17 6.45 9.54
C VAL E 192 -4.73 7.09 8.21
N ARG E 193 -5.10 6.49 7.09
CA ARG E 193 -4.83 7.03 5.77
C ARG E 193 -5.38 8.44 5.60
N THR E 194 -4.48 9.39 5.44
CA THR E 194 -4.83 10.73 5.02
C THR E 194 -3.69 11.27 4.14
N PRO E 195 -3.98 12.33 3.36
CA PRO E 195 -2.94 13.09 2.65
C PRO E 195 -1.89 13.72 3.59
N ARG E 196 -2.33 14.20 4.77
CA ARG E 196 -1.39 14.69 5.80
C ARG E 196 -0.32 13.62 6.06
N LEU E 197 -0.70 12.35 5.99
CA LEU E 197 0.21 11.24 6.28
C LEU E 197 1.16 10.96 5.13
N GLU E 198 0.64 10.82 3.92
CA GLU E 198 1.53 10.59 2.79
C GLU E 198 2.68 11.60 2.82
N VAL E 199 2.40 12.87 3.14
CA VAL E 199 3.44 13.91 3.13
C VAL E 199 4.30 13.82 4.39
N GLY E 200 3.69 13.45 5.51
CA GLY E 200 4.35 13.52 6.82
C GLY E 200 5.13 12.30 7.27
N LEU E 201 4.91 11.14 6.68
CA LEU E 201 5.60 9.95 7.14
C LEU E 201 6.03 9.05 5.98
N PRO E 202 7.36 8.86 5.81
CA PRO E 202 7.86 8.05 4.70
C PRO E 202 7.22 6.66 4.63
N GLN E 203 7.05 6.16 3.42
CA GLN E 203 6.30 4.92 3.23
C GLN E 203 6.85 3.72 4.00
N PRO E 204 8.17 3.55 4.05
CA PRO E 204 8.70 2.43 4.82
C PRO E 204 8.31 2.42 6.30
N ILE E 205 8.12 3.58 6.91
CA ILE E 205 7.70 3.66 8.32
C ILE E 205 6.21 3.38 8.45
N VAL E 206 5.40 3.98 7.57
CA VAL E 206 3.96 3.68 7.48
C VAL E 206 3.78 2.16 7.36
N ASP E 207 4.54 1.51 6.49
CA ASP E 207 4.45 0.04 6.38
C ASP E 207 4.86 -0.71 7.66
N ILE E 208 5.93 -0.27 8.34
CA ILE E 208 6.30 -0.92 9.63
C ILE E 208 5.11 -0.78 10.61
N PHE E 209 4.64 0.44 10.82
CA PHE E 209 3.48 0.65 11.68
C PHE E 209 2.29 -0.24 11.29
N ALA E 210 2.08 -0.44 9.99
CA ALA E 210 0.94 -1.20 9.49
C ALA E 210 0.97 -2.63 10.02
N THR E 211 2.15 -3.24 10.02
CA THR E 211 2.29 -4.60 10.52
C THR E 211 1.94 -4.75 12.01
N HIS E 212 1.94 -3.66 12.79
CA HIS E 212 1.61 -3.71 14.23
C HIS E 212 0.17 -3.33 14.60
N HIS E 213 -0.65 -3.04 13.61
CA HIS E 213 -2.09 -2.91 13.81
C HIS E 213 -2.54 -4.27 13.54
N LEU E 214 -3.42 -4.78 14.37
CA LEU E 214 -3.75 -6.18 14.34
C LEU E 214 -4.53 -6.56 13.08
N ALA E 215 -5.32 -5.64 12.50
CA ALA E 215 -5.91 -5.89 11.18
C ALA E 215 -4.84 -6.00 10.05
N GLY E 216 -3.58 -5.77 10.37
CA GLY E 216 -2.52 -5.89 9.40
C GLY E 216 -2.50 -4.77 8.37
N ARG E 217 -3.22 -3.67 8.65
CA ARG E 217 -3.28 -2.50 7.77
C ARG E 217 -3.51 -1.28 8.63
N ILE E 218 -3.30 -0.10 8.04
CA ILE E 218 -3.67 1.16 8.71
C ILE E 218 -5.19 1.39 8.61
N GLY E 219 -5.70 2.33 9.40
CA GLY E 219 -7.12 2.65 9.41
C GLY E 219 -7.60 3.53 8.27
N GLU E 220 -8.90 3.47 8.00
CA GLU E 220 -9.57 4.33 7.03
C GLU E 220 -10.34 5.44 7.78
N PRO E 221 -10.37 6.65 7.22
CA PRO E 221 -11.14 7.74 7.83
C PRO E 221 -12.53 7.34 8.34
N HIS E 222 -13.25 6.49 7.60
CA HIS E 222 -14.62 6.15 8.01
C HIS E 222 -14.64 5.44 9.31
N GLU E 223 -13.64 4.62 9.55
CA GLU E 223 -13.56 3.86 10.79
C GLU E 223 -13.43 4.79 11.99
N ILE E 224 -12.74 5.91 11.84
CA ILE E 224 -12.78 6.94 12.90
C ILE E 224 -14.12 7.65 12.92
N ALA E 225 -14.63 7.98 11.73
CA ALA E 225 -15.94 8.65 11.62
C ALA E 225 -17.04 7.90 12.37
N GLU E 226 -17.12 6.59 12.20
CA GLU E 226 -18.15 5.79 12.84
C GLU E 226 -18.16 5.90 14.38
N LEU E 227 -17.00 5.96 14.99
CA LEU E 227 -16.90 6.04 16.43
C LEU E 227 -17.30 7.44 16.88
N VAL E 228 -16.88 8.47 16.14
CA VAL E 228 -17.26 9.85 16.48
C VAL E 228 -18.80 9.91 16.54
N CYS E 229 -19.40 9.38 15.49
CA CYS E 229 -20.85 9.26 15.36
C CYS E 229 -21.51 8.53 16.52
N PHE E 230 -21.02 7.34 16.83
CA PHE E 230 -21.53 6.62 17.99
C PHE E 230 -21.46 7.48 19.26
N LEU E 231 -20.28 7.98 19.60
CA LEU E 231 -20.05 8.73 20.83
C LEU E 231 -20.81 10.05 20.92
N ALA E 232 -21.12 10.64 19.79
CA ALA E 232 -21.88 11.86 19.75
C ALA E 232 -23.37 11.59 19.84
N SER E 233 -23.77 10.33 19.72
CA SER E 233 -25.18 9.95 19.68
C SER E 233 -25.68 9.51 21.05
N ASP E 234 -27.00 9.45 21.20
CA ASP E 234 -27.62 9.07 22.46
C ASP E 234 -27.46 7.61 22.84
N ARG E 235 -27.02 6.77 21.92
CA ARG E 235 -26.65 5.39 22.28
C ARG E 235 -25.47 5.39 23.29
N ALA E 236 -24.69 6.47 23.30
CA ALA E 236 -23.55 6.67 24.20
C ALA E 236 -23.88 7.57 25.44
N ALA E 237 -25.15 7.62 25.83
CA ALA E 237 -25.60 8.40 26.98
C ALA E 237 -24.89 8.09 28.29
N PHE E 238 -24.45 6.84 28.48
CA PHE E 238 -23.74 6.43 29.69
C PHE E 238 -22.21 6.31 29.51
N ILE E 239 -21.67 6.91 28.45
CA ILE E 239 -20.22 6.90 28.19
C ILE E 239 -19.75 8.35 28.22
N THR E 240 -18.95 8.70 29.21
CA THR E 240 -18.42 10.05 29.30
C THR E 240 -17.11 10.04 30.06
N GLY E 241 -16.23 10.97 29.72
CA GLY E 241 -14.92 11.05 30.33
C GLY E 241 -13.88 10.05 29.87
N GLN E 242 -14.08 9.42 28.72
CA GLN E 242 -13.24 8.29 28.31
C GLN E 242 -12.28 8.66 27.19
N VAL E 243 -11.15 7.96 27.15
CA VAL E 243 -10.33 7.96 25.94
C VAL E 243 -10.46 6.57 25.33
N ILE E 244 -10.94 6.50 24.08
CA ILE E 244 -11.17 5.23 23.40
C ILE E 244 -10.28 5.11 22.17
N ALA E 245 -9.46 4.05 22.17
CA ALA E 245 -8.55 3.73 21.10
C ALA E 245 -9.27 3.14 19.90
N ALA E 246 -9.13 3.80 18.76
CA ALA E 246 -9.54 3.34 17.44
C ALA E 246 -8.23 3.07 16.71
N ASP E 247 -7.52 2.05 17.16
CA ASP E 247 -6.13 1.78 16.72
C ASP E 247 -5.80 0.33 16.37
N SER E 248 -6.83 -0.47 16.09
CA SER E 248 -6.64 -1.89 15.80
C SER E 248 -5.69 -2.59 16.79
N GLY E 249 -5.88 -2.37 18.09
CA GLY E 249 -5.09 -3.06 19.10
C GLY E 249 -3.60 -2.75 19.08
N LEU E 250 -3.25 -1.59 18.51
CA LEU E 250 -1.85 -1.18 18.32
C LEU E 250 -1.03 -1.24 19.59
N LEU E 251 -1.68 -0.99 20.74
CA LEU E 251 -1.03 -1.04 22.05
C LEU E 251 -1.57 -2.18 22.92
N ALA E 252 -2.25 -3.16 22.32
CA ALA E 252 -2.82 -4.26 23.07
C ALA E 252 -1.90 -5.45 23.06
N HIS E 253 -0.83 -5.38 22.28
CA HIS E 253 0.11 -6.48 22.16
C HIS E 253 1.53 -6.03 22.39
N LEU E 254 2.38 -6.99 22.77
CA LEU E 254 3.80 -6.74 22.94
C LEU E 254 4.45 -6.30 21.64
N PRO E 255 5.42 -5.39 21.74
CA PRO E 255 6.12 -5.01 20.52
C PRO E 255 7.03 -6.16 20.13
N GLY E 256 7.35 -6.27 18.85
CA GLY E 256 8.19 -7.38 18.39
C GLY E 256 7.44 -8.56 17.83
N LEU E 257 6.12 -8.57 18.04
CA LEU E 257 5.29 -9.75 17.77
C LEU E 257 5.44 -10.28 16.33
N PRO E 258 5.37 -9.38 15.33
CA PRO E 258 5.51 -9.87 13.96
C PRO E 258 6.87 -10.51 13.70
N GLN E 259 7.91 -9.90 14.26
CA GLN E 259 9.27 -10.42 14.24
C GLN E 259 9.41 -11.77 15.00
N ILE E 260 8.70 -11.90 16.11
CA ILE E 260 8.61 -13.18 16.86
C ILE E 260 7.92 -14.25 16.00
N ARG E 261 6.80 -13.89 15.37
CA ARG E 261 6.09 -14.84 14.48
C ARG E 261 6.93 -15.27 13.27
N ALA E 262 7.70 -14.36 12.65
CA ALA E 262 8.61 -14.76 11.57
C ALA E 262 9.63 -15.80 12.09
N SER E 263 10.16 -15.57 13.27
CA SER E 263 11.11 -16.49 13.90
C SER E 263 10.54 -17.90 14.10
N VAL E 264 9.32 -17.97 14.63
CA VAL E 264 8.62 -19.23 14.82
C VAL E 264 8.35 -19.89 13.47
N ALA E 265 7.87 -19.14 12.49
CA ALA E 265 7.59 -19.73 11.17
C ALA E 265 8.85 -20.47 10.67
N GLU E 266 10.00 -19.83 10.88
CA GLU E 266 11.28 -20.42 10.53
C GLU E 266 11.58 -21.62 11.44
N LEU E 267 11.97 -21.37 12.70
CA LEU E 267 12.37 -22.42 13.65
C LEU E 267 11.18 -23.19 14.19
N ALA F 7 -29.49 -2.38 8.51
CA ALA F 7 -29.39 -2.92 9.93
C ALA F 7 -27.96 -3.33 10.23
N GLU F 8 -27.39 -2.80 11.31
CA GLU F 8 -25.92 -2.90 11.51
C GLU F 8 -25.43 -4.31 11.94
N LEU F 9 -26.33 -5.28 12.17
CA LEU F 9 -25.92 -6.68 12.38
C LEU F 9 -26.63 -7.65 11.40
N GLU F 10 -26.92 -7.17 10.21
CA GLU F 10 -27.74 -7.94 9.25
C GLU F 10 -27.23 -9.34 9.02
N ASN F 11 -28.03 -10.34 9.34
CA ASN F 11 -27.72 -11.75 9.10
C ASN F 11 -26.60 -12.40 9.93
N LYS F 12 -25.88 -11.62 10.74
CA LYS F 12 -24.90 -12.21 11.64
C LYS F 12 -25.61 -13.16 12.61
N VAL F 13 -24.92 -14.21 13.05
CA VAL F 13 -25.42 -15.10 14.08
C VAL F 13 -24.67 -14.77 15.38
N ALA F 14 -25.42 -14.56 16.45
CA ALA F 14 -24.84 -14.12 17.71
C ALA F 14 -25.26 -15.00 18.86
N ILE F 15 -24.34 -15.20 19.79
CA ILE F 15 -24.63 -15.91 21.02
C ILE F 15 -24.52 -14.88 22.15
N ILE F 16 -25.51 -14.86 23.04
CA ILE F 16 -25.47 -14.08 24.27
C ILE F 16 -25.53 -15.04 25.47
N THR F 17 -24.49 -15.03 26.32
CA THR F 17 -24.51 -15.81 27.58
C THR F 17 -25.18 -14.98 28.67
N GLY F 18 -25.70 -15.65 29.69
CA GLY F 18 -26.40 -14.97 30.77
C GLY F 18 -27.65 -14.22 30.27
N ALA F 19 -28.35 -14.81 29.30
CA ALA F 19 -29.40 -14.11 28.52
C ALA F 19 -30.61 -13.74 29.31
N CYS F 20 -30.86 -14.44 30.41
CA CYS F 20 -32.06 -14.19 31.20
C CYS F 20 -31.88 -13.05 32.18
N GLY F 21 -30.66 -12.61 32.40
CA GLY F 21 -30.41 -11.42 33.22
C GLY F 21 -30.85 -10.12 32.58
N GLY F 22 -30.82 -9.06 33.38
CA GLY F 22 -31.29 -7.76 32.95
C GLY F 22 -30.55 -7.35 31.71
N ILE F 23 -29.22 -7.40 31.79
CA ILE F 23 -28.38 -6.90 30.71
C ILE F 23 -28.36 -7.89 29.55
N GLY F 24 -28.26 -9.17 29.87
CA GLY F 24 -28.31 -10.19 28.84
C GLY F 24 -29.57 -10.14 28.00
N LEU F 25 -30.73 -10.04 28.66
CA LEU F 25 -32.00 -10.00 27.91
C LEU F 25 -32.13 -8.75 27.04
N GLU F 26 -31.70 -7.61 27.54
CA GLU F 26 -31.82 -6.38 26.77
C GLU F 26 -30.86 -6.41 25.62
N THR F 27 -29.63 -6.90 25.83
CA THR F 27 -28.65 -7.01 24.75
C THR F 27 -29.20 -7.91 23.66
N SER F 28 -29.82 -9.04 24.04
CA SER F 28 -30.43 -9.93 23.04
C SER F 28 -31.47 -9.16 22.21
N ARG F 29 -32.25 -8.32 22.85
CA ARG F 29 -33.20 -7.49 22.13
C ARG F 29 -32.53 -6.58 21.14
N VAL F 30 -31.57 -5.81 21.63
CA VAL F 30 -30.89 -4.82 20.81
C VAL F 30 -30.17 -5.48 19.66
N LEU F 31 -29.49 -6.59 19.93
CA LEU F 31 -28.82 -7.34 18.87
C LEU F 31 -29.80 -7.90 17.82
N ALA F 32 -30.92 -8.47 18.25
CA ALA F 32 -31.94 -8.97 17.31
C ALA F 32 -32.58 -7.82 16.51
N ARG F 33 -32.65 -6.64 17.12
CA ARG F 33 -33.22 -5.50 16.46
C ARG F 33 -32.31 -4.94 15.39
N ALA F 34 -31.01 -5.14 15.54
CA ALA F 34 -30.04 -4.70 14.54
C ALA F 34 -29.88 -5.73 13.45
N GLY F 35 -30.66 -6.80 13.52
CA GLY F 35 -30.76 -7.78 12.43
C GLY F 35 -30.16 -9.14 12.74
N ALA F 36 -29.81 -9.40 13.99
CA ALA F 36 -29.06 -10.61 14.33
C ALA F 36 -29.98 -11.79 14.60
N ARG F 37 -29.52 -12.98 14.20
CA ARG F 37 -30.14 -14.23 14.57
C ARG F 37 -29.46 -14.64 15.86
N VAL F 38 -30.22 -14.52 16.95
CA VAL F 38 -29.67 -14.59 18.28
C VAL F 38 -29.85 -15.98 18.92
N VAL F 39 -28.87 -16.39 19.71
CA VAL F 39 -28.95 -17.59 20.49
C VAL F 39 -28.79 -17.19 21.94
N LEU F 40 -29.89 -17.18 22.67
CA LEU F 40 -29.89 -16.91 24.10
C LEU F 40 -29.39 -18.15 24.84
N ALA F 41 -28.54 -17.93 25.83
CA ALA F 41 -27.97 -18.99 26.64
C ALA F 41 -27.83 -18.58 28.11
N ASP F 42 -28.29 -19.47 28.98
CA ASP F 42 -28.21 -19.28 30.43
C ASP F 42 -28.41 -20.64 31.11
N LEU F 43 -28.42 -20.64 32.45
CA LEU F 43 -28.52 -21.88 33.22
C LEU F 43 -29.87 -22.58 33.00
N PRO F 44 -29.92 -23.92 33.16
CA PRO F 44 -31.20 -24.63 32.94
C PRO F 44 -32.30 -24.26 33.91
N GLU F 45 -31.92 -23.69 35.06
CA GLU F 45 -32.90 -23.20 36.06
C GLU F 45 -33.76 -22.06 35.49
N THR F 46 -33.19 -21.26 34.58
CA THR F 46 -33.81 -20.00 34.12
C THR F 46 -34.88 -20.19 33.03
N ASP F 47 -35.64 -19.12 32.75
CA ASP F 47 -36.74 -19.18 31.78
C ASP F 47 -36.28 -18.76 30.39
N LEU F 48 -35.43 -19.58 29.79
CA LEU F 48 -34.85 -19.25 28.46
C LEU F 48 -35.94 -19.10 27.40
N ALA F 49 -36.90 -20.04 27.41
CA ALA F 49 -38.01 -19.99 26.47
C ALA F 49 -38.75 -18.68 26.57
N GLY F 50 -39.06 -18.26 27.79
CA GLY F 50 -39.74 -16.99 28.01
C GLY F 50 -38.89 -15.86 27.45
N ALA F 51 -37.59 -15.89 27.74
CA ALA F 51 -36.71 -14.86 27.23
C ALA F 51 -36.67 -14.87 25.69
N ALA F 52 -36.54 -16.06 25.12
CA ALA F 52 -36.39 -16.16 23.65
C ALA F 52 -37.67 -15.71 22.98
N ALA F 53 -38.80 -16.08 23.58
CA ALA F 53 -40.12 -15.69 23.10
C ALA F 53 -40.27 -14.17 23.12
N SER F 54 -39.82 -13.56 24.21
CA SER F 54 -39.87 -12.11 24.30
C SER F 54 -39.11 -11.42 23.17
N VAL F 55 -37.87 -11.82 22.94
CA VAL F 55 -37.01 -11.18 21.94
C VAL F 55 -37.57 -11.28 20.52
N GLY F 56 -38.09 -12.45 20.17
CA GLY F 56 -38.73 -12.71 18.87
C GLY F 56 -37.72 -12.76 17.74
N ARG F 57 -38.16 -12.42 16.54
CA ARG F 57 -37.25 -12.24 15.37
C ARG F 57 -36.32 -13.43 15.14
N GLY F 58 -36.82 -14.65 15.29
CA GLY F 58 -36.03 -15.85 15.01
C GLY F 58 -35.14 -16.32 16.15
N ALA F 59 -35.19 -15.61 17.29
CA ALA F 59 -34.40 -15.97 18.46
C ALA F 59 -34.63 -17.45 18.85
N VAL F 60 -33.55 -18.12 19.20
CA VAL F 60 -33.60 -19.47 19.70
C VAL F 60 -32.83 -19.48 21.01
N HIS F 61 -32.95 -20.56 21.77
CA HIS F 61 -32.25 -20.66 23.04
C HIS F 61 -31.69 -22.02 23.20
N HIS F 62 -30.62 -22.09 23.99
CA HIS F 62 -30.01 -23.34 24.46
C HIS F 62 -29.44 -23.15 25.86
N VAL F 63 -29.55 -24.16 26.72
CA VAL F 63 -28.99 -24.11 28.10
C VAL F 63 -27.46 -24.17 28.04
N VAL F 64 -26.79 -23.43 28.91
CA VAL F 64 -25.32 -23.60 29.05
C VAL F 64 -24.90 -23.50 30.52
N ASP F 65 -23.93 -24.32 30.88
CA ASP F 65 -23.34 -24.31 32.23
C ASP F 65 -21.87 -24.00 32.03
N LEU F 66 -21.47 -22.81 32.44
CA LEU F 66 -20.23 -22.22 31.99
C LEU F 66 -19.06 -22.90 32.71
N THR F 67 -19.37 -23.59 33.80
CA THR F 67 -18.36 -24.37 34.52
C THR F 67 -17.96 -25.67 33.81
N ASN F 68 -18.62 -26.00 32.70
CA ASN F 68 -18.45 -27.33 32.10
C ASN F 68 -18.02 -27.30 30.63
N GLU F 69 -16.84 -27.84 30.35
CA GLU F 69 -16.30 -27.71 28.99
C GLU F 69 -17.20 -28.37 27.93
N VAL F 70 -17.67 -29.58 28.21
CA VAL F 70 -18.61 -30.26 27.28
C VAL F 70 -19.91 -29.44 27.08
N SER F 71 -20.42 -28.80 28.13
CA SER F 71 -21.63 -27.94 28.01
C SER F 71 -21.40 -26.68 27.15
N VAL F 72 -20.28 -26.00 27.38
CA VAL F 72 -19.91 -24.83 26.58
C VAL F 72 -19.75 -25.23 25.12
N ARG F 73 -19.11 -26.37 24.88
CA ARG F 73 -18.89 -26.81 23.53
C ARG F 73 -20.25 -27.13 22.90
N ALA F 74 -21.16 -27.71 23.66
CA ALA F 74 -22.47 -28.12 23.10
C ALA F 74 -23.27 -26.89 22.62
N LEU F 75 -23.14 -25.77 23.34
CA LEU F 75 -23.82 -24.51 22.95
C LEU F 75 -23.32 -24.00 21.59
N ILE F 76 -22.00 -23.98 21.42
CA ILE F 76 -21.41 -23.60 20.13
C ILE F 76 -21.85 -24.56 19.06
N ASP F 77 -21.77 -25.86 19.31
CA ASP F 77 -22.19 -26.84 18.30
C ASP F 77 -23.65 -26.70 17.92
N PHE F 78 -24.51 -26.43 18.90
CA PHE F 78 -25.94 -26.22 18.62
C PHE F 78 -26.14 -25.01 17.69
N THR F 79 -25.37 -23.96 17.93
CA THR F 79 -25.46 -22.76 17.09
C THR F 79 -25.14 -23.14 15.62
N ILE F 80 -24.09 -23.93 15.44
CA ILE F 80 -23.72 -24.44 14.11
C ILE F 80 -24.81 -25.37 13.53
N ASP F 81 -25.39 -26.27 14.33
CA ASP F 81 -26.46 -27.15 13.82
C ASP F 81 -27.61 -26.31 13.32
N THR F 82 -27.93 -25.27 14.08
CA THR F 82 -29.11 -24.45 13.88
C THR F 82 -28.91 -23.46 12.74
N PHE F 83 -27.79 -22.75 12.69
CA PHE F 83 -27.55 -21.73 11.66
C PHE F 83 -26.37 -22.00 10.70
N GLY F 84 -25.56 -23.02 10.93
CA GLY F 84 -24.41 -23.28 10.06
C GLY F 84 -23.23 -22.33 10.24
N ARG F 85 -23.36 -21.29 11.06
CA ARG F 85 -22.26 -20.32 11.25
C ARG F 85 -22.36 -19.58 12.59
N LEU F 86 -21.24 -18.95 13.00
CA LEU F 86 -21.19 -18.09 14.20
C LEU F 86 -20.39 -16.81 13.92
N ASP F 87 -20.99 -15.63 14.14
CA ASP F 87 -20.33 -14.34 13.86
C ASP F 87 -20.04 -13.48 15.09
N ILE F 88 -20.89 -13.59 16.12
CA ILE F 88 -20.76 -12.78 17.32
C ILE F 88 -20.91 -13.61 18.60
N VAL F 89 -20.05 -13.35 19.58
CA VAL F 89 -20.30 -13.84 20.95
C VAL F 89 -20.23 -12.66 21.94
N ASP F 90 -21.29 -12.54 22.74
CA ASP F 90 -21.34 -11.66 23.90
C ASP F 90 -21.16 -12.57 25.14
N ASN F 91 -19.97 -12.54 25.70
CA ASN F 91 -19.70 -13.25 26.92
C ASN F 91 -20.18 -12.41 28.11
N ASN F 92 -21.48 -12.48 28.41
CA ASN F 92 -22.18 -11.62 29.41
C ASN F 92 -22.41 -12.33 30.76
N ALA F 93 -22.43 -13.66 30.77
CA ALA F 93 -22.68 -14.41 32.00
C ALA F 93 -21.58 -14.15 33.02
N ALA F 94 -21.96 -14.15 34.29
CA ALA F 94 -21.01 -14.03 35.38
C ALA F 94 -21.70 -14.47 36.66
N HIS F 95 -20.92 -15.04 37.55
CA HIS F 95 -21.41 -15.47 38.84
C HIS F 95 -20.91 -14.48 39.84
N SER F 96 -21.70 -14.29 40.88
CA SER F 96 -21.37 -13.33 41.91
C SER F 96 -21.96 -13.76 43.21
N ASP F 97 -21.14 -14.20 44.14
CA ASP F 97 -21.63 -14.80 45.40
C ASP F 97 -21.84 -13.68 46.45
N PRO F 98 -23.00 -13.68 47.13
CA PRO F 98 -23.18 -12.66 48.19
C PRO F 98 -22.23 -12.78 49.37
N ALA F 99 -21.57 -13.92 49.54
CA ALA F 99 -20.50 -14.06 50.55
C ALA F 99 -19.10 -13.71 49.99
N ASP F 100 -19.06 -13.07 48.81
CA ASP F 100 -17.84 -12.56 48.20
C ASP F 100 -17.59 -11.17 48.79
N MET F 101 -16.82 -11.11 49.88
CA MET F 101 -16.68 -9.89 50.66
C MET F 101 -15.20 -9.53 50.80
N LEU F 102 -14.68 -9.44 52.03
CA LEU F 102 -13.29 -9.02 52.25
C LEU F 102 -12.33 -10.16 51.96
N VAL F 103 -11.07 -9.82 51.69
CA VAL F 103 -10.03 -10.81 51.44
C VAL F 103 -9.84 -11.74 52.64
N THR F 104 -9.79 -11.17 53.84
CA THR F 104 -9.58 -11.99 55.03
C THR F 104 -10.74 -12.96 55.27
N GLN F 105 -11.87 -12.71 54.62
CA GLN F 105 -13.06 -13.55 54.72
C GLN F 105 -13.30 -14.44 53.50
N MET F 106 -12.40 -14.40 52.51
CA MET F 106 -12.59 -15.14 51.27
C MET F 106 -12.48 -16.64 51.54
N THR F 107 -13.46 -17.41 51.08
CA THR F 107 -13.33 -18.88 51.13
C THR F 107 -12.89 -19.41 49.77
N VAL F 108 -12.14 -20.49 49.76
CA VAL F 108 -11.79 -21.15 48.50
C VAL F 108 -13.02 -21.48 47.65
N ASP F 109 -14.09 -21.98 48.24
CA ASP F 109 -15.31 -22.26 47.45
C ASP F 109 -15.85 -21.03 46.71
N VAL F 110 -16.06 -19.95 47.45
CA VAL F 110 -16.52 -18.71 46.87
C VAL F 110 -15.61 -18.27 45.74
N TRP F 111 -14.31 -18.25 46.05
CA TRP F 111 -13.27 -17.85 45.09
C TRP F 111 -13.32 -18.70 43.87
N ASP F 112 -13.25 -20.02 44.06
CA ASP F 112 -13.17 -20.96 42.95
C ASP F 112 -14.45 -21.04 42.09
N ASP F 113 -15.61 -20.98 42.72
CA ASP F 113 -16.88 -20.92 41.99
C ASP F 113 -16.95 -19.67 41.09
N THR F 114 -16.52 -18.53 41.61
CA THR F 114 -16.52 -17.30 40.82
C THR F 114 -15.55 -17.39 39.62
N PHE F 115 -14.32 -17.82 39.88
CA PHE F 115 -13.32 -17.97 38.84
C PHE F 115 -13.72 -19.04 37.81
N THR F 116 -14.23 -20.19 38.26
CA THR F 116 -14.64 -21.25 37.33
C THR F 116 -15.67 -20.77 36.30
N VAL F 117 -16.72 -20.05 36.74
CA VAL F 117 -17.73 -19.53 35.84
C VAL F 117 -17.19 -18.34 35.04
N ASN F 118 -16.59 -17.36 35.70
CA ASN F 118 -16.24 -16.11 35.04
C ASN F 118 -14.99 -16.20 34.15
N ALA F 119 -13.89 -16.67 34.72
CA ALA F 119 -12.61 -16.62 34.06
C ALA F 119 -12.45 -17.86 33.18
N ARG F 120 -12.55 -19.03 33.78
CA ARG F 120 -12.36 -20.26 33.00
C ARG F 120 -13.46 -20.42 31.96
N GLY F 121 -14.68 -19.99 32.32
CA GLY F 121 -15.83 -20.15 31.45
C GLY F 121 -15.79 -19.23 30.24
N THR F 122 -15.42 -17.98 30.46
CA THR F 122 -15.33 -17.02 29.39
C THR F 122 -14.24 -17.51 28.41
N MET F 123 -13.21 -18.18 28.94
CA MET F 123 -12.12 -18.73 28.15
C MET F 123 -12.57 -19.93 27.32
N LEU F 124 -13.31 -20.83 27.95
CA LEU F 124 -13.85 -21.95 27.24
C LEU F 124 -14.75 -21.41 26.12
N MET F 125 -15.59 -20.42 26.41
CA MET F 125 -16.44 -19.85 25.37
C MET F 125 -15.60 -19.33 24.22
N CYS F 126 -14.51 -18.63 24.53
CA CYS F 126 -13.63 -18.11 23.46
C CYS F 126 -12.92 -19.26 22.73
N LYS F 127 -12.56 -20.31 23.48
CA LYS F 127 -11.84 -21.46 22.92
C LYS F 127 -12.57 -22.12 21.76
N TYR F 128 -13.86 -22.34 21.93
CA TYR F 128 -14.64 -23.05 20.93
C TYR F 128 -15.29 -22.12 19.92
N ALA F 129 -15.52 -20.86 20.28
CA ALA F 129 -16.12 -19.88 19.34
C ALA F 129 -15.13 -19.39 18.26
N ILE F 130 -13.88 -19.21 18.66
CA ILE F 130 -12.86 -18.62 17.78
C ILE F 130 -12.81 -19.33 16.44
N PRO F 131 -12.63 -20.66 16.45
CA PRO F 131 -12.56 -21.36 15.13
C PRO F 131 -13.79 -21.14 14.21
N ARG F 132 -14.99 -21.04 14.79
CA ARG F 132 -16.20 -20.81 13.99
C ARG F 132 -16.19 -19.39 13.47
N LEU F 133 -15.68 -18.45 14.26
CA LEU F 133 -15.56 -17.08 13.79
C LEU F 133 -14.62 -17.00 12.59
N ILE F 134 -13.52 -17.76 12.65
CA ILE F 134 -12.52 -17.81 11.58
C ILE F 134 -13.09 -18.46 10.32
N SER F 135 -13.69 -19.64 10.48
CA SER F 135 -14.41 -20.25 9.36
C SER F 135 -15.45 -19.30 8.79
N ALA F 136 -16.03 -18.44 9.60
CA ALA F 136 -16.99 -17.45 9.11
C ALA F 136 -16.40 -16.33 8.23
N GLY F 137 -15.07 -16.22 8.16
CA GLY F 137 -14.40 -15.10 7.46
C GLY F 137 -14.01 -13.97 8.42
N GLY F 138 -14.14 -14.21 9.70
CA GLY F 138 -13.89 -13.18 10.72
C GLY F 138 -15.13 -12.98 11.57
N GLY F 139 -14.97 -12.36 12.72
CA GLY F 139 -16.10 -12.06 13.62
C GLY F 139 -15.69 -11.27 14.83
N ALA F 140 -16.61 -11.15 15.79
CA ALA F 140 -16.42 -10.28 16.92
C ALA F 140 -16.84 -10.98 18.23
N ILE F 141 -16.00 -10.89 19.27
CA ILE F 141 -16.37 -11.29 20.62
C ILE F 141 -16.31 -10.05 21.51
N VAL F 142 -17.32 -9.85 22.35
CA VAL F 142 -17.35 -8.79 23.35
C VAL F 142 -17.44 -9.47 24.73
N ASN F 143 -16.55 -9.09 25.66
CA ASN F 143 -16.52 -9.67 27.01
C ASN F 143 -16.97 -8.63 28.02
N ILE F 144 -17.87 -8.97 28.94
CA ILE F 144 -18.36 -7.97 29.90
C ILE F 144 -17.47 -8.02 31.12
N SER F 145 -16.89 -6.88 31.45
CA SER F 145 -16.01 -6.80 32.61
C SER F 145 -16.81 -6.13 33.71
N SER F 146 -16.17 -5.23 34.45
CA SER F 146 -16.85 -4.41 35.47
C SER F 146 -15.90 -3.30 35.90
N ALA F 147 -16.45 -2.13 36.29
CA ALA F 147 -15.62 -1.03 36.83
C ALA F 147 -14.80 -1.50 38.05
N THR F 148 -15.33 -2.49 38.76
CA THR F 148 -14.70 -2.98 39.98
C THR F 148 -13.37 -3.68 39.77
N ALA F 149 -12.99 -3.93 38.53
CA ALA F 149 -11.65 -4.51 38.24
C ALA F 149 -10.56 -3.47 38.39
N HIS F 150 -10.95 -2.22 38.29
CA HIS F 150 -10.01 -1.11 38.28
C HIS F 150 -10.02 -0.33 39.56
N ALA F 151 -11.09 -0.43 40.35
CA ALA F 151 -11.16 0.36 41.56
C ALA F 151 -12.00 -0.41 42.55
N ALA F 152 -11.50 -0.46 43.78
CA ALA F 152 -11.88 -1.48 44.75
C ALA F 152 -12.80 -0.97 45.82
N TYR F 153 -13.54 -1.88 46.43
CA TYR F 153 -14.29 -1.58 47.64
C TYR F 153 -14.32 -2.78 48.56
N ASP F 154 -15.20 -2.77 49.56
CA ASP F 154 -15.11 -3.73 50.66
C ASP F 154 -15.81 -5.03 50.34
N MET F 155 -16.16 -5.23 49.08
CA MET F 155 -16.70 -6.50 48.64
C MET F 155 -16.47 -6.74 47.16
N SER F 156 -16.93 -7.92 46.71
CA SER F 156 -16.77 -8.43 45.33
C SER F 156 -15.33 -8.63 44.89
N THR F 157 -14.47 -9.00 45.86
CA THR F 157 -13.05 -9.25 45.59
C THR F 157 -12.80 -10.33 44.52
N ALA F 158 -13.30 -11.54 44.75
CA ALA F 158 -13.22 -12.60 43.76
C ALA F 158 -13.78 -12.16 42.38
N TYR F 159 -14.99 -11.60 42.41
CA TYR F 159 -15.63 -11.14 41.18
C TYR F 159 -14.75 -10.13 40.42
N ALA F 160 -14.33 -9.07 41.10
CA ALA F 160 -13.47 -8.07 40.51
C ALA F 160 -12.21 -8.68 39.87
N CYS F 161 -11.53 -9.58 40.59
CA CYS F 161 -10.32 -10.24 40.03
C CYS F 161 -10.62 -11.12 38.78
N THR F 162 -11.75 -11.83 38.74
CA THR F 162 -12.12 -12.57 37.53
C THR F 162 -12.32 -11.62 36.35
N LYS F 163 -12.85 -10.44 36.62
CA LYS F 163 -13.09 -9.46 35.58
C LYS F 163 -11.78 -8.92 34.99
N ALA F 164 -10.81 -8.63 35.84
CA ALA F 164 -9.46 -8.29 35.41
C ALA F 164 -8.89 -9.33 34.47
N ALA F 165 -9.06 -10.60 34.84
CA ALA F 165 -8.55 -11.73 34.04
C ALA F 165 -9.27 -11.76 32.68
N ILE F 166 -10.57 -11.47 32.70
CA ILE F 166 -11.31 -11.43 31.44
C ILE F 166 -10.80 -10.29 30.55
N GLU F 167 -10.40 -9.17 31.15
CA GLU F 167 -9.91 -8.05 30.37
C GLU F 167 -8.57 -8.38 29.70
N THR F 168 -7.71 -9.10 30.43
CA THR F 168 -6.44 -9.51 29.84
C THR F 168 -6.69 -10.58 28.77
N LEU F 169 -7.66 -11.47 29.00
CA LEU F 169 -8.04 -12.51 28.03
C LEU F 169 -8.47 -11.88 26.71
N THR F 170 -9.12 -10.72 26.81
CA THR F 170 -9.54 -9.98 25.63
C THR F 170 -8.34 -9.52 24.81
N ARG F 171 -7.30 -9.02 25.48
CA ARG F 171 -6.10 -8.64 24.74
C ARG F 171 -5.49 -9.84 24.04
N TYR F 172 -5.48 -11.00 24.70
CA TYR F 172 -4.91 -12.22 24.11
C TYR F 172 -5.66 -12.74 22.89
N VAL F 173 -6.97 -12.80 22.97
CA VAL F 173 -7.82 -13.15 21.84
C VAL F 173 -7.64 -12.17 20.66
N ALA F 174 -7.68 -10.87 20.97
CA ALA F 174 -7.48 -9.86 19.97
C ALA F 174 -6.12 -10.02 19.31
N THR F 175 -5.09 -10.29 20.11
CA THR F 175 -3.73 -10.31 19.57
C THR F 175 -3.52 -11.56 18.71
N GLN F 176 -3.97 -12.70 19.22
CA GLN F 176 -3.69 -14.02 18.63
C GLN F 176 -4.49 -14.26 17.36
N TYR F 177 -5.71 -13.77 17.30
CA TYR F 177 -6.61 -14.11 16.17
C TYR F 177 -6.95 -12.92 15.25
N GLY F 178 -6.31 -11.77 15.46
CA GLY F 178 -6.54 -10.59 14.61
C GLY F 178 -6.23 -10.82 13.14
N ARG F 179 -5.05 -11.36 12.91
CA ARG F 179 -4.61 -11.86 11.62
C ARG F 179 -5.62 -12.83 10.97
N HIS F 180 -6.52 -13.44 11.75
CA HIS F 180 -7.58 -14.31 11.19
C HIS F 180 -8.97 -13.72 11.14
N GLY F 181 -9.07 -12.41 11.30
CA GLY F 181 -10.36 -11.75 11.21
C GLY F 181 -11.13 -11.67 12.51
N VAL F 182 -10.56 -12.13 13.61
CA VAL F 182 -11.25 -12.04 14.91
C VAL F 182 -10.90 -10.74 15.67
N ARG F 183 -11.94 -10.03 16.12
CA ARG F 183 -11.81 -8.90 17.04
C ARG F 183 -12.37 -9.30 18.38
N CYS F 184 -11.85 -8.69 19.43
CA CYS F 184 -12.32 -8.93 20.78
C CYS F 184 -12.13 -7.66 21.62
N ASN F 185 -13.20 -7.13 22.16
CA ASN F 185 -13.14 -5.95 23.02
C ASN F 185 -13.85 -6.28 24.31
N ALA F 186 -13.51 -5.62 25.41
CA ALA F 186 -14.30 -5.72 26.67
C ALA F 186 -15.08 -4.44 27.00
N ILE F 187 -16.21 -4.60 27.72
CA ILE F 187 -16.92 -3.48 28.33
C ILE F 187 -16.84 -3.55 29.88
N ALA F 188 -16.50 -2.41 30.51
CA ALA F 188 -16.51 -2.29 31.97
C ALA F 188 -17.68 -1.39 32.43
N PRO F 189 -18.84 -1.99 32.70
CA PRO F 189 -19.98 -1.21 33.19
C PRO F 189 -19.82 -0.61 34.61
N GLY F 190 -20.39 0.57 34.83
CA GLY F 190 -20.57 1.05 36.19
C GLY F 190 -21.80 0.36 36.72
N LEU F 191 -22.51 1.03 37.62
CA LEU F 191 -23.69 0.41 38.22
C LEU F 191 -24.87 0.47 37.26
N VAL F 192 -25.49 -0.68 37.03
CA VAL F 192 -26.62 -0.78 36.11
C VAL F 192 -27.88 -1.28 36.83
N ARG F 193 -28.99 -0.60 36.60
CA ARG F 193 -30.27 -1.00 37.19
CA ARG F 193 -30.27 -1.00 37.18
C ARG F 193 -30.67 -2.40 36.68
N THR F 194 -30.69 -3.36 37.59
CA THR F 194 -31.06 -4.74 37.22
C THR F 194 -31.64 -5.44 38.43
N PRO F 195 -32.41 -6.52 38.19
CA PRO F 195 -33.04 -7.30 39.29
C PRO F 195 -32.03 -7.99 40.26
N ARG F 196 -30.83 -8.25 39.76
CA ARG F 196 -29.72 -8.73 40.58
C ARG F 196 -29.12 -7.60 41.46
N LEU F 197 -29.28 -6.33 41.02
CA LEU F 197 -28.77 -5.16 41.77
C LEU F 197 -29.64 -4.78 42.98
N GLU F 198 -30.95 -5.04 42.88
CA GLU F 198 -31.84 -4.93 44.04
C GLU F 198 -31.39 -5.88 45.15
N VAL F 199 -31.18 -7.14 44.77
CA VAL F 199 -30.77 -8.19 45.72
C VAL F 199 -29.24 -8.20 45.95
N GLY F 200 -28.51 -7.44 45.14
CA GLY F 200 -27.05 -7.35 45.23
C GLY F 200 -26.56 -6.25 46.15
N LEU F 201 -27.22 -5.09 46.10
CA LEU F 201 -26.79 -3.90 46.87
C LEU F 201 -27.98 -3.19 47.50
N PRO F 202 -27.88 -2.86 48.80
CA PRO F 202 -28.90 -2.12 49.53
C PRO F 202 -29.08 -0.74 48.93
N GLN F 203 -30.29 -0.19 49.07
CA GLN F 203 -30.65 1.07 48.41
C GLN F 203 -29.75 2.27 48.76
N PRO F 204 -29.43 2.47 50.05
CA PRO F 204 -28.70 3.72 50.29
C PRO F 204 -27.28 3.69 49.73
N ILE F 205 -26.74 2.50 49.48
CA ILE F 205 -25.45 2.37 48.79
C ILE F 205 -25.62 2.68 47.29
N VAL F 206 -26.61 2.06 46.67
CA VAL F 206 -27.03 2.44 45.32
C VAL F 206 -26.98 3.95 45.16
N ASP F 207 -27.66 4.65 46.04
CA ASP F 207 -27.81 6.11 45.91
C ASP F 207 -26.45 6.79 45.97
N ILE F 208 -25.61 6.35 46.89
CA ILE F 208 -24.29 6.94 47.03
C ILE F 208 -23.51 6.80 45.72
N PHE F 209 -23.46 5.57 45.21
CA PHE F 209 -22.84 5.30 43.93
C PHE F 209 -23.46 6.16 42.83
N ALA F 210 -24.77 6.37 42.87
CA ALA F 210 -25.43 7.18 41.86
C ALA F 210 -24.92 8.63 41.81
N THR F 211 -24.62 9.20 42.98
CA THR F 211 -24.13 10.57 43.01
C THR F 211 -22.73 10.65 42.42
N HIS F 212 -22.00 9.54 42.41
CA HIS F 212 -20.66 9.51 41.77
C HIS F 212 -20.59 9.20 40.27
N HIS F 213 -21.73 8.89 39.65
CA HIS F 213 -21.84 8.79 38.19
C HIS F 213 -22.16 10.16 37.63
N LEU F 214 -21.39 10.62 36.65
CA LEU F 214 -21.47 12.01 36.23
C LEU F 214 -22.83 12.40 35.60
N ALA F 215 -23.59 11.43 35.09
CA ALA F 215 -24.98 11.69 34.67
C ALA F 215 -25.95 11.85 35.86
N GLY F 216 -25.48 11.50 37.06
CA GLY F 216 -26.26 11.66 38.30
C GLY F 216 -27.21 10.50 38.62
N ARG F 217 -27.18 9.45 37.80
CA ARG F 217 -28.04 8.26 37.96
C ARG F 217 -27.22 7.00 37.68
N ILE F 218 -27.82 5.84 37.87
CA ILE F 218 -27.18 4.61 37.53
C ILE F 218 -27.55 4.28 36.09
N GLY F 219 -26.84 3.33 35.47
CA GLY F 219 -27.08 2.96 34.08
C GLY F 219 -28.34 2.11 33.86
N GLU F 220 -28.82 2.08 32.60
CA GLU F 220 -29.90 1.16 32.19
C GLU F 220 -29.33 0.05 31.29
N PRO F 221 -29.85 -1.20 31.40
CA PRO F 221 -29.37 -2.26 30.53
C PRO F 221 -29.25 -1.89 29.06
N HIS F 222 -30.20 -1.15 28.52
CA HIS F 222 -30.12 -0.79 27.10
C HIS F 222 -28.85 0.00 26.77
N GLU F 223 -28.35 0.77 27.73
CA GLU F 223 -27.09 1.53 27.55
C GLU F 223 -25.80 0.70 27.52
N ILE F 224 -25.78 -0.47 28.14
CA ILE F 224 -24.67 -1.39 27.90
C ILE F 224 -24.92 -2.12 26.58
N ALA F 225 -26.17 -2.54 26.35
CA ALA F 225 -26.56 -3.23 25.13
C ALA F 225 -26.14 -2.50 23.85
N GLU F 226 -26.36 -1.21 23.80
CA GLU F 226 -25.99 -0.43 22.61
C GLU F 226 -24.50 -0.53 22.28
N LEU F 227 -23.66 -0.52 23.30
CA LEU F 227 -22.21 -0.59 23.09
C LEU F 227 -21.80 -2.01 22.66
N VAL F 228 -22.50 -3.03 23.14
CA VAL F 228 -22.24 -4.38 22.66
C VAL F 228 -22.56 -4.43 21.17
N CYS F 229 -23.69 -3.84 20.82
CA CYS F 229 -24.12 -3.87 19.44
C CYS F 229 -23.10 -3.12 18.58
N PHE F 230 -22.70 -1.93 19.04
CA PHE F 230 -21.64 -1.22 18.33
C PHE F 230 -20.32 -2.04 18.15
N LEU F 231 -19.79 -2.59 19.24
CA LEU F 231 -18.48 -3.28 19.16
C LEU F 231 -18.52 -4.64 18.42
N ALA F 232 -19.70 -5.26 18.35
CA ALA F 232 -19.88 -6.51 17.63
C ALA F 232 -20.10 -6.25 16.15
N SER F 233 -20.16 -4.99 15.75
CA SER F 233 -20.48 -4.64 14.37
C SER F 233 -19.26 -4.24 13.55
N ASP F 234 -19.48 -4.20 12.24
CA ASP F 234 -18.47 -3.81 11.26
C ASP F 234 -18.11 -2.34 11.40
N ARG F 235 -18.95 -1.56 12.08
CA ARG F 235 -18.63 -0.15 12.38
C ARG F 235 -17.42 -0.03 13.29
N ALA F 236 -17.12 -1.05 14.10
CA ALA F 236 -15.95 -1.04 15.00
C ALA F 236 -14.75 -1.85 14.41
N ALA F 237 -14.67 -1.94 13.08
CA ALA F 237 -13.67 -2.80 12.43
C ALA F 237 -12.20 -2.45 12.82
N PHE F 238 -11.97 -1.20 13.23
CA PHE F 238 -10.64 -0.76 13.65
C PHE F 238 -10.45 -0.70 15.16
N ILE F 239 -11.38 -1.27 15.90
CA ILE F 239 -11.33 -1.29 17.35
C ILE F 239 -11.18 -2.71 17.80
N THR F 240 -10.06 -3.02 18.44
CA THR F 240 -9.86 -4.37 19.00
C THR F 240 -8.89 -4.36 20.17
N GLY F 241 -9.07 -5.29 21.10
CA GLY F 241 -8.20 -5.39 22.26
C GLY F 241 -8.36 -4.27 23.28
N GLN F 242 -9.47 -3.53 23.19
CA GLN F 242 -9.76 -2.44 24.07
C GLN F 242 -10.69 -2.82 25.24
N VAL F 243 -10.59 -2.08 26.33
CA VAL F 243 -11.55 -2.17 27.42
C VAL F 243 -12.26 -0.80 27.54
N ILE F 244 -13.56 -0.75 27.21
CA ILE F 244 -14.29 0.50 27.15
C ILE F 244 -15.20 0.55 28.36
N ALA F 245 -15.05 1.61 29.15
CA ALA F 245 -15.90 1.87 30.32
C ALA F 245 -17.24 2.47 29.92
N ALA F 246 -18.33 1.87 30.40
CA ALA F 246 -19.70 2.42 30.26
C ALA F 246 -20.20 2.71 31.68
N ASP F 247 -19.70 3.79 32.27
CA ASP F 247 -19.85 4.01 33.70
C ASP F 247 -20.03 5.48 34.04
N SER F 248 -20.57 6.24 33.11
CA SER F 248 -20.80 7.67 33.31
C SER F 248 -19.60 8.36 33.99
N GLY F 249 -18.41 8.01 33.51
CA GLY F 249 -17.17 8.58 33.99
C GLY F 249 -16.93 8.34 35.47
N LEU F 250 -17.38 7.19 35.99
CA LEU F 250 -17.29 6.90 37.45
C LEU F 250 -15.92 7.18 37.98
N LEU F 251 -14.91 6.91 37.18
CA LEU F 251 -13.54 6.96 37.62
C LEU F 251 -12.75 8.00 36.80
N ALA F 252 -13.47 8.91 36.16
CA ALA F 252 -12.89 10.03 35.43
C ALA F 252 -12.75 11.25 36.34
N HIS F 253 -13.31 11.19 37.55
CA HIS F 253 -13.27 12.32 38.46
C HIS F 253 -12.65 11.92 39.77
N LEU F 254 -12.27 12.92 40.56
CA LEU F 254 -11.72 12.68 41.89
C LEU F 254 -12.80 12.14 42.81
N PRO F 255 -12.45 11.14 43.63
CA PRO F 255 -13.42 10.78 44.63
C PRO F 255 -13.67 11.99 45.50
N GLY F 256 -14.83 12.07 46.12
CA GLY F 256 -15.14 13.19 47.02
C GLY F 256 -15.83 14.38 46.37
N LEU F 257 -16.05 14.30 45.05
CA LEU F 257 -16.63 15.42 44.29
C LEU F 257 -17.98 15.90 44.86
N PRO F 258 -18.96 14.98 45.00
CA PRO F 258 -20.25 15.47 45.53
C PRO F 258 -20.14 16.27 46.82
N GLN F 259 -19.27 15.83 47.74
CA GLN F 259 -19.09 16.49 49.05
C GLN F 259 -18.35 17.80 48.89
N ILE F 260 -17.44 17.86 47.93
CA ILE F 260 -16.71 19.09 47.62
C ILE F 260 -17.65 20.17 47.07
N ARG F 261 -18.57 19.75 46.20
CA ARG F 261 -19.61 20.63 45.67
C ARG F 261 -20.61 21.07 46.72
N ALA F 262 -21.01 20.15 47.62
CA ALA F 262 -21.86 20.53 48.76
C ALA F 262 -21.14 21.50 49.69
N SER F 263 -19.82 21.37 49.86
CA SER F 263 -19.06 22.25 50.74
C SER F 263 -18.87 23.64 50.14
N VAL F 264 -18.56 23.69 48.84
CA VAL F 264 -18.48 24.96 48.09
C VAL F 264 -19.84 25.69 47.98
N ALA F 265 -20.95 24.96 47.98
CA ALA F 265 -22.29 25.59 48.04
C ALA F 265 -22.45 26.31 49.39
N GLU F 266 -22.10 25.59 50.46
CA GLU F 266 -21.99 26.14 51.80
C GLU F 266 -20.66 26.91 51.95
N ALA G 7 19.95 0.70 57.82
CA ALA G 7 19.46 -0.18 56.73
C ALA G 7 17.93 -0.08 56.61
N GLU G 8 17.46 -0.22 55.38
CA GLU G 8 16.12 0.20 54.95
C GLU G 8 14.97 -0.66 55.51
N LEU G 9 15.25 -1.94 55.70
CA LEU G 9 14.27 -2.92 56.15
C LEU G 9 14.73 -3.42 57.50
N GLU G 10 15.45 -2.56 58.21
CA GLU G 10 15.99 -2.86 59.51
C GLU G 10 14.96 -3.54 60.42
N ASN G 11 15.25 -4.78 60.81
CA ASN G 11 14.51 -5.45 61.90
C ASN G 11 13.22 -6.17 61.43
N LYS G 12 12.86 -5.97 60.18
CA LYS G 12 11.54 -6.37 59.71
C LYS G 12 11.58 -7.84 59.29
N VAL G 13 10.46 -8.52 59.46
CA VAL G 13 10.38 -9.94 59.13
C VAL G 13 9.65 -10.07 57.78
N ALA G 14 10.27 -10.83 56.88
CA ALA G 14 9.92 -10.83 55.48
C ALA G 14 9.81 -12.27 54.96
N ILE G 15 8.68 -12.60 54.35
CA ILE G 15 8.51 -13.87 53.68
C ILE G 15 8.71 -13.65 52.20
N ILE G 16 9.50 -14.49 51.53
CA ILE G 16 9.51 -14.53 50.09
C ILE G 16 9.12 -15.92 49.55
N THR G 17 8.03 -15.95 48.77
CA THR G 17 7.60 -17.18 48.13
C THR G 17 8.37 -17.33 46.80
N GLY G 18 8.47 -18.56 46.28
CA GLY G 18 9.30 -18.86 45.12
C GLY G 18 10.78 -18.53 45.31
N ALA G 19 11.28 -18.61 46.54
CA ALA G 19 12.64 -18.11 46.86
C ALA G 19 13.79 -18.94 46.28
N CYS G 20 13.52 -20.12 45.75
CA CYS G 20 14.60 -20.85 45.09
C CYS G 20 14.78 -20.39 43.65
N GLY G 21 13.78 -19.72 43.09
CA GLY G 21 13.87 -19.22 41.72
C GLY G 21 14.83 -18.06 41.63
N GLY G 22 15.06 -17.59 40.41
CA GLY G 22 16.00 -16.52 40.16
C GLY G 22 15.65 -15.22 40.87
N ILE G 23 14.45 -14.72 40.60
CA ILE G 23 14.04 -13.47 41.19
C ILE G 23 13.82 -13.63 42.68
N GLY G 24 13.25 -14.74 43.11
CA GLY G 24 13.01 -14.96 44.54
C GLY G 24 14.29 -14.98 45.40
N LEU G 25 15.26 -15.78 44.97
CA LEU G 25 16.55 -15.84 45.67
C LEU G 25 17.18 -14.46 45.80
N GLU G 26 17.31 -13.76 44.68
CA GLU G 26 18.00 -12.49 44.66
C GLU G 26 17.22 -11.50 45.51
N THR G 27 15.90 -11.58 45.48
CA THR G 27 15.07 -10.69 46.29
C THR G 27 15.36 -10.98 47.76
N SER G 28 15.41 -12.26 48.11
CA SER G 28 15.77 -12.66 49.46
C SER G 28 17.13 -12.08 49.92
N ARG G 29 18.16 -12.19 49.05
CA ARG G 29 19.48 -11.60 49.37
C ARG G 29 19.36 -10.12 49.62
N VAL G 30 18.57 -9.45 48.80
CA VAL G 30 18.47 -7.99 48.88
C VAL G 30 17.73 -7.55 50.14
N LEU G 31 16.60 -8.18 50.45
CA LEU G 31 15.88 -7.88 51.71
C LEU G 31 16.80 -8.09 52.91
N ALA G 32 17.49 -9.23 52.90
CA ALA G 32 18.41 -9.55 53.97
C ALA G 32 19.57 -8.54 54.04
N ARG G 33 20.06 -8.10 52.89
CA ARG G 33 21.07 -7.02 52.86
C ARG G 33 20.54 -5.70 53.44
N ALA G 34 19.24 -5.47 53.33
CA ALA G 34 18.60 -4.25 53.80
C ALA G 34 18.14 -4.32 55.25
N GLY G 35 18.47 -5.41 55.95
CA GLY G 35 18.24 -5.55 57.41
C GLY G 35 17.15 -6.51 57.79
N ALA G 36 16.57 -7.16 56.80
CA ALA G 36 15.38 -7.96 57.01
C ALA G 36 15.69 -9.37 57.51
N ARG G 37 14.89 -9.83 58.46
CA ARG G 37 14.91 -11.23 58.85
C ARG G 37 14.00 -12.00 57.87
N VAL G 38 14.59 -12.87 57.07
CA VAL G 38 13.93 -13.39 55.91
C VAL G 38 13.58 -14.88 56.00
N VAL G 39 12.34 -15.19 55.64
CA VAL G 39 11.88 -16.57 55.50
C VAL G 39 11.80 -16.90 54.02
N LEU G 40 12.63 -17.82 53.56
CA LEU G 40 12.58 -18.34 52.19
C LEU G 40 11.58 -19.48 52.12
N ALA G 41 10.60 -19.39 51.22
CA ALA G 41 9.54 -20.38 51.10
C ALA G 41 9.43 -20.82 49.66
N ASP G 42 9.39 -22.13 49.44
CA ASP G 42 9.21 -22.67 48.07
C ASP G 42 8.68 -24.10 48.20
N LEU G 43 8.63 -24.82 47.08
CA LEU G 43 8.04 -26.16 47.03
C LEU G 43 8.98 -27.15 47.69
N PRO G 44 8.48 -28.34 48.07
CA PRO G 44 9.34 -29.37 48.68
C PRO G 44 10.43 -29.97 47.79
N GLU G 45 10.30 -29.93 46.48
CA GLU G 45 11.41 -30.48 45.63
C GLU G 45 12.68 -29.62 45.76
N THR G 46 12.53 -28.32 46.07
CA THR G 46 13.60 -27.34 45.83
C THR G 46 14.65 -27.35 46.93
N ASP G 47 15.78 -26.72 46.69
CA ASP G 47 16.86 -26.68 47.67
C ASP G 47 16.73 -25.45 48.61
N LEU G 48 15.57 -25.31 49.25
CA LEU G 48 15.35 -24.26 50.26
C LEU G 48 16.51 -24.21 51.27
N ALA G 49 17.12 -25.35 51.57
CA ALA G 49 18.24 -25.37 52.50
C ALA G 49 19.43 -24.58 51.93
N GLY G 50 19.88 -24.97 50.74
CA GLY G 50 20.96 -24.27 50.06
C GLY G 50 20.68 -22.79 49.89
N ALA G 51 19.48 -22.47 49.45
CA ALA G 51 19.13 -21.07 49.20
C ALA G 51 19.37 -20.19 50.44
N ALA G 52 18.87 -20.64 51.60
CA ALA G 52 18.99 -19.92 52.86
C ALA G 52 20.45 -19.73 53.26
N ALA G 53 21.23 -20.78 53.02
CA ALA G 53 22.67 -20.74 53.36
C ALA G 53 23.39 -19.68 52.53
N SER G 54 23.06 -19.56 51.25
CA SER G 54 23.65 -18.51 50.39
C SER G 54 23.20 -17.10 50.82
N VAL G 55 21.93 -16.92 51.13
CA VAL G 55 21.49 -15.60 51.65
C VAL G 55 22.16 -15.23 52.98
N GLY G 56 22.36 -16.23 53.84
CA GLY G 56 22.87 -16.01 55.20
C GLY G 56 22.07 -14.99 56.02
N ARG G 57 22.77 -14.24 56.87
CA ARG G 57 22.17 -13.17 57.71
C ARG G 57 20.97 -13.57 58.52
N GLY G 58 21.01 -14.77 59.08
CA GLY G 58 19.92 -15.28 59.89
C GLY G 58 18.69 -15.73 59.10
N ALA G 59 18.84 -15.90 57.78
CA ALA G 59 17.72 -16.29 56.92
C ALA G 59 17.30 -17.68 57.32
N VAL G 60 16.01 -17.98 57.19
CA VAL G 60 15.50 -19.29 57.46
C VAL G 60 14.55 -19.70 56.31
N HIS G 61 14.04 -20.93 56.40
CA HIS G 61 13.20 -21.47 55.34
C HIS G 61 12.14 -22.40 55.83
N HIS G 62 11.09 -22.52 55.02
CA HIS G 62 10.01 -23.44 55.27
C HIS G 62 9.32 -23.70 53.96
N VAL G 63 8.91 -24.94 53.70
CA VAL G 63 8.25 -25.23 52.42
C VAL G 63 6.86 -24.64 52.44
N VAL G 64 6.41 -24.16 51.30
CA VAL G 64 5.00 -23.85 51.09
C VAL G 64 4.53 -24.47 49.77
N ASP G 65 3.25 -24.83 49.73
CA ASP G 65 2.58 -25.30 48.51
C ASP G 65 1.32 -24.48 48.39
N LEU G 66 1.37 -23.49 47.50
CA LEU G 66 0.30 -22.50 47.35
C LEU G 66 -1.05 -23.09 46.94
N THR G 67 -1.04 -24.30 46.38
CA THR G 67 -2.30 -24.97 46.05
C THR G 67 -3.08 -25.37 47.29
N ASN G 68 -2.48 -25.23 48.46
CA ASN G 68 -3.00 -25.85 49.68
C ASN G 68 -3.07 -24.82 50.80
N GLU G 69 -4.27 -24.68 51.36
CA GLU G 69 -4.55 -23.60 52.30
C GLU G 69 -3.93 -23.90 53.65
N VAL G 70 -4.09 -25.12 54.15
CA VAL G 70 -3.41 -25.52 55.40
C VAL G 70 -1.93 -25.19 55.26
N SER G 71 -1.35 -25.52 54.11
CA SER G 71 0.07 -25.25 53.83
C SER G 71 0.44 -23.76 53.88
N VAL G 72 -0.43 -22.91 53.36
CA VAL G 72 -0.20 -21.48 53.43
C VAL G 72 -0.31 -21.03 54.87
N ARG G 73 -1.22 -21.62 55.64
CA ARG G 73 -1.36 -21.22 57.04
C ARG G 73 -0.14 -21.64 57.81
N ALA G 74 0.41 -22.79 57.46
CA ALA G 74 1.60 -23.30 58.16
C ALA G 74 2.80 -22.38 57.93
N LEU G 75 2.90 -21.80 56.73
CA LEU G 75 4.03 -20.90 56.41
C LEU G 75 3.93 -19.65 57.24
N ILE G 76 2.76 -19.00 57.25
CA ILE G 76 2.58 -17.78 58.04
C ILE G 76 2.83 -18.08 59.52
N ASP G 77 2.29 -19.19 60.02
CA ASP G 77 2.42 -19.54 61.44
C ASP G 77 3.84 -19.91 61.82
N PHE G 78 4.57 -20.56 60.92
CA PHE G 78 6.00 -20.77 61.13
C PHE G 78 6.76 -19.44 61.36
N THR G 79 6.40 -18.43 60.59
CA THR G 79 7.07 -17.12 60.64
C THR G 79 6.77 -16.45 61.97
N ILE G 80 5.52 -16.53 62.42
CA ILE G 80 5.19 -16.01 63.75
C ILE G 80 5.84 -16.83 64.85
N ASP G 81 5.92 -18.15 64.68
CA ASP G 81 6.60 -19.02 65.65
C ASP G 81 8.11 -18.71 65.75
N THR G 82 8.75 -18.45 64.62
CA THR G 82 10.18 -18.15 64.62
C THR G 82 10.48 -16.75 65.17
N PHE G 83 9.88 -15.72 64.58
CA PHE G 83 10.18 -14.31 64.94
C PHE G 83 9.10 -13.59 65.77
N GLY G 84 7.92 -14.15 65.96
CA GLY G 84 6.84 -13.45 66.69
C GLY G 84 6.10 -12.29 65.99
N ARG G 85 6.41 -12.02 64.73
CA ARG G 85 5.82 -10.88 63.99
C ARG G 85 5.97 -11.06 62.49
N LEU G 86 5.08 -10.46 61.70
CA LEU G 86 5.29 -10.40 60.24
C LEU G 86 5.16 -8.97 59.76
N ASP G 87 6.14 -8.49 58.97
CA ASP G 87 6.14 -7.11 58.44
C ASP G 87 5.99 -6.97 56.92
N ILE G 88 6.47 -7.95 56.18
CA ILE G 88 6.56 -7.87 54.71
C ILE G 88 6.28 -9.23 54.03
N VAL G 89 5.43 -9.23 53.00
CA VAL G 89 5.28 -10.45 52.20
C VAL G 89 5.48 -10.13 50.74
N ASP G 90 6.41 -10.81 50.09
CA ASP G 90 6.59 -10.74 48.64
C ASP G 90 6.01 -12.02 48.03
N ASN G 91 4.86 -11.84 47.39
CA ASN G 91 4.18 -12.89 46.69
C ASN G 91 4.77 -12.99 45.31
N ASN G 92 5.89 -13.72 45.28
CA ASN G 92 6.76 -13.82 44.13
C ASN G 92 6.56 -15.12 43.37
N ALA G 93 6.21 -16.19 44.08
CA ALA G 93 5.93 -17.50 43.43
C ALA G 93 4.86 -17.44 42.32
N ALA G 94 5.06 -18.27 41.30
CA ALA G 94 4.16 -18.30 40.16
C ALA G 94 4.41 -19.57 39.36
N HIS G 95 3.33 -20.18 38.87
CA HIS G 95 3.40 -21.34 38.00
C HIS G 95 3.32 -20.87 36.56
N SER G 96 4.14 -21.51 35.72
CA SER G 96 4.23 -21.19 34.30
C SER G 96 4.46 -22.48 33.56
N ASP G 97 3.44 -22.91 32.83
CA ASP G 97 3.44 -24.20 32.14
C ASP G 97 3.82 -24.01 30.67
N PRO G 98 4.83 -24.79 30.19
CA PRO G 98 5.21 -24.75 28.75
C PRO G 98 4.07 -25.03 27.76
N ALA G 99 3.10 -25.86 28.13
CA ALA G 99 1.85 -26.00 27.32
C ALA G 99 0.86 -24.77 27.36
N ASP G 100 1.23 -23.68 28.03
CA ASP G 100 0.36 -22.50 28.14
C ASP G 100 0.61 -21.63 26.92
N MET G 101 -0.14 -21.91 25.85
CA MET G 101 0.12 -21.30 24.54
C MET G 101 -1.10 -20.50 24.11
N LEU G 102 -1.74 -20.86 23.00
CA LEU G 102 -2.91 -20.12 22.49
C LEU G 102 -4.19 -20.48 23.26
N VAL G 103 -5.14 -19.53 23.29
CA VAL G 103 -6.49 -19.71 23.81
C VAL G 103 -7.15 -20.94 23.22
N THR G 104 -7.08 -21.10 21.90
CA THR G 104 -7.79 -22.21 21.26
C THR G 104 -7.21 -23.58 21.62
N GLN G 105 -5.96 -23.58 22.07
CA GLN G 105 -5.25 -24.78 22.48
C GLN G 105 -5.31 -24.99 23.99
N MET G 106 -5.87 -24.03 24.73
CA MET G 106 -5.89 -24.11 26.20
C MET G 106 -6.67 -25.31 26.76
N THR G 107 -6.05 -26.04 27.68
CA THR G 107 -6.73 -27.12 28.40
C THR G 107 -7.04 -26.62 29.81
N VAL G 108 -8.09 -27.17 30.43
CA VAL G 108 -8.48 -26.71 31.75
C VAL G 108 -7.38 -27.00 32.75
N ASP G 109 -6.70 -28.13 32.60
CA ASP G 109 -5.63 -28.51 33.53
C ASP G 109 -4.54 -27.44 33.60
N VAL G 110 -4.02 -27.05 32.44
CA VAL G 110 -3.04 -25.96 32.35
C VAL G 110 -3.66 -24.69 32.93
N TRP G 111 -4.87 -24.36 32.50
CA TRP G 111 -5.56 -23.16 32.99
C TRP G 111 -5.73 -23.18 34.47
N ASP G 112 -6.29 -24.25 35.00
CA ASP G 112 -6.56 -24.32 36.45
C ASP G 112 -5.32 -24.46 37.32
N ASP G 113 -4.33 -25.22 36.84
CA ASP G 113 -3.08 -25.33 37.56
C ASP G 113 -2.52 -23.95 37.75
N THR G 114 -2.50 -23.18 36.67
CA THR G 114 -1.94 -21.82 36.69
C THR G 114 -2.70 -20.90 37.65
N PHE G 115 -4.02 -21.08 37.75
CA PHE G 115 -4.83 -20.14 38.54
C PHE G 115 -4.82 -20.53 40.00
N THR G 116 -4.91 -21.82 40.25
CA THR G 116 -4.86 -22.35 41.60
C THR G 116 -3.60 -21.87 42.32
N VAL G 117 -2.45 -21.90 41.64
CA VAL G 117 -1.22 -21.41 42.23
C VAL G 117 -1.15 -19.88 42.27
N ASN G 118 -1.25 -19.21 41.14
CA ASN G 118 -0.97 -17.76 41.09
C ASN G 118 -2.09 -16.91 41.76
N ALA G 119 -3.33 -17.15 41.32
CA ALA G 119 -4.45 -16.29 41.67
C ALA G 119 -4.95 -16.69 43.04
N ARG G 120 -5.42 -17.93 43.15
CA ARG G 120 -5.96 -18.41 44.39
C ARG G 120 -4.86 -18.41 45.46
N GLY G 121 -3.70 -18.95 45.13
CA GLY G 121 -2.60 -19.00 46.10
C GLY G 121 -2.19 -17.66 46.67
N THR G 122 -2.00 -16.67 45.82
CA THR G 122 -1.66 -15.35 46.29
C THR G 122 -2.73 -14.77 47.17
N MET G 123 -4.00 -14.94 46.78
CA MET G 123 -5.10 -14.52 47.62
C MET G 123 -4.94 -15.15 49.00
N LEU G 124 -4.62 -16.44 49.03
CA LEU G 124 -4.55 -17.16 50.29
C LEU G 124 -3.42 -16.61 51.16
N MET G 125 -2.29 -16.29 50.54
CA MET G 125 -1.20 -15.70 51.29
C MET G 125 -1.62 -14.38 51.90
N CYS G 126 -2.32 -13.55 51.14
CA CYS G 126 -2.81 -12.28 51.66
C CYS G 126 -3.83 -12.53 52.78
N LYS G 127 -4.68 -13.54 52.58
CA LYS G 127 -5.73 -13.85 53.54
C LYS G 127 -5.18 -14.05 54.93
N TYR G 128 -4.08 -14.80 55.00
CA TYR G 128 -3.48 -15.19 56.27
C TYR G 128 -2.38 -14.26 56.74
N ALA G 129 -1.74 -13.52 55.81
CA ALA G 129 -0.72 -12.52 56.18
C ALA G 129 -1.32 -11.29 56.84
N ILE G 130 -2.46 -10.83 56.31
CA ILE G 130 -3.07 -9.54 56.71
C ILE G 130 -3.35 -9.36 58.23
N PRO G 131 -3.90 -10.37 58.90
CA PRO G 131 -4.07 -10.27 60.36
C PRO G 131 -2.77 -10.04 61.13
N ARG G 132 -1.68 -10.63 60.66
CA ARG G 132 -0.39 -10.55 61.33
C ARG G 132 0.27 -9.23 61.05
N LEU G 133 0.19 -8.76 59.82
CA LEU G 133 0.71 -7.44 59.51
C LEU G 133 -0.01 -6.38 60.37
N ILE G 134 -1.33 -6.52 60.54
CA ILE G 134 -2.13 -5.58 61.34
C ILE G 134 -1.65 -5.63 62.78
N SER G 135 -1.53 -6.85 63.33
CA SER G 135 -1.03 -7.05 64.72
C SER G 135 0.35 -6.45 64.90
N ALA G 136 1.09 -6.41 63.82
CA ALA G 136 2.45 -5.93 63.83
C ALA G 136 2.51 -4.41 63.91
N GLY G 137 1.37 -3.74 63.78
CA GLY G 137 1.32 -2.27 63.69
C GLY G 137 1.24 -1.73 62.27
N GLY G 138 0.88 -2.61 61.32
CA GLY G 138 0.76 -2.25 59.90
C GLY G 138 1.90 -2.92 59.13
N GLY G 139 1.76 -3.05 57.81
CA GLY G 139 2.82 -3.71 57.02
C GLY G 139 2.72 -3.55 55.51
N ALA G 140 3.50 -4.33 54.78
CA ALA G 140 3.61 -4.15 53.35
C ALA G 140 3.56 -5.50 52.62
N ILE G 141 2.72 -5.56 51.58
CA ILE G 141 2.67 -6.69 50.65
C ILE G 141 3.10 -6.16 49.29
N VAL G 142 3.92 -6.96 48.60
CA VAL G 142 4.29 -6.67 47.23
C VAL G 142 3.96 -7.90 46.38
N ASN G 143 3.09 -7.71 45.40
CA ASN G 143 2.73 -8.81 44.54
C ASN G 143 3.49 -8.73 43.23
N ILE G 144 3.91 -9.87 42.69
CA ILE G 144 4.60 -9.87 41.42
C ILE G 144 3.58 -10.21 40.34
N SER G 145 3.35 -9.25 39.45
CA SER G 145 2.53 -9.44 38.26
C SER G 145 3.45 -9.71 37.05
N SER G 146 3.24 -9.01 35.93
CA SER G 146 4.03 -9.22 34.72
C SER G 146 3.54 -8.30 33.62
N ALA G 147 4.46 -7.73 32.85
CA ALA G 147 4.15 -7.06 31.59
C ALA G 147 3.05 -7.72 30.77
N THR G 148 3.08 -9.05 30.68
CA THR G 148 2.16 -9.79 29.81
C THR G 148 0.67 -9.66 30.15
N ALA G 149 0.34 -9.29 31.40
CA ALA G 149 -1.04 -8.94 31.75
C ALA G 149 -1.52 -7.69 31.02
N HIS G 150 -0.61 -6.87 30.51
CA HIS G 150 -0.99 -5.62 29.84
C HIS G 150 -0.85 -5.69 28.37
N ALA G 151 0.01 -6.56 27.86
CA ALA G 151 0.23 -6.65 26.41
C ALA G 151 0.51 -8.09 26.01
N ALA G 152 -0.29 -8.57 25.04
CA ALA G 152 -0.46 -9.98 24.78
C ALA G 152 0.50 -10.50 23.73
N TYR G 153 0.78 -11.80 23.76
CA TYR G 153 1.46 -12.46 22.64
C TYR G 153 0.90 -13.88 22.46
N ASP G 154 1.67 -14.75 21.82
CA ASP G 154 1.16 -16.06 21.41
C ASP G 154 1.42 -17.18 22.40
N MET G 155 1.77 -16.85 23.64
CA MET G 155 1.89 -17.85 24.68
C MET G 155 1.71 -17.19 26.04
N SER G 156 1.61 -18.02 27.07
CA SER G 156 1.44 -17.56 28.46
C SER G 156 0.15 -16.80 28.69
N THR G 157 -0.89 -17.21 27.98
CA THR G 157 -2.23 -16.67 28.15
C THR G 157 -2.76 -16.86 29.58
N ALA G 158 -2.68 -18.09 30.10
CA ALA G 158 -3.22 -18.38 31.42
C ALA G 158 -2.43 -17.60 32.46
N TYR G 159 -1.12 -17.81 32.45
CA TYR G 159 -0.20 -17.05 33.29
C TYR G 159 -0.55 -15.56 33.35
N ALA G 160 -0.61 -14.93 32.19
CA ALA G 160 -0.95 -13.51 32.05
C ALA G 160 -2.28 -13.14 32.70
N CYS G 161 -3.33 -13.90 32.40
CA CYS G 161 -4.62 -13.62 33.03
C CYS G 161 -4.57 -13.83 34.54
N THR G 162 -3.69 -14.67 35.07
CA THR G 162 -3.61 -14.77 36.54
C THR G 162 -2.97 -13.52 37.10
N LYS G 163 -2.02 -12.98 36.38
CA LYS G 163 -1.32 -11.82 36.87
C LYS G 163 -2.21 -10.61 36.87
N ALA G 164 -3.18 -10.59 35.96
CA ALA G 164 -4.21 -9.53 35.91
C ALA G 164 -5.05 -9.59 37.18
N ALA G 165 -5.51 -10.79 37.51
CA ALA G 165 -6.26 -11.03 38.73
C ALA G 165 -5.49 -10.54 39.96
N ILE G 166 -4.18 -10.76 39.97
CA ILE G 166 -3.35 -10.35 41.11
C ILE G 166 -3.23 -8.83 41.24
N GLU G 167 -3.19 -8.11 40.13
CA GLU G 167 -3.19 -6.62 40.14
C GLU G 167 -4.49 -6.08 40.78
N THR G 168 -5.63 -6.58 40.33
CA THR G 168 -6.92 -6.23 40.92
C THR G 168 -6.93 -6.59 42.44
N LEU G 169 -6.56 -7.82 42.79
CA LEU G 169 -6.41 -8.21 44.20
C LEU G 169 -5.57 -7.24 45.02
N THR G 170 -4.46 -6.78 44.42
CA THR G 170 -3.57 -5.84 45.08
C THR G 170 -4.33 -4.57 45.47
N ARG G 171 -5.06 -4.02 44.50
CA ARG G 171 -5.94 -2.88 44.79
C ARG G 171 -6.94 -3.21 45.91
N TYR G 172 -7.52 -4.42 45.90
CA TYR G 172 -8.52 -4.76 46.93
C TYR G 172 -7.93 -4.88 48.35
N VAL G 173 -6.71 -5.39 48.48
CA VAL G 173 -6.04 -5.45 49.77
C VAL G 173 -5.75 -4.03 50.28
N ALA G 174 -5.06 -3.25 49.42
CA ALA G 174 -4.80 -1.81 49.62
C ALA G 174 -6.01 -1.06 50.14
N THR G 175 -7.13 -1.22 49.45
CA THR G 175 -8.36 -0.51 49.81
C THR G 175 -8.90 -1.07 51.12
N GLN G 176 -8.96 -2.38 51.25
CA GLN G 176 -9.65 -2.95 52.42
C GLN G 176 -8.91 -2.77 53.75
N TYR G 177 -7.57 -2.80 53.70
CA TYR G 177 -6.76 -2.90 54.90
C TYR G 177 -5.81 -1.73 55.13
N GLY G 178 -5.94 -0.69 54.31
CA GLY G 178 -5.24 0.59 54.52
C GLY G 178 -5.60 1.28 55.83
N ARG G 179 -6.88 1.32 56.17
CA ARG G 179 -7.27 1.91 57.45
C ARG G 179 -6.60 1.18 58.63
N HIS G 180 -6.10 -0.04 58.42
CA HIS G 180 -5.48 -0.83 59.46
C HIS G 180 -4.01 -0.93 59.33
N GLY G 181 -3.42 -0.11 58.45
CA GLY G 181 -1.96 0.01 58.34
C GLY G 181 -1.30 -0.92 57.33
N VAL G 182 -2.10 -1.64 56.54
CA VAL G 182 -1.58 -2.53 55.50
C VAL G 182 -1.53 -1.87 54.15
N ARG G 183 -0.33 -1.90 53.53
CA ARG G 183 -0.09 -1.41 52.17
C ARG G 183 0.12 -2.60 51.26
N CYS G 184 -0.26 -2.46 49.99
CA CYS G 184 -0.09 -3.52 49.03
C CYS G 184 0.15 -2.88 47.65
N ASN G 185 1.16 -3.37 46.91
CA ASN G 185 1.46 -2.91 45.57
C ASN G 185 1.95 -4.09 44.74
N ALA G 186 1.95 -3.89 43.42
CA ALA G 186 2.34 -4.91 42.48
C ALA G 186 3.48 -4.40 41.64
N ILE G 187 4.42 -5.28 41.32
CA ILE G 187 5.45 -4.98 40.34
C ILE G 187 5.10 -5.75 39.07
N ALA G 188 5.25 -5.07 37.93
CA ALA G 188 5.01 -5.65 36.60
C ALA G 188 6.33 -5.68 35.86
N PRO G 189 7.10 -6.76 36.01
CA PRO G 189 8.39 -6.87 35.30
C PRO G 189 8.30 -7.10 33.78
N GLY G 190 9.30 -6.57 33.07
CA GLY G 190 9.49 -6.90 31.67
C GLY G 190 10.13 -8.27 31.62
N LEU G 191 10.97 -8.52 30.61
CA LEU G 191 11.67 -9.79 30.52
C LEU G 191 12.88 -9.70 31.45
N VAL G 192 13.02 -10.71 32.32
CA VAL G 192 14.06 -10.74 33.35
C VAL G 192 14.88 -12.02 33.20
N ARG G 193 16.19 -11.90 33.29
CA ARG G 193 17.07 -13.03 33.01
C ARG G 193 17.10 -14.00 34.19
N THR G 194 16.52 -15.17 33.97
CA THR G 194 16.39 -16.22 35.01
C THR G 194 16.70 -17.59 34.43
N PRO G 195 16.94 -18.59 35.29
CA PRO G 195 16.97 -19.94 34.76
C PRO G 195 15.66 -20.33 34.03
N ARG G 196 14.51 -20.00 34.61
CA ARG G 196 13.22 -20.32 33.97
C ARG G 196 13.22 -19.81 32.53
N LEU G 197 13.75 -18.60 32.29
CA LEU G 197 13.72 -17.96 30.96
C LEU G 197 14.57 -18.65 29.91
N GLU G 198 15.71 -19.20 30.35
CA GLU G 198 16.65 -19.82 29.44
C GLU G 198 16.04 -21.04 28.75
N VAL G 199 15.28 -21.83 29.51
CA VAL G 199 14.56 -23.01 28.98
C VAL G 199 13.22 -22.66 28.29
N GLY G 200 12.62 -21.53 28.66
CA GLY G 200 11.32 -21.10 28.14
C GLY G 200 11.32 -20.41 26.77
N LEU G 201 12.33 -19.60 26.47
CA LEU G 201 12.43 -18.94 25.17
C LEU G 201 13.75 -19.25 24.49
N PRO G 202 13.73 -19.40 23.15
CA PRO G 202 14.95 -19.44 22.35
C PRO G 202 15.66 -18.09 22.29
N GLN G 203 16.99 -18.15 22.20
CA GLN G 203 17.82 -16.95 22.23
C GLN G 203 17.37 -15.88 21.22
N PRO G 204 17.08 -16.27 19.98
CA PRO G 204 16.60 -15.28 18.98
C PRO G 204 15.36 -14.49 19.39
N ILE G 205 14.39 -15.16 20.00
CA ILE G 205 13.19 -14.52 20.59
C ILE G 205 13.53 -13.65 21.80
N VAL G 206 14.53 -14.05 22.59
CA VAL G 206 14.94 -13.24 23.74
C VAL G 206 15.56 -11.94 23.24
N ASP G 207 16.41 -12.09 22.23
CA ASP G 207 17.09 -10.95 21.63
C ASP G 207 16.12 -9.95 21.05
N ILE G 208 15.04 -10.43 20.46
CA ILE G 208 13.99 -9.56 19.90
C ILE G 208 13.34 -8.71 21.00
N PHE G 209 12.94 -9.39 22.07
CA PHE G 209 12.46 -8.73 23.25
C PHE G 209 13.46 -7.75 23.84
N ALA G 210 14.75 -8.10 23.79
CA ALA G 210 15.79 -7.23 24.32
C ALA G 210 15.78 -5.86 23.64
N THR G 211 15.66 -5.89 22.32
CA THR G 211 15.65 -4.67 21.54
C THR G 211 14.45 -3.78 21.96
N HIS G 212 13.31 -4.37 22.34
CA HIS G 212 12.16 -3.50 22.67
C HIS G 212 12.14 -2.98 24.10
N HIS G 213 13.15 -3.30 24.90
CA HIS G 213 13.41 -2.64 26.20
C HIS G 213 14.26 -1.45 25.99
N LEU G 214 13.94 -0.32 26.60
CA LEU G 214 14.58 0.94 26.19
C LEU G 214 16.07 1.08 26.55
N ALA G 215 16.51 0.28 27.52
CA ALA G 215 17.94 0.23 27.87
C ALA G 215 18.69 -0.79 26.99
N GLY G 216 18.00 -1.39 26.00
CA GLY G 216 18.62 -2.34 25.05
C GLY G 216 19.01 -3.74 25.55
N ARG G 217 18.34 -4.19 26.60
CA ARG G 217 18.72 -5.42 27.25
C ARG G 217 17.61 -5.84 28.14
N ILE G 218 17.61 -7.11 28.54
CA ILE G 218 16.61 -7.61 29.44
C ILE G 218 17.08 -7.32 30.89
N GLY G 219 16.22 -7.62 31.86
CA GLY G 219 16.44 -7.21 33.24
C GLY G 219 17.25 -8.25 34.00
N GLU G 220 17.83 -7.81 35.10
CA GLU G 220 18.54 -8.71 35.98
C GLU G 220 17.68 -8.85 37.22
N PRO G 221 17.64 -10.06 37.80
CA PRO G 221 16.81 -10.28 38.97
C PRO G 221 16.96 -9.20 40.03
N HIS G 222 18.16 -8.71 40.24
CA HIS G 222 18.35 -7.72 41.30
C HIS G 222 17.65 -6.43 41.06
N GLU G 223 17.32 -6.14 39.81
CA GLU G 223 16.66 -4.89 39.49
C GLU G 223 15.17 -4.93 39.85
N ILE G 224 14.60 -6.12 39.88
CA ILE G 224 13.25 -6.28 40.43
C ILE G 224 13.32 -6.29 41.95
N ALA G 225 14.30 -6.98 42.50
CA ALA G 225 14.46 -7.06 43.97
C ALA G 225 14.50 -5.68 44.64
N GLU G 226 15.26 -4.75 44.06
CA GLU G 226 15.44 -3.42 44.62
C GLU G 226 14.13 -2.70 44.75
N LEU G 227 13.25 -2.85 43.76
CA LEU G 227 11.92 -2.26 43.82
C LEU G 227 11.02 -2.94 44.87
N VAL G 228 11.21 -4.24 45.11
CA VAL G 228 10.44 -4.92 46.16
C VAL G 228 10.89 -4.34 47.49
N CYS G 229 12.20 -4.26 47.65
CA CYS G 229 12.81 -3.73 48.86
C CYS G 229 12.25 -2.35 49.16
N PHE G 230 12.28 -1.47 48.16
CA PHE G 230 11.75 -0.12 48.34
C PHE G 230 10.26 -0.11 48.73
N LEU G 231 9.42 -0.80 47.98
CA LEU G 231 7.98 -0.75 48.25
C LEU G 231 7.58 -1.45 49.55
N ALA G 232 8.44 -2.35 50.03
CA ALA G 232 8.26 -2.99 51.31
C ALA G 232 8.72 -2.11 52.43
N SER G 233 9.27 -0.95 52.14
CA SER G 233 9.89 -0.15 53.19
C SER G 233 8.99 0.99 53.59
N ASP G 234 9.35 1.61 54.72
CA ASP G 234 8.68 2.82 55.21
C ASP G 234 8.87 4.07 54.34
N ARG G 235 9.77 4.01 53.37
CA ARG G 235 9.93 5.10 52.42
C ARG G 235 8.75 5.14 51.47
N ALA G 236 8.03 4.01 51.34
CA ALA G 236 6.86 3.91 50.44
C ALA G 236 5.56 4.03 51.23
N ALA G 237 5.58 4.82 52.33
CA ALA G 237 4.41 4.98 53.22
C ALA G 237 3.19 5.53 52.48
N PHE G 238 3.43 6.34 51.47
CA PHE G 238 2.33 6.96 50.75
C PHE G 238 2.04 6.38 49.39
N ILE G 239 2.70 5.25 49.10
CA ILE G 239 2.46 4.49 47.88
C ILE G 239 1.73 3.21 48.27
N THR G 240 0.47 3.11 47.87
CA THR G 240 -0.27 1.88 48.02
C THR G 240 -1.29 1.72 46.92
N GLY G 241 -1.62 0.48 46.65
CA GLY G 241 -2.65 0.14 45.68
C GLY G 241 -2.18 0.22 44.23
N GLN G 242 -0.89 0.43 44.00
CA GLN G 242 -0.36 0.71 42.66
C GLN G 242 0.17 -0.55 41.96
N VAL G 243 0.29 -0.45 40.63
CA VAL G 243 0.89 -1.47 39.80
C VAL G 243 2.08 -0.80 39.10
N ILE G 244 3.30 -1.10 39.51
CA ILE G 244 4.46 -0.39 39.01
C ILE G 244 5.26 -1.28 38.06
N ALA G 245 5.53 -0.76 36.86
CA ALA G 245 6.23 -1.55 35.86
C ALA G 245 7.75 -1.38 36.02
N ALA G 246 8.49 -2.51 36.07
CA ALA G 246 9.95 -2.52 35.99
C ALA G 246 10.26 -3.31 34.75
N ASP G 247 10.24 -2.61 33.62
CA ASP G 247 10.28 -3.23 32.31
C ASP G 247 11.05 -2.41 31.27
N SER G 248 12.01 -1.61 31.74
CA SER G 248 12.74 -0.67 30.87
C SER G 248 11.86 0.01 29.80
N GLY G 249 10.68 0.50 30.21
CA GLY G 249 9.74 1.14 29.29
C GLY G 249 9.22 0.31 28.12
N LEU G 250 9.14 -1.01 28.32
CA LEU G 250 8.72 -1.96 27.28
C LEU G 250 7.41 -1.55 26.60
N LEU G 251 6.55 -0.88 27.34
CA LEU G 251 5.28 -0.45 26.78
C LEU G 251 5.17 1.08 26.71
N ALA G 252 6.27 1.80 26.89
CA ALA G 252 6.26 3.26 26.87
C ALA G 252 6.38 3.83 25.45
N HIS G 253 6.73 2.98 24.49
CA HIS G 253 7.09 3.40 23.15
C HIS G 253 6.28 2.65 22.13
N LEU G 254 6.10 3.25 20.97
CA LEU G 254 5.33 2.59 19.91
C LEU G 254 6.06 1.33 19.44
N PRO G 255 5.31 0.29 19.05
CA PRO G 255 5.99 -0.87 18.45
C PRO G 255 6.51 -0.49 17.07
N GLY G 256 7.53 -1.21 16.61
CA GLY G 256 8.18 -0.91 15.33
C GLY G 256 9.42 -0.04 15.47
N LEU G 257 9.69 0.40 16.71
CA LEU G 257 10.72 1.41 17.00
C LEU G 257 12.10 0.98 16.52
N PRO G 258 12.53 -0.25 16.86
CA PRO G 258 13.83 -0.67 16.37
C PRO G 258 13.88 -0.72 14.82
N GLN G 259 12.84 -1.27 14.22
CA GLN G 259 12.81 -1.36 12.75
C GLN G 259 12.68 0.05 12.14
N ILE G 260 12.06 0.99 12.85
CA ILE G 260 11.93 2.36 12.34
C ILE G 260 13.28 3.06 12.36
N ARG G 261 13.99 2.98 13.48
CA ARG G 261 15.32 3.57 13.57
C ARG G 261 16.28 2.96 12.53
N ALA G 262 16.18 1.66 12.30
CA ALA G 262 17.01 0.99 11.27
C ALA G 262 16.67 1.49 9.85
N SER G 263 15.39 1.75 9.59
CA SER G 263 14.94 2.33 8.33
C SER G 263 15.40 3.80 8.17
N VAL G 264 15.40 4.52 9.28
CA VAL G 264 15.91 5.89 9.31
C VAL G 264 17.44 5.90 9.13
N ALA G 265 18.15 4.90 9.61
CA ALA G 265 19.58 4.81 9.27
C ALA G 265 19.79 4.54 7.78
N GLU G 266 18.91 3.76 7.15
CA GLU G 266 19.07 3.42 5.72
C GLU G 266 18.94 4.62 4.75
N LEU G 267 18.02 5.55 5.05
CA LEU G 267 17.74 6.69 4.16
C LEU G 267 18.53 7.95 4.53
N ALA H 7 24.26 6.35 51.10
CA ALA H 7 25.13 6.42 49.88
C ALA H 7 24.37 6.07 48.58
N GLU H 8 23.03 6.18 48.61
CA GLU H 8 22.18 5.78 47.47
C GLU H 8 22.45 6.60 46.21
N LEU H 9 22.75 7.89 46.39
CA LEU H 9 23.06 8.79 45.29
C LEU H 9 24.48 9.30 45.45
N GLU H 10 25.39 8.44 45.89
CA GLU H 10 26.74 8.91 46.19
C GLU H 10 27.47 9.39 44.94
N ASN H 11 28.15 10.53 45.09
CA ASN H 11 29.00 11.12 44.06
C ASN H 11 28.17 11.78 42.96
N LYS H 12 26.85 11.89 43.18
CA LYS H 12 25.89 12.26 42.15
C LYS H 12 25.52 13.74 42.20
N VAL H 13 25.31 14.32 41.03
CA VAL H 13 24.99 15.74 40.93
C VAL H 13 23.54 15.91 40.46
N ALA H 14 22.72 16.52 41.31
CA ALA H 14 21.28 16.68 41.05
C ALA H 14 20.88 18.13 40.97
N ILE H 15 19.96 18.43 40.06
CA ILE H 15 19.21 19.69 40.08
C ILE H 15 17.76 19.41 40.50
N ILE H 16 17.25 20.23 41.41
CA ILE H 16 15.85 20.26 41.77
C ILE H 16 15.36 21.63 41.39
N THR H 17 14.26 21.72 40.66
CA THR H 17 13.59 23.01 40.46
C THR H 17 12.43 23.18 41.43
N GLY H 18 12.03 24.43 41.64
CA GLY H 18 10.99 24.76 42.63
C GLY H 18 11.45 24.45 44.04
N ALA H 19 12.74 24.61 44.28
CA ALA H 19 13.35 24.11 45.52
C ALA H 19 13.01 24.88 46.79
N CYS H 20 12.36 26.05 46.71
CA CYS H 20 11.95 26.72 47.94
C CYS H 20 10.55 26.28 48.38
N GLY H 21 9.78 25.74 47.43
CA GLY H 21 8.48 25.18 47.73
C GLY H 21 8.61 23.93 48.60
N GLY H 22 7.56 23.64 49.35
CA GLY H 22 7.61 22.60 50.35
C GLY H 22 8.17 21.27 49.86
N ILE H 23 7.66 20.76 48.73
CA ILE H 23 8.13 19.48 48.24
C ILE H 23 9.54 19.64 47.68
N GLY H 24 9.80 20.75 47.00
CA GLY H 24 11.13 21.01 46.47
C GLY H 24 12.22 21.07 47.54
N LEU H 25 11.96 21.81 48.61
CA LEU H 25 12.98 22.00 49.67
C LEU H 25 13.29 20.64 50.27
N GLU H 26 12.25 19.86 50.51
CA GLU H 26 12.42 18.61 51.23
C GLU H 26 13.07 17.54 50.35
N THR H 27 12.73 17.53 49.07
CA THR H 27 13.40 16.66 48.09
C THR H 27 14.92 16.95 48.05
N SER H 28 15.27 18.23 48.13
CA SER H 28 16.67 18.67 48.24
C SER H 28 17.37 18.05 49.43
N ARG H 29 16.74 18.19 50.61
CA ARG H 29 17.18 17.50 51.84
C ARG H 29 17.43 16.03 51.65
N VAL H 30 16.46 15.34 51.08
CA VAL H 30 16.58 13.88 50.94
C VAL H 30 17.72 13.48 50.00
N LEU H 31 17.78 14.09 48.82
CA LEU H 31 18.83 13.75 47.87
C LEU H 31 20.21 14.07 48.47
N ALA H 32 20.30 15.16 49.24
CA ALA H 32 21.55 15.47 49.90
C ALA H 32 21.86 14.42 50.96
N ARG H 33 20.88 14.07 51.80
CA ARG H 33 21.12 13.03 52.83
C ARG H 33 21.58 11.73 52.15
N ALA H 34 21.14 11.48 50.91
CA ALA H 34 21.56 10.27 50.18
C ALA H 34 22.88 10.44 49.43
N GLY H 35 23.60 11.54 49.67
CA GLY H 35 24.99 11.68 49.20
C GLY H 35 25.18 12.48 47.92
N ALA H 36 24.08 13.05 47.41
CA ALA H 36 24.08 13.81 46.18
C ALA H 36 24.57 15.25 46.37
N ARG H 37 25.37 15.78 45.44
CA ARG H 37 25.66 17.20 45.37
C ARG H 37 24.51 17.91 44.70
N VAL H 38 23.76 18.70 45.45
CA VAL H 38 22.46 19.16 44.98
C VAL H 38 22.45 20.64 44.63
N VAL H 39 21.86 20.97 43.48
CA VAL H 39 21.65 22.37 43.05
C VAL H 39 20.17 22.75 43.20
N LEU H 40 19.89 23.67 44.13
CA LEU H 40 18.53 24.17 44.36
C LEU H 40 18.24 25.30 43.39
N ALA H 41 17.19 25.17 42.60
CA ALA H 41 16.88 26.13 41.57
C ALA H 41 15.46 26.67 41.76
N ASP H 42 15.29 28.00 41.67
CA ASP H 42 13.96 28.61 41.75
C ASP H 42 13.96 30.06 41.27
N LEU H 43 12.78 30.68 41.23
CA LEU H 43 12.63 32.06 40.79
C LEU H 43 13.44 33.02 41.67
N PRO H 44 13.87 34.16 41.11
CA PRO H 44 14.65 35.14 41.86
C PRO H 44 14.03 35.56 43.19
N GLU H 45 12.71 35.69 43.23
CA GLU H 45 12.09 36.32 44.38
C GLU H 45 12.00 35.35 45.59
N THR H 46 12.32 34.06 45.41
CA THR H 46 12.34 33.10 46.51
C THR H 46 13.68 33.16 47.26
N ASP H 47 13.73 32.58 48.46
CA ASP H 47 14.96 32.61 49.29
C ASP H 47 15.81 31.35 49.09
N LEU H 48 16.49 31.30 47.94
CA LEU H 48 17.41 30.21 47.64
C LEU H 48 18.60 30.10 48.62
N ALA H 49 19.21 31.23 48.97
CA ALA H 49 20.32 31.21 49.93
C ALA H 49 19.93 30.53 51.24
N GLY H 50 18.72 30.78 51.72
CA GLY H 50 18.27 30.21 52.97
C GLY H 50 17.88 28.75 52.86
N ALA H 51 17.31 28.39 51.72
CA ALA H 51 17.06 27.00 51.43
C ALA H 51 18.38 26.24 51.36
N ALA H 52 19.38 26.77 50.64
CA ALA H 52 20.63 26.02 50.50
C ALA H 52 21.31 25.89 51.86
N ALA H 53 21.34 26.98 52.61
CA ALA H 53 21.93 26.95 53.96
C ALA H 53 21.28 25.86 54.81
N SER H 54 19.97 25.75 54.67
CA SER H 54 19.19 24.82 55.46
C SER H 54 19.38 23.36 55.04
N VAL H 55 19.73 23.12 53.79
CA VAL H 55 19.98 21.77 53.33
C VAL H 55 21.39 21.36 53.67
N GLY H 56 22.30 22.33 53.71
CA GLY H 56 23.71 22.06 53.99
C GLY H 56 24.29 21.01 53.06
N ARG H 57 25.26 20.24 53.54
CA ARG H 57 25.88 19.16 52.78
C ARG H 57 26.45 19.64 51.45
N GLY H 58 26.95 20.86 51.43
CA GLY H 58 27.57 21.41 50.23
C GLY H 58 26.60 21.78 49.13
N ALA H 59 25.31 21.88 49.46
CA ALA H 59 24.29 22.24 48.46
C ALA H 59 24.50 23.68 47.97
N VAL H 60 24.15 23.91 46.71
CA VAL H 60 24.30 25.24 46.14
C VAL H 60 22.95 25.64 45.54
N HIS H 61 22.86 26.87 45.05
CA HIS H 61 21.63 27.36 44.50
C HIS H 61 21.91 28.22 43.32
N HIS H 62 20.92 28.31 42.43
CA HIS H 62 21.01 29.21 41.29
C HIS H 62 19.63 29.47 40.75
N VAL H 63 19.35 30.72 40.38
CA VAL H 63 18.02 31.14 39.97
C VAL H 63 17.65 30.54 38.61
N VAL H 64 16.37 30.28 38.36
CA VAL H 64 15.91 29.90 37.00
C VAL H 64 14.48 30.32 36.83
N ASP H 65 14.19 30.86 35.66
CA ASP H 65 12.84 31.22 35.26
C ASP H 65 12.41 30.28 34.11
N LEU H 66 11.50 29.35 34.37
CA LEU H 66 11.18 28.29 33.40
C LEU H 66 10.59 28.83 32.07
N THR H 67 10.00 30.01 32.12
CA THR H 67 9.48 30.66 30.94
C THR H 67 10.62 31.16 30.05
N ASN H 68 11.89 31.07 30.49
CA ASN H 68 13.00 31.76 29.81
C ASN H 68 14.10 30.82 29.40
N GLU H 69 14.22 30.60 28.09
CA GLU H 69 15.14 29.58 27.57
C GLU H 69 16.57 29.84 28.00
N VAL H 70 17.00 31.11 27.88
CA VAL H 70 18.37 31.50 28.26
C VAL H 70 18.64 31.20 29.73
N SER H 71 17.65 31.43 30.59
CA SER H 71 17.79 31.16 32.02
C SER H 71 17.91 29.66 32.33
N VAL H 72 17.17 28.83 31.56
CA VAL H 72 17.25 27.37 31.69
C VAL H 72 18.66 26.89 31.32
N ARG H 73 19.19 27.40 30.22
CA ARG H 73 20.59 27.15 29.87
C ARG H 73 21.56 27.62 30.95
N ALA H 74 21.33 28.80 31.49
CA ALA H 74 22.28 29.34 32.46
C ALA H 74 22.38 28.35 33.62
N LEU H 75 21.24 27.93 34.13
CA LEU H 75 21.18 27.00 35.25
C LEU H 75 21.93 25.70 34.96
N ILE H 76 21.74 25.14 33.77
CA ILE H 76 22.45 23.89 33.41
C ILE H 76 23.96 24.15 33.35
N ASP H 77 24.38 25.14 32.55
CA ASP H 77 25.80 25.50 32.46
C ASP H 77 26.44 25.81 33.81
N PHE H 78 25.74 26.50 34.71
CA PHE H 78 26.27 26.73 36.07
C PHE H 78 26.60 25.42 36.75
N THR H 79 25.72 24.45 36.59
CA THR H 79 25.86 23.21 37.29
C THR H 79 27.13 22.51 36.81
N ILE H 80 27.30 22.43 35.49
CA ILE H 80 28.52 21.85 34.93
C ILE H 80 29.75 22.66 35.31
N ASP H 81 29.69 24.00 35.23
CA ASP H 81 30.84 24.86 35.59
C ASP H 81 31.25 24.57 37.04
N THR H 82 30.26 24.32 37.89
CA THR H 82 30.49 24.12 39.31
C THR H 82 30.96 22.71 39.62
N PHE H 83 30.24 21.70 39.11
CA PHE H 83 30.46 20.29 39.49
C PHE H 83 31.07 19.39 38.40
N GLY H 84 31.06 19.85 37.15
CA GLY H 84 31.66 19.08 36.05
C GLY H 84 30.77 18.01 35.43
N ARG H 85 29.61 17.74 36.02
CA ARG H 85 28.71 16.78 35.46
C ARG H 85 27.31 17.04 35.97
N LEU H 86 26.37 16.38 35.34
CA LEU H 86 24.99 16.36 35.79
C LEU H 86 24.52 14.91 35.62
N ASP H 87 23.91 14.39 36.68
CA ASP H 87 23.40 13.01 36.74
C ASP H 87 21.88 12.91 36.89
N ILE H 88 21.28 13.87 37.62
CA ILE H 88 19.89 13.84 37.97
C ILE H 88 19.22 15.20 37.81
N VAL H 89 17.98 15.20 37.39
CA VAL H 89 17.16 16.41 37.36
C VAL H 89 15.78 16.04 37.86
N ASP H 90 15.29 16.79 38.86
CA ASP H 90 13.92 16.70 39.36
C ASP H 90 13.15 17.95 38.90
N ASN H 91 12.31 17.77 37.87
CA ASN H 91 11.47 18.84 37.34
C ASN H 91 10.22 19.01 38.22
N ASN H 92 10.37 19.86 39.24
CA ASN H 92 9.40 19.91 40.32
C ASN H 92 8.62 21.23 40.29
N ALA H 93 9.23 22.28 39.77
CA ALA H 93 8.55 23.57 39.65
C ALA H 93 7.31 23.40 38.81
N ALA H 94 6.22 24.01 39.29
CA ALA H 94 4.98 24.13 38.58
C ALA H 94 4.29 25.42 39.02
N HIS H 95 3.69 26.12 38.05
CA HIS H 95 2.88 27.30 38.32
C HIS H 95 1.42 26.89 38.46
N SER H 96 0.73 27.52 39.40
CA SER H 96 -0.69 27.26 39.67
C SER H 96 -1.42 28.55 39.99
N ASP H 97 -2.32 28.95 39.12
CA ASP H 97 -2.98 30.26 39.25
C ASP H 97 -4.29 30.06 40.03
N PRO H 98 -4.55 30.85 41.09
CA PRO H 98 -5.86 30.77 41.75
C PRO H 98 -7.07 30.97 40.82
N ALA H 99 -6.89 31.64 39.68
CA ALA H 99 -7.98 31.82 38.71
C ALA H 99 -8.18 30.60 37.80
N ASP H 100 -7.32 29.60 37.93
CA ASP H 100 -7.43 28.35 37.17
C ASP H 100 -8.64 27.53 37.72
N MET H 101 -9.81 27.80 37.16
CA MET H 101 -11.08 27.21 37.64
C MET H 101 -11.73 26.29 36.60
N LEU H 102 -12.97 26.59 36.20
CA LEU H 102 -13.71 25.80 35.22
C LEU H 102 -13.34 26.10 33.76
N VAL H 103 -13.60 25.13 32.90
CA VAL H 103 -13.38 25.30 31.47
C VAL H 103 -14.09 26.56 30.96
N THR H 104 -15.35 26.76 31.34
CA THR H 104 -16.12 27.88 30.81
C THR H 104 -15.59 29.23 31.30
N GLN H 105 -14.84 29.24 32.40
CA GLN H 105 -14.27 30.50 32.96
C GLN H 105 -12.78 30.74 32.63
N MET H 106 -12.20 29.94 31.75
CA MET H 106 -10.78 29.94 31.51
C MET H 106 -10.42 31.10 30.61
N THR H 107 -9.47 31.94 31.04
CA THR H 107 -8.88 32.96 30.17
C THR H 107 -7.66 32.38 29.43
N VAL H 108 -7.39 32.84 28.21
CA VAL H 108 -6.19 32.40 27.50
C VAL H 108 -4.90 32.66 28.31
N ASP H 109 -4.85 33.78 29.06
CA ASP H 109 -3.69 34.12 29.93
C ASP H 109 -3.46 33.13 31.10
N VAL H 110 -4.49 32.83 31.88
CA VAL H 110 -4.37 31.80 32.92
C VAL H 110 -3.86 30.49 32.29
N TRP H 111 -4.40 30.15 31.12
CA TRP H 111 -4.04 28.92 30.41
C TRP H 111 -2.64 28.95 29.91
N ASP H 112 -2.31 30.02 29.21
CA ASP H 112 -1.00 30.16 28.58
C ASP H 112 0.13 30.29 29.58
N ASP H 113 -0.13 31.02 30.66
CA ASP H 113 0.84 31.22 31.73
C ASP H 113 1.22 29.89 32.37
N THR H 114 0.20 29.04 32.62
CA THR H 114 0.39 27.73 33.25
C THR H 114 1.12 26.77 32.33
N PHE H 115 0.77 26.80 31.04
CA PHE H 115 1.44 25.97 30.04
C PHE H 115 2.87 26.40 29.73
N THR H 116 3.13 27.71 29.71
CA THR H 116 4.48 28.24 29.48
C THR H 116 5.46 27.79 30.55
N VAL H 117 5.11 27.92 31.84
CA VAL H 117 5.97 27.39 32.87
C VAL H 117 5.90 25.88 32.82
N ASN H 118 4.75 25.29 33.09
CA ASN H 118 4.70 23.83 33.30
C ASN H 118 5.16 22.94 32.10
N ALA H 119 4.41 22.95 31.01
CA ALA H 119 4.73 22.13 29.83
C ALA H 119 5.94 22.65 29.09
N ARG H 120 5.90 23.90 28.67
CA ARG H 120 7.03 24.41 27.91
C ARG H 120 8.29 24.37 28.76
N GLY H 121 8.20 24.87 30.00
CA GLY H 121 9.38 24.93 30.87
C GLY H 121 10.07 23.61 31.15
N THR H 122 9.28 22.58 31.39
CA THR H 122 9.83 21.26 31.65
C THR H 122 10.51 20.68 30.42
N MET H 123 9.88 20.86 29.27
CA MET H 123 10.53 20.49 27.99
C MET H 123 11.92 21.14 27.85
N LEU H 124 12.04 22.44 28.14
CA LEU H 124 13.32 23.15 28.02
C LEU H 124 14.36 22.58 28.98
N MET H 125 13.93 22.29 30.21
CA MET H 125 14.82 21.66 31.16
C MET H 125 15.38 20.35 30.58
N CYS H 126 14.51 19.47 30.11
CA CYS H 126 14.93 18.22 29.48
C CYS H 126 15.78 18.46 28.26
N LYS H 127 15.35 19.39 27.41
CA LYS H 127 16.10 19.69 26.19
C LYS H 127 17.57 20.03 26.49
N TYR H 128 17.82 20.80 27.54
CA TYR H 128 19.19 21.19 27.84
C TYR H 128 19.92 20.21 28.78
N ALA H 129 19.18 19.50 29.64
CA ALA H 129 19.79 18.50 30.56
C ALA H 129 20.22 17.21 29.86
N ILE H 130 19.39 16.70 28.97
CA ILE H 130 19.63 15.41 28.32
C ILE H 130 21.07 15.22 27.75
N PRO H 131 21.55 16.17 26.94
CA PRO H 131 22.96 16.05 26.46
C PRO H 131 24.00 15.90 27.57
N ARG H 132 23.82 16.60 28.68
CA ARG H 132 24.77 16.46 29.80
C ARG H 132 24.69 15.09 30.41
N LEU H 133 23.49 14.57 30.57
CA LEU H 133 23.30 13.26 31.14
C LEU H 133 23.89 12.21 30.21
N ILE H 134 23.90 12.47 28.91
CA ILE H 134 24.52 11.54 28.00
C ILE H 134 26.05 11.61 28.20
N SER H 135 26.58 12.83 28.25
CA SER H 135 28.00 13.04 28.61
C SER H 135 28.40 12.38 29.92
N ALA H 136 27.53 12.45 30.93
CA ALA H 136 27.82 11.87 32.25
C ALA H 136 27.85 10.34 32.26
N GLY H 137 27.64 9.71 31.11
CA GLY H 137 27.61 8.24 31.01
C GLY H 137 26.23 7.65 31.22
N GLY H 138 25.19 8.49 31.17
CA GLY H 138 23.82 8.12 31.48
C GLY H 138 23.32 8.89 32.70
N GLY H 139 22.01 8.95 32.87
CA GLY H 139 21.45 9.55 34.05
C GLY H 139 19.93 9.48 34.07
N ALA H 140 19.31 10.36 34.85
CA ALA H 140 17.93 10.19 35.21
C ALA H 140 17.21 11.51 35.43
N ILE H 141 16.06 11.62 34.78
CA ILE H 141 15.16 12.71 35.01
C ILE H 141 13.97 12.18 35.80
N VAL H 142 13.45 13.00 36.71
CA VAL H 142 12.18 12.71 37.35
C VAL H 142 11.27 13.92 37.27
N ASN H 143 10.17 13.74 36.55
CA ASN H 143 9.18 14.80 36.34
C ASN H 143 8.00 14.75 37.35
N ILE H 144 7.71 15.85 38.03
CA ILE H 144 6.53 15.89 38.94
C ILE H 144 5.23 16.22 38.18
N SER H 145 4.27 15.31 38.29
CA SER H 145 2.95 15.42 37.68
C SER H 145 1.93 15.70 38.80
N SER H 146 0.74 15.11 38.72
CA SER H 146 -0.30 15.33 39.70
C SER H 146 -1.37 14.30 39.51
N ALA H 147 -1.96 13.81 40.61
CA ALA H 147 -3.17 13.00 40.54
C ALA H 147 -4.27 13.65 39.68
N THR H 148 -4.30 14.97 39.61
CA THR H 148 -5.35 15.68 38.86
C THR H 148 -5.33 15.52 37.34
N ALA H 149 -4.21 15.07 36.77
CA ALA H 149 -4.18 14.77 35.34
C ALA H 149 -5.07 13.57 34.98
N HIS H 150 -5.32 12.66 35.93
CA HIS H 150 -6.16 11.43 35.69
C HIS H 150 -7.60 11.44 36.14
N ALA H 151 -7.98 12.49 36.83
CA ALA H 151 -9.20 12.49 37.59
C ALA H 151 -9.50 13.93 37.89
N ALA H 152 -10.57 14.43 37.27
CA ALA H 152 -10.88 15.85 37.23
C ALA H 152 -11.66 16.34 38.43
N TYR H 153 -11.82 17.65 38.49
CA TYR H 153 -12.77 18.28 39.39
C TYR H 153 -12.97 19.72 38.95
N ASP H 154 -13.49 20.57 39.84
CA ASP H 154 -14.02 21.86 39.45
C ASP H 154 -13.01 22.97 39.53
N MET H 155 -11.72 22.63 39.64
CA MET H 155 -10.65 23.61 39.47
C MET H 155 -9.37 23.01 38.88
N SER H 156 -8.37 23.89 38.70
CA SER H 156 -7.03 23.54 38.27
C SER H 156 -7.03 22.85 36.93
N THR H 157 -7.98 23.25 36.07
CA THR H 157 -8.13 22.60 34.77
C THR H 157 -6.86 22.75 33.93
N ALA H 158 -6.38 23.97 33.77
CA ALA H 158 -5.16 24.21 32.98
C ALA H 158 -3.99 23.46 33.61
N TYR H 159 -3.81 23.62 34.91
CA TYR H 159 -2.74 22.93 35.63
C TYR H 159 -2.75 21.42 35.34
N ALA H 160 -3.92 20.80 35.48
CA ALA H 160 -4.05 19.39 35.23
C ALA H 160 -3.59 19.06 33.79
N CYS H 161 -4.01 19.86 32.82
CA CYS H 161 -3.66 19.56 31.45
C CYS H 161 -2.15 19.65 31.23
N THR H 162 -1.50 20.62 31.85
CA THR H 162 -0.07 20.76 31.70
C THR H 162 0.62 19.50 32.24
N LYS H 163 0.11 18.94 33.35
CA LYS H 163 0.71 17.72 33.94
C LYS H 163 0.51 16.49 33.05
N ALA H 164 -0.62 16.44 32.37
CA ALA H 164 -0.85 15.38 31.37
C ALA H 164 0.24 15.45 30.31
N ALA H 165 0.46 16.64 29.76
CA ALA H 165 1.50 16.88 28.78
C ALA H 165 2.87 16.44 29.28
N ILE H 166 3.16 16.70 30.55
CA ILE H 166 4.44 16.29 31.17
C ILE H 166 4.57 14.76 31.23
N GLU H 167 3.47 14.07 31.47
CA GLU H 167 3.51 12.58 31.51
C GLU H 167 3.82 12.00 30.13
N THR H 168 3.23 12.57 29.08
CA THR H 168 3.56 12.13 27.73
C THR H 168 5.02 12.52 27.41
N LEU H 169 5.43 13.72 27.79
CA LEU H 169 6.82 14.19 27.61
C LEU H 169 7.81 13.20 28.20
N THR H 170 7.44 12.69 29.39
CA THR H 170 8.26 11.71 30.13
C THR H 170 8.53 10.47 29.28
N ARG H 171 7.49 9.90 28.66
CA ARG H 171 7.61 8.72 27.79
C ARG H 171 8.42 9.01 26.55
N TYR H 172 8.33 10.24 26.06
CA TYR H 172 9.14 10.68 24.92
C TYR H 172 10.64 10.77 25.23
N VAL H 173 10.96 11.33 26.40
CA VAL H 173 12.34 11.45 26.79
C VAL H 173 12.90 10.05 26.96
N ALA H 174 12.13 9.20 27.62
CA ALA H 174 12.58 7.86 27.95
C ALA H 174 12.81 7.08 26.65
N THR H 175 11.90 7.22 25.69
CA THR H 175 11.97 6.43 24.44
C THR H 175 13.12 6.91 23.58
N GLN H 176 13.19 8.21 23.38
CA GLN H 176 14.18 8.81 22.54
C GLN H 176 15.60 8.67 23.06
N TYR H 177 15.78 8.65 24.39
CA TYR H 177 17.13 8.77 24.98
C TYR H 177 17.62 7.57 25.82
N GLY H 178 16.79 6.55 25.98
CA GLY H 178 17.18 5.30 26.64
C GLY H 178 18.41 4.62 26.03
N ARG H 179 18.44 4.58 24.71
CA ARG H 179 19.58 4.04 23.99
C ARG H 179 20.88 4.74 24.43
N HIS H 180 20.78 5.94 25.04
CA HIS H 180 21.98 6.68 25.45
C HIS H 180 22.13 6.73 26.96
N GLY H 181 21.42 5.88 27.70
CA GLY H 181 21.60 5.75 29.14
C GLY H 181 20.73 6.65 30.01
N VAL H 182 19.75 7.35 29.41
CA VAL H 182 18.88 8.28 30.13
C VAL H 182 17.52 7.68 30.47
N ARG H 183 17.17 7.73 31.77
CA ARG H 183 15.86 7.29 32.26
C ARG H 183 15.03 8.50 32.59
N CYS H 184 13.72 8.34 32.43
CA CYS H 184 12.75 9.36 32.71
C CYS H 184 11.45 8.74 33.19
N ASN H 185 11.04 9.12 34.40
CA ASN H 185 9.79 8.72 34.97
C ASN H 185 9.10 9.96 35.53
N ALA H 186 7.80 9.85 35.82
CA ALA H 186 7.05 10.90 36.45
C ALA H 186 6.42 10.38 37.75
N ILE H 187 6.26 11.27 38.73
CA ILE H 187 5.47 10.95 39.92
C ILE H 187 4.15 11.74 39.89
N ALA H 188 3.06 11.05 40.20
CA ALA H 188 1.75 11.71 40.33
C ALA H 188 1.29 11.74 41.80
N PRO H 189 1.68 12.78 42.55
CA PRO H 189 1.27 12.85 43.97
C PRO H 189 -0.22 13.03 44.18
N GLY H 190 -0.69 12.53 45.32
CA GLY H 190 -2.02 12.90 45.83
C GLY H 190 -1.92 14.26 46.49
N LEU H 191 -2.88 14.63 47.31
CA LEU H 191 -2.76 15.87 48.08
C LEU H 191 -1.55 15.76 49.05
N VAL H 192 -0.77 16.82 49.20
CA VAL H 192 0.40 16.83 50.10
C VAL H 192 0.51 18.13 50.88
N ARG H 193 0.55 18.00 52.20
CA ARG H 193 0.73 19.10 53.15
C ARG H 193 1.90 19.97 52.68
N THR H 194 1.63 21.22 52.37
CA THR H 194 2.66 22.17 51.99
C THR H 194 2.22 23.57 52.40
N PRO H 195 3.15 24.55 52.35
CA PRO H 195 2.74 25.94 52.48
C PRO H 195 1.71 26.37 51.41
N ARG H 196 1.85 25.88 50.17
CA ARG H 196 0.94 26.28 49.07
C ARG H 196 -0.52 25.84 49.30
N LEU H 197 -0.71 24.62 49.82
CA LEU H 197 -2.04 24.07 50.09
C LEU H 197 -2.77 24.89 51.16
N GLU H 198 -2.06 25.16 52.26
CA GLU H 198 -2.59 25.90 53.39
C GLU H 198 -3.41 27.15 52.96
N VAL H 199 -2.79 28.00 52.14
CA VAL H 199 -3.44 29.21 51.60
C VAL H 199 -3.87 28.97 50.15
N GLY H 200 -4.35 27.76 49.84
CA GLY H 200 -4.72 27.39 48.46
C GLY H 200 -6.01 26.59 48.31
N LEU H 201 -6.37 25.86 49.38
CA LEU H 201 -7.68 25.22 49.51
C LEU H 201 -8.11 25.37 50.97
N PRO H 202 -9.41 25.58 51.20
CA PRO H 202 -9.93 25.56 52.57
C PRO H 202 -9.80 24.23 53.27
N GLN H 203 -9.69 24.30 54.59
CA GLN H 203 -9.56 23.12 55.45
C GLN H 203 -10.68 22.06 55.34
N PRO H 204 -11.95 22.48 55.20
CA PRO H 204 -13.00 21.48 55.05
C PRO H 204 -12.89 20.65 53.77
N ILE H 205 -12.22 21.20 52.75
CA ILE H 205 -11.94 20.49 51.50
C ILE H 205 -10.69 19.61 51.61
N VAL H 206 -9.70 20.05 52.39
CA VAL H 206 -8.53 19.21 52.68
C VAL H 206 -8.92 17.99 53.49
N ASP H 207 -9.79 18.17 54.49
CA ASP H 207 -10.29 17.04 55.29
C ASP H 207 -11.05 16.04 54.43
N ILE H 208 -11.83 16.53 53.46
CA ILE H 208 -12.57 15.63 52.60
C ILE H 208 -11.61 14.78 51.79
N PHE H 209 -10.67 15.42 51.11
CA PHE H 209 -9.67 14.71 50.34
C PHE H 209 -8.88 13.72 51.21
N ALA H 210 -8.60 14.11 52.45
CA ALA H 210 -7.75 13.31 53.34
C ALA H 210 -8.38 11.95 53.66
N THR H 211 -9.71 11.90 53.69
CA THR H 211 -10.43 10.67 53.94
C THR H 211 -10.38 9.74 52.72
N HIS H 212 -10.04 10.26 51.53
CA HIS H 212 -9.97 9.47 50.29
C HIS H 212 -8.58 9.04 49.96
N HIS H 213 -7.67 9.37 50.85
CA HIS H 213 -6.33 8.78 50.88
C HIS H 213 -6.40 7.61 51.81
N LEU H 214 -5.78 6.49 51.42
CA LEU H 214 -5.98 5.24 52.17
C LEU H 214 -5.22 5.19 53.53
N ALA H 215 -4.17 6.00 53.69
CA ALA H 215 -3.55 6.24 55.00
C ALA H 215 -4.43 7.11 55.89
N GLY H 216 -5.50 7.67 55.33
CA GLY H 216 -6.42 8.53 56.09
C GLY H 216 -5.84 9.89 56.49
N ARG H 217 -4.81 10.34 55.78
CA ARG H 217 -4.21 11.67 55.98
C ARG H 217 -3.69 12.15 54.64
N ILE H 218 -3.31 13.43 54.52
CA ILE H 218 -2.64 13.89 53.32
C ILE H 218 -1.15 13.51 53.38
N GLY H 219 -0.47 13.66 52.24
CA GLY H 219 0.94 13.28 52.11
C GLY H 219 1.85 14.22 52.87
N GLU H 220 3.05 13.76 53.19
CA GLU H 220 4.10 14.66 53.64
C GLU H 220 5.14 14.84 52.52
N PRO H 221 5.69 16.04 52.42
CA PRO H 221 6.70 16.28 51.41
C PRO H 221 7.76 15.17 51.31
N HIS H 222 8.17 14.61 52.44
CA HIS H 222 9.25 13.62 52.42
C HIS H 222 8.86 12.36 51.71
N GLU H 223 7.57 12.04 51.72
CA GLU H 223 7.08 10.77 51.15
C GLU H 223 7.06 10.82 49.64
N ILE H 224 7.07 12.02 49.08
CA ILE H 224 7.30 12.22 47.64
C ILE H 224 8.82 12.24 47.42
N ALA H 225 9.55 12.94 48.28
CA ALA H 225 11.01 13.09 48.15
C ALA H 225 11.71 11.73 48.01
N GLU H 226 11.32 10.78 48.86
CA GLU H 226 11.89 9.43 48.87
C GLU H 226 11.71 8.70 47.52
N LEU H 227 10.53 8.84 46.90
CA LEU H 227 10.30 8.27 45.58
C LEU H 227 11.20 8.93 44.51
N VAL H 228 11.34 10.26 44.58
CA VAL H 228 12.28 10.95 43.70
C VAL H 228 13.64 10.27 43.86
N CYS H 229 14.11 10.19 45.11
CA CYS H 229 15.41 9.61 45.40
C CYS H 229 15.59 8.26 44.72
N PHE H 230 14.73 7.29 45.06
CA PHE H 230 14.79 5.95 44.48
C PHE H 230 14.81 5.97 42.94
N LEU H 231 13.89 6.72 42.34
CA LEU H 231 13.79 6.76 40.87
C LEU H 231 15.02 7.41 40.21
N ALA H 232 15.64 8.32 40.95
CA ALA H 232 16.83 9.04 40.48
C ALA H 232 18.10 8.20 40.66
N SER H 233 18.02 7.10 41.40
CA SER H 233 19.21 6.25 41.69
C SER H 233 19.37 5.06 40.74
N ASP H 234 20.51 4.37 40.87
CA ASP H 234 20.80 3.17 40.07
C ASP H 234 19.97 1.95 40.44
N ARG H 235 19.25 2.02 41.55
CA ARG H 235 18.36 0.93 41.94
C ARG H 235 17.21 0.82 40.96
N ALA H 236 16.85 1.96 40.37
CA ALA H 236 15.78 2.06 39.37
C ALA H 236 16.32 1.93 37.93
N ALA H 237 17.51 1.37 37.77
CA ALA H 237 18.12 1.17 36.44
C ALA H 237 17.17 0.60 35.38
N PHE H 238 16.20 -0.20 35.80
CA PHE H 238 15.31 -0.87 34.86
C PHE H 238 13.88 -0.33 34.87
N ILE H 239 13.72 0.85 35.47
CA ILE H 239 12.43 1.56 35.53
C ILE H 239 12.57 2.84 34.72
N THR H 240 11.84 2.93 33.61
CA THR H 240 11.82 4.16 32.79
C THR H 240 10.51 4.32 32.04
N GLY H 241 10.20 5.55 31.64
CA GLY H 241 8.97 5.86 30.93
C GLY H 241 7.68 5.61 31.68
N GLN H 242 7.73 5.58 33.01
CA GLN H 242 6.56 5.34 33.85
C GLN H 242 6.08 6.57 34.58
N VAL H 243 4.79 6.57 34.89
CA VAL H 243 4.13 7.52 35.80
C VAL H 243 3.69 6.73 37.07
N ILE H 244 4.34 7.03 38.20
CA ILE H 244 4.16 6.27 39.42
C ILE H 244 3.39 7.16 40.37
N ALA H 245 2.33 6.68 40.98
CA ALA H 245 1.49 7.54 41.80
C ALA H 245 1.90 7.38 43.25
N ALA H 246 2.16 8.51 43.91
CA ALA H 246 2.41 8.58 45.36
C ALA H 246 1.21 9.35 45.93
N ASP H 247 0.10 8.64 46.05
CA ASP H 247 -1.18 9.24 46.43
C ASP H 247 -1.99 8.39 47.40
N SER H 248 -1.37 7.40 48.04
CA SER H 248 -2.05 6.58 49.03
C SER H 248 -3.31 5.97 48.40
N GLY H 249 -3.20 5.59 47.13
CA GLY H 249 -4.27 4.88 46.47
C GLY H 249 -5.51 5.72 46.26
N LEU H 250 -5.35 7.04 46.24
CA LEU H 250 -6.48 7.97 45.97
C LEU H 250 -7.35 7.50 44.83
N LEU H 251 -6.74 6.87 43.81
CA LEU H 251 -7.44 6.43 42.61
C LEU H 251 -7.50 4.91 42.45
N ALA H 252 -7.28 4.15 43.50
CA ALA H 252 -7.37 2.69 43.48
C ALA H 252 -8.67 2.19 44.06
N HIS H 253 -9.39 3.06 44.76
CA HIS H 253 -10.67 2.70 45.41
C HIS H 253 -11.82 3.37 44.71
N LEU H 254 -13.00 2.77 44.82
CA LEU H 254 -14.19 3.36 44.21
C LEU H 254 -14.53 4.68 44.93
N PRO H 255 -15.00 5.69 44.18
CA PRO H 255 -15.53 6.86 44.87
C PRO H 255 -16.76 6.49 45.68
N GLY H 256 -16.97 7.21 46.77
CA GLY H 256 -18.04 6.88 47.68
C GLY H 256 -17.64 5.92 48.78
N LEU H 257 -16.42 5.43 48.78
CA LEU H 257 -16.06 4.39 49.76
C LEU H 257 -16.36 4.83 51.20
N PRO H 258 -15.82 6.00 51.61
CA PRO H 258 -15.94 6.38 53.02
C PRO H 258 -17.39 6.63 53.46
N GLN H 259 -18.23 7.24 52.61
CA GLN H 259 -19.64 7.35 53.00
C GLN H 259 -20.38 5.98 52.90
N ILE H 260 -19.92 5.06 52.06
CA ILE H 260 -20.42 3.68 52.10
C ILE H 260 -20.06 3.01 53.43
N ARG H 261 -18.84 3.25 53.88
CA ARG H 261 -18.35 2.67 55.14
C ARG H 261 -19.03 3.28 56.37
N ALA H 262 -19.38 4.56 56.28
CA ALA H 262 -20.21 5.20 57.31
C ALA H 262 -21.63 4.61 57.32
N SER H 263 -22.11 4.20 56.14
CA SER H 263 -23.45 3.58 56.04
C SER H 263 -23.48 2.19 56.68
N VAL H 264 -22.47 1.38 56.39
CA VAL H 264 -22.32 0.08 57.05
C VAL H 264 -22.04 0.22 58.56
N ALA H 265 -21.53 1.40 58.96
CA ALA H 265 -21.23 1.75 60.36
C ALA H 265 -22.43 2.25 61.19
N GLU H 266 -23.48 2.74 60.52
CA GLU H 266 -24.73 3.18 61.20
C GLU H 266 -25.83 2.12 61.04
#